data_1ALX
# 
_entry.id   1ALX 
# 
_audit_conform.dict_name       mmcif_pdbx.dic 
_audit_conform.dict_version    5.397 
_audit_conform.dict_location   http://mmcif.pdb.org/dictionaries/ascii/mmcif_pdbx.dic 
# 
loop_
_database_2.database_id 
_database_2.database_code 
_database_2.pdbx_database_accession 
_database_2.pdbx_DOI 
PDB   1ALX         pdb_00001alx 10.2210/pdb1alx/pdb 
WWPDB D_1000170980 ?            ?                   
# 
loop_
_pdbx_audit_revision_history.ordinal 
_pdbx_audit_revision_history.data_content_type 
_pdbx_audit_revision_history.major_revision 
_pdbx_audit_revision_history.minor_revision 
_pdbx_audit_revision_history.revision_date 
1  'Structure model' 1 0 1998-03-04 
2  'Structure model' 1 1 2011-06-14 
3  'Structure model' 1 2 2011-07-13 
4  'Structure model' 1 3 2011-07-27 
5  'Structure model' 1 4 2012-12-12 
6  'Structure model' 1 5 2013-02-06 
7  'Structure model' 1 6 2018-04-18 
8  'Structure model' 1 7 2023-08-02 
9  'Structure model' 2 0 2023-11-15 
10 'Structure model' 2 1 2024-10-30 
# 
_pdbx_audit_revision_details.ordinal             1 
_pdbx_audit_revision_details.revision_ordinal    1 
_pdbx_audit_revision_details.data_content_type   'Structure model' 
_pdbx_audit_revision_details.provider            repository 
_pdbx_audit_revision_details.type                'Initial release' 
_pdbx_audit_revision_details.description         ? 
_pdbx_audit_revision_details.details             ? 
# 
loop_
_pdbx_audit_revision_group.ordinal 
_pdbx_audit_revision_group.revision_ordinal 
_pdbx_audit_revision_group.data_content_type 
_pdbx_audit_revision_group.group 
1  2  'Structure model' 'Version format compliance' 
2  3  'Structure model' 'Version format compliance' 
3  4  'Structure model' 'Atomic model'              
4  4  'Structure model' 'Database references'       
5  4  'Structure model' 'Derived calculations'      
6  4  'Structure model' 'Non-polymer description'   
7  4  'Structure model' 'Structure summary'         
8  5  'Structure model' Other                       
9  6  'Structure model' 'Derived calculations'      
10 7  'Structure model' 'Data collection'           
11 7  'Structure model' Other                       
12 8  'Structure model' 'Database references'       
13 8  'Structure model' 'Derived calculations'      
14 8  'Structure model' 'Refinement description'    
15 9  'Structure model' 'Atomic model'              
16 9  'Structure model' 'Data collection'           
17 9  'Structure model' 'Derived calculations'      
18 10 'Structure model' 'Structure summary'         
# 
loop_
_pdbx_audit_revision_category.ordinal 
_pdbx_audit_revision_category.revision_ordinal 
_pdbx_audit_revision_category.data_content_type 
_pdbx_audit_revision_category.category 
1  7  'Structure model' diffrn_detector               
2  7  'Structure model' pdbx_database_status          
3  8  'Structure model' database_2                    
4  8  'Structure model' pdbx_initial_refinement_model 
5  8  'Structure model' struct_conn                   
6  8  'Structure model' struct_ref_seq_dif            
7  9  'Structure model' atom_site                     
8  9  'Structure model' atom_site_anisotrop           
9  9  'Structure model' chem_comp_atom                
10 9  'Structure model' chem_comp_bond                
11 9  'Structure model' struct_conn                   
12 10 'Structure model' pdbx_entry_details            
13 10 'Structure model' pdbx_modification_feature     
# 
loop_
_pdbx_audit_revision_item.ordinal 
_pdbx_audit_revision_item.revision_ordinal 
_pdbx_audit_revision_item.data_content_type 
_pdbx_audit_revision_item.item 
1  7  'Structure model' '_diffrn_detector.detector'                    
2  7  'Structure model' '_pdbx_database_status.process_site'           
3  8  'Structure model' '_database_2.pdbx_DOI'                         
4  8  'Structure model' '_database_2.pdbx_database_accession'          
5  8  'Structure model' '_struct_conn.pdbx_leaving_atom_flag'          
6  8  'Structure model' '_struct_ref_seq_dif.details'                  
7  9  'Structure model' '_atom_site.auth_atom_id'                      
8  9  'Structure model' '_atom_site.label_atom_id'                     
9  9  'Structure model' '_atom_site_anisotrop.pdbx_auth_atom_id'       
10 9  'Structure model' '_atom_site_anisotrop.pdbx_label_atom_id'      
11 9  'Structure model' '_struct_conn.pdbx_leaving_atom_flag'          
12 10 'Structure model' '_pdbx_entry_details.has_protein_modification' 
# 
_pdbx_database_status.status_code                     REL 
_pdbx_database_status.entry_id                        1ALX 
_pdbx_database_status.recvd_initial_deposition_date   1997-06-05 
_pdbx_database_status.deposit_site                    ? 
_pdbx_database_status.process_site                    BNL 
_pdbx_database_status.status_code_sf                  REL 
_pdbx_database_status.status_code_mr                  ? 
_pdbx_database_status.SG_entry                        ? 
_pdbx_database_status.status_code_cs                  ? 
_pdbx_database_status.methods_development_category    ? 
_pdbx_database_status.pdb_format_compatible           Y 
_pdbx_database_status.status_code_nmr_data            ? 
# 
loop_
_pdbx_database_related.db_name 
_pdbx_database_related.db_id 
_pdbx_database_related.content_type 
_pdbx_database_related.details 
PDB 1TK2 unspecified 'CRYSTAL STRUCTURE OF GRAMICIDIN S COMPLEXED WITH ALKALINE PROTEINASE SAVINASE' 
PDB 2XDC unspecified 'CRYSTAL STRUCTURE OF GRAMICIDIN A FROM CRYSTALS GROWN IN A LIPID CUBIC PHASE.' 
PDB 1AV2 unspecified 'CRYSTAL STRUCTURE OF GRAMICIDIN A COMPLEXED WITH CESIUM CHLORIDE' 
PDB 1BDW unspecified 'CRYSTAL STRUCTURE OF GRAMICIDIN A FROM BACILLUS BREVIS' 
PDB 1C4D unspecified 'CRYSTAL STRUCTURE OF GRAMICIDIN A COMPLEXED WITH CESIUM CHLORIDE' 
PDB 1GMK unspecified 'CRYSTAL STRUCTURE OF GRAMICIDIN A COMPLRXED WITH POTASSIUM THIOCYANATE' 
PDB 1GRM unspecified 'SOLUTION STRUCTURE OF THE GRAMICIDIN A' 
PDB 1JNO unspecified 'SOLUTION STRUCTURE OF GRAMICIDIN A IN SODIUM DODECYL SULFATE MICELLES' 
PDB 1KQE unspecified 'SOLUTION STRUCTURE OF A LINKED SHORTENED GRAMICIDIN A IN BENZENE/ACETONE 10:1' 
PDB 1MAG unspecified 'SOLID STATE NMR STRUCTURE OF GRAMICIDIN A IN HYDRATED DMPC BILAYERS,' 
PDB 1MIC unspecified 'SOLUTION STRUCTURE OF GRAMICIDIN A IN METHANOL IN THE PRESENCE OF CACL' 
PDB 1NG8 unspecified 'SOLUTION STRUCTURE OF GRAMICIDIN A (W15G) IN SODIUM DODECYL SULFATE MICELLES' 
PDB 1NRM unspecified 'SOLUTION STRUCTURE OF GRAMICIDIN A IN DODECYL PHOSPHOCHOLINE MICELLES' 
PDB 1NRU unspecified 'SOLUTION STRUCTURE OF GRAMICIDIN A IN DODECYL PHOSPHOCHOLINE MICELLES IN THE PRESENCE OF EXCESS NA+' 
PDB 1NT5 unspecified 'SOLUTION STRUCTURE OF GRAMICIDIN A (V1F) IN SODIUM DODECYL SULFATE MICELLES' 
PDB 1JO3 unspecified 'SOLUTION STRUCTURE OF GRAMICIDIN B IN SODIUM DODECYL SULFATE MICELLES' 
PDB 1JO4 unspecified 'SOLUTION STRUCTURE OF GRAMICIDIN C IN SODIUM DODECYL SULFATE MICELLES' 
PDB 1NT6 unspecified 'SOLUTION STRUCTURE OF F1-GRAMICIDIN C IN SODIUM DODECYL SULFATE MICELLES' 
PDB 1TKQ unspecified 
'SOLUTION STRUCTURE OF A LINKED UNSYMMETRIC GRAMICIDIN A IN A MEMBRANE-ISOELECTRICAL SOLVENTS MIXTURE, IN THE PRESENCE OF CSCL' 
PDB 1W5U unspecified 'CRYSTAL STRUCTURE OF GRAMICIDIN D IN ETHANOL' 
PDB 2IZQ unspecified 'CRYSTAL STRUCTURE OF GRAMICIDIN D COMPLEX WITH KI IN METHANOL' 
PDB 3L8L unspecified 'CRYSTAL STRUCTURE OF GRAMICIDIN D COMPLEX WITH NAI' 
PDB 1AL4 unspecified 'CRYSTAL STRUCTURE OF GRAMICIDIN D IN N-PROPANOL' 
PDB 1ALZ unspecified 'CRYSTAL STRUCTURE OF GRAMICIDIN D IN ETHANOL' 
# 
loop_
_audit_author.name 
_audit_author.pdbx_ordinal 
'Burkhart, B.M.' 1 
'Langs, D.A.'    2 
'Smith, G.D.'    3 
'Courseille, C.' 4 
'Precigoux, G.'  5 
'Hospital, M.'   6 
'Pangborn, W.A.' 7 
'Duax, W.L.'     8 
# 
loop_
_citation.id 
_citation.title 
_citation.journal_abbrev 
_citation.journal_volume 
_citation.page_first 
_citation.page_last 
_citation.year 
_citation.journal_id_ASTM 
_citation.country 
_citation.journal_id_ISSN 
_citation.journal_id_CSD 
_citation.book_publisher 
_citation.pdbx_database_id_PubMed 
_citation.pdbx_database_id_DOI 
primary 'Heterodimer Formation and Crystal Nucleation of Gramicidin D' Biophys.J.             75 2135 ? 1998 BIOJAU US 0006-3495 
0030 ? 9788907 '10.1016/S0006-3495(98)77656-8' 
1       
;Monoclinic Uncomplexed Double-Stranded, Antiparallel, Left-Handed Beta 5.6-Helix (Increases Decreases Beta 5.6) Structure of Gramicidin A: Alternate Patterns of Helical Association and Deformation
;
Proc.Natl.Acad.Sci.USA 88 5345 ? 1991 PNASA6 US 0027-8424 0040 ? 1711230 10.1073/PNAS.88.12.5345         
# 
loop_
_citation_author.citation_id 
_citation_author.name 
_citation_author.ordinal 
_citation_author.identifier_ORCID 
primary 'Burkhart, B.M.' 1  ? 
primary 'Gassman, R.M.'  2  ? 
primary 'Langs, D.A.'    3  ? 
primary 'Pangborn, W.A.' 4  ? 
primary 'Duax, W.L.'     5  ? 
1       'Langs, D.A.'    6  ? 
1       'Smith, G.D.'    7  ? 
1       'Courseille, C.' 8  ? 
1       'Precigoux, G.'  9  ? 
1       'Hospital, M.'   10 ? 
# 
loop_
_entity.id 
_entity.type 
_entity.src_method 
_entity.pdbx_description 
_entity.formula_weight 
_entity.pdbx_number_of_molecules 
_entity.pdbx_ec 
_entity.pdbx_mutation 
_entity.pdbx_fragment 
_entity.details 
1 polymer     nat 'GRAMICIDIN A' 1859.258 1  ? ? ? ? 
2 polymer     nat 'GRAMICIDIN A' 1882.294 1  ? ? ? ? 
3 non-polymer syn METHANOL       32.042   20 ? ? ? ? 
# 
loop_
_entity_name_com.entity_id 
_entity_name_com.name 
1 'VALYL GRAMICIDIN' 
2 'VALYL GRAMICIDIN' 
# 
loop_
_entity_poly.entity_id 
_entity_poly.type 
_entity_poly.nstd_linkage 
_entity_poly.nstd_monomer 
_entity_poly.pdbx_seq_one_letter_code 
_entity_poly.pdbx_seq_one_letter_code_can 
_entity_poly.pdbx_strand_id 
_entity_poly.pdbx_target_identifier 
1 'polypeptide(L)' no yes '(FVA)GA(DLE)A(DVA)V(DVA)W(DLE)Y(DLE)W(DLE)W(ETA)' VGALAVVVWLYLWLWX A ? 
2 'polypeptide(L)' no yes '(FVA)GA(DLE)A(DVA)V(DVA)W(DLE)W(DLE)W(DLE)W(ETA)' VGALAVVVWLWLWLWX B ? 
# 
_pdbx_entity_nonpoly.entity_id   3 
_pdbx_entity_nonpoly.name        METHANOL 
_pdbx_entity_nonpoly.comp_id     MOH 
# 
loop_
_entity_poly_seq.entity_id 
_entity_poly_seq.num 
_entity_poly_seq.mon_id 
_entity_poly_seq.hetero 
1 1  FVA n 
1 2  GLY n 
1 3  ALA n 
1 4  DLE n 
1 5  ALA n 
1 6  DVA n 
1 7  VAL n 
1 8  DVA n 
1 9  TRP n 
1 10 DLE n 
1 11 TYR y 
1 11 TRP y 
1 12 DLE n 
1 13 TRP n 
1 14 DLE n 
1 15 TRP n 
1 16 ETA n 
2 1  FVA n 
2 2  GLY n 
2 3  ALA n 
2 4  DLE n 
2 5  ALA n 
2 6  DVA n 
2 7  VAL n 
2 8  DVA n 
2 9  TRP n 
2 10 DLE n 
2 11 TRP n 
2 12 DLE n 
2 13 TRP n 
2 14 DLE n 
2 15 TRP n 
2 16 ETA n 
# 
loop_
_entity_src_nat.entity_id 
_entity_src_nat.pdbx_src_id 
_entity_src_nat.pdbx_alt_source_flag 
_entity_src_nat.pdbx_beg_seq_num 
_entity_src_nat.pdbx_end_seq_num 
_entity_src_nat.common_name 
_entity_src_nat.pdbx_organism_scientific 
_entity_src_nat.pdbx_ncbi_taxonomy_id 
_entity_src_nat.genus 
_entity_src_nat.species 
_entity_src_nat.strain 
_entity_src_nat.tissue 
_entity_src_nat.tissue_fraction 
_entity_src_nat.pdbx_secretion 
_entity_src_nat.pdbx_fragment 
_entity_src_nat.pdbx_variant 
_entity_src_nat.pdbx_cell_line 
_entity_src_nat.pdbx_atcc 
_entity_src_nat.pdbx_cellular_location 
_entity_src_nat.pdbx_organ 
_entity_src_nat.pdbx_organelle 
_entity_src_nat.pdbx_cell 
_entity_src_nat.pdbx_plasmid_name 
_entity_src_nat.pdbx_plasmid_details 
_entity_src_nat.details 
1 1 sample ? ? ? 'BREVIBACILLUS BREVIS' 1393 ? ? ? ? ? ? ? ? ? ? ? ? ? ? ? ? ? 
2 1 sample ? ? ? 'BREVIBACILLUS BREVIS' 1393 ? ? ? ? ? ? ? ? ? ? ? ? ? ? ? ? ? 
# 
loop_
_chem_comp.id 
_chem_comp.type 
_chem_comp.mon_nstd_flag 
_chem_comp.name 
_chem_comp.pdbx_synonyms 
_chem_comp.formula 
_chem_comp.formula_weight 
ALA 'L-peptide linking'               y ALANINE           ? 'C3 H7 N O2'    89.093  
DLE 'D-peptide linking'               . D-LEUCINE         ? 'C6 H13 N O2'   131.173 
DVA 'D-peptide linking'               . D-VALINE          ? 'C5 H11 N O2'   117.146 
ETA 'L-peptide COOH carboxy terminus' . ETHANOLAMINE      ? 'C2 H7 N O'     61.083  
FVA 'L-peptide linking'               n N-formyl-L-valine ? 'C6 H11 N O3'   145.156 
GLY 'peptide linking'                 y GLYCINE           ? 'C2 H5 N O2'    75.067  
MOH non-polymer                       . METHANOL          ? 'C H4 O'        32.042  
TRP 'L-peptide linking'               y TRYPTOPHAN        ? 'C11 H12 N2 O2' 204.225 
TYR 'L-peptide linking'               y TYROSINE          ? 'C9 H11 N O3'   181.189 
VAL 'L-peptide linking'               y VALINE            ? 'C5 H11 N O2'   117.146 
# 
loop_
_pdbx_poly_seq_scheme.asym_id 
_pdbx_poly_seq_scheme.entity_id 
_pdbx_poly_seq_scheme.seq_id 
_pdbx_poly_seq_scheme.mon_id 
_pdbx_poly_seq_scheme.ndb_seq_num 
_pdbx_poly_seq_scheme.pdb_seq_num 
_pdbx_poly_seq_scheme.auth_seq_num 
_pdbx_poly_seq_scheme.pdb_mon_id 
_pdbx_poly_seq_scheme.auth_mon_id 
_pdbx_poly_seq_scheme.pdb_strand_id 
_pdbx_poly_seq_scheme.pdb_ins_code 
_pdbx_poly_seq_scheme.hetero 
A 1 1  FVA 1  1  1  FVA FVA A . n 
A 1 2  GLY 2  2  2  GLY GLY A . n 
A 1 3  ALA 3  3  3  ALA ALA A . n 
A 1 4  DLE 4  4  4  DLE DLE A . n 
A 1 5  ALA 5  5  5  ALA ALA A . n 
A 1 6  DVA 6  6  6  DVA DVA A . n 
A 1 7  VAL 7  7  7  VAL VAL A . n 
A 1 8  DVA 8  8  8  DVA DVA A . n 
A 1 9  TRP 9  9  9  TRP TRP A . n 
A 1 10 DLE 10 10 10 DLE DLE A . n 
A 1 11 TYR 11 11 11 TYR TYR A . y 
A 1 11 TRP 11 11 11 TRP TRP A . y 
A 1 12 DLE 12 12 12 DLE DLE A . n 
A 1 13 TRP 13 13 13 TRP TRP A . n 
A 1 14 DLE 14 14 14 DLE DLE A . n 
A 1 15 TRP 15 15 15 TRP TRP A . n 
A 1 16 ETA 16 16 16 ETA ETA A . n 
B 2 1  FVA 1  1  1  FVA FVA B . n 
B 2 2  GLY 2  2  2  GLY GLY B . n 
B 2 3  ALA 3  3  3  ALA ALA B . n 
B 2 4  DLE 4  4  4  DLE DLE B . n 
B 2 5  ALA 5  5  5  ALA ALA B . n 
B 2 6  DVA 6  6  6  DVA DVA B . n 
B 2 7  VAL 7  7  7  VAL VAL B . n 
B 2 8  DVA 8  8  8  DVA DVA B . n 
B 2 9  TRP 9  9  9  TRP TRP B . n 
B 2 10 DLE 10 10 10 DLE DLE B . n 
B 2 11 TRP 11 11 11 TRP TRP B . n 
B 2 12 DLE 12 12 12 DLE DLE B . n 
B 2 13 TRP 13 13 13 TRP TRP B . n 
B 2 14 DLE 14 14 14 DLE DLE B . n 
B 2 15 TRP 15 15 15 TRP TRP B . n 
B 2 16 ETA 16 16 16 ETA ETA B . n 
# 
loop_
_pdbx_nonpoly_scheme.asym_id 
_pdbx_nonpoly_scheme.entity_id 
_pdbx_nonpoly_scheme.mon_id 
_pdbx_nonpoly_scheme.ndb_seq_num 
_pdbx_nonpoly_scheme.pdb_seq_num 
_pdbx_nonpoly_scheme.auth_seq_num 
_pdbx_nonpoly_scheme.pdb_mon_id 
_pdbx_nonpoly_scheme.auth_mon_id 
_pdbx_nonpoly_scheme.pdb_strand_id 
_pdbx_nonpoly_scheme.pdb_ins_code 
C 3 MOH 1 501 501 MOH MOH A . 
D 3 MOH 1 502 502 MOH MOH A . 
E 3 MOH 1 505 505 MOH MOH A . 
F 3 MOH 1 506 506 MOH MOH A . 
G 3 MOH 1 508 508 MOH MOH A . 
H 3 MOH 1 515 515 MOH MOH A . 
I 3 MOH 1 516 516 MOH MOH A . 
J 3 MOH 1 518 518 MOH MOH A . 
K 3 MOH 1 519 519 MOH MOH A . 
L 3 MOH 1 503 503 MOH MOH B . 
M 3 MOH 1 504 504 MOH MOH B . 
N 3 MOH 1 507 507 MOH MOH B . 
O 3 MOH 1 509 509 MOH MOH B . 
P 3 MOH 1 510 510 MOH MOH B . 
Q 3 MOH 1 511 511 MOH MOH B . 
R 3 MOH 1 512 512 MOH MOH B . 
S 3 MOH 1 513 513 MOH MOH B . 
T 3 MOH 1 514 514 MOH MOH B . 
U 3 MOH 1 517 517 MOH MOH B . 
V 3 MOH 1 520 520 MOH MOH B . 
# 
loop_
_software.name 
_software.classification 
_software.version 
_software.citation_id 
_software.pdbx_ordinal 
SHELXL-97    'model building' . ? 1 
SHELXL-97    refinement       . ? 2 
ENRAF-NONIUS 'data reduction' . ? 3 
SHELXL-97    phasing          . ? 4 
# 
_cell.entry_id           1ALX 
_cell.length_a           14.907 
_cell.length_b           26.014 
_cell.length_c           31.911 
_cell.angle_alpha        90.00 
_cell.angle_beta         92.03 
_cell.angle_gamma        90.00 
_cell.Z_PDB              2 
_cell.pdbx_unique_axis   ? 
_cell.length_a_esd       ? 
_cell.length_b_esd       ? 
_cell.length_c_esd       ? 
_cell.angle_alpha_esd    ? 
_cell.angle_beta_esd     ? 
_cell.angle_gamma_esd    ? 
# 
_symmetry.entry_id                         1ALX 
_symmetry.space_group_name_H-M             'P 1 21 1' 
_symmetry.pdbx_full_space_group_name_H-M   ? 
_symmetry.cell_setting                     ? 
_symmetry.Int_Tables_number                4 
_symmetry.space_group_name_Hall            ? 
# 
_exptl.entry_id          1ALX 
_exptl.method            'X-RAY DIFFRACTION' 
_exptl.crystals_number   1 
# 
_exptl_crystal.id                    1 
_exptl_crystal.density_meas          ? 
_exptl_crystal.density_Matthews      1.65 
_exptl_crystal.density_percent_sol   25.57 
_exptl_crystal.description           ? 
_exptl_crystal.F_000                 ? 
_exptl_crystal.preparation           ? 
# 
_exptl_crystal_grow.crystal_id      1 
_exptl_crystal_grow.method          ? 
_exptl_crystal_grow.temp            ? 
_exptl_crystal_grow.temp_details    ? 
_exptl_crystal_grow.pH              7.0 
_exptl_crystal_grow.pdbx_pH_range   ? 
_exptl_crystal_grow.pdbx_details    
'CRYSTALLIZED BY BATCH METHODS FROM A SATURATED SOLUTION OF GRAMICIDIN D IN METHANOL., PH 7.0, BATCH METHOD' 
# 
_diffrn.id                     1 
_diffrn.ambient_temp           120 
_diffrn.ambient_temp_details   ? 
_diffrn.crystal_id             1 
# 
_diffrn_detector.diffrn_id              1 
_diffrn_detector.detector               DIFFRACTOMETER 
_diffrn_detector.type                   'ENRAF-NONIUS FAST' 
_diffrn_detector.pdbx_collection_date   1990-01 
_diffrn_detector.details                COLLIMATOR 
# 
_diffrn_radiation.diffrn_id                        1 
_diffrn_radiation.wavelength_id                    1 
_diffrn_radiation.pdbx_monochromatic_or_laue_m_l   M 
_diffrn_radiation.monochromator                    'GRAPHITE(002)' 
_diffrn_radiation.pdbx_diffrn_protocol             ? 
_diffrn_radiation.pdbx_scattering_type             x-ray 
# 
_diffrn_radiation_wavelength.id           1 
_diffrn_radiation_wavelength.wavelength   1.5418 
_diffrn_radiation_wavelength.wt           1.0 
# 
_diffrn_source.diffrn_id                   1 
_diffrn_source.source                      'ROTATING ANODE' 
_diffrn_source.type                        'RIGAKU RUH2R' 
_diffrn_source.pdbx_synchrotron_site       ? 
_diffrn_source.pdbx_synchrotron_beamline   ? 
_diffrn_source.pdbx_wavelength             1.5418 
_diffrn_source.pdbx_wavelength_list        ? 
# 
_reflns.pdbx_diffrn_id               1 
_reflns.pdbx_ordinal                 1 
_reflns.entry_id                     1ALX 
_reflns.observed_criterion_sigma_I   -3.000 
_reflns.observed_criterion_sigma_F   ? 
_reflns.d_resolution_low             100.000 
_reflns.d_resolution_high            1.250 
_reflns.number_obs                   7726 
_reflns.number_all                   ? 
_reflns.percent_possible_obs         99.9 
_reflns.pdbx_Rmerge_I_obs            ? 
_reflns.pdbx_Rsym_value              ? 
_reflns.pdbx_netI_over_sigmaI        85.4100 
_reflns.B_iso_Wilson_estimate        ? 
_reflns.pdbx_redundancy              1.000 
_reflns.R_free_details               ? 
_reflns.limit_h_max                  ? 
_reflns.limit_h_min                  ? 
_reflns.limit_k_max                  ? 
_reflns.limit_k_min                  ? 
_reflns.limit_l_max                  ? 
_reflns.limit_l_min                  ? 
_reflns.observed_criterion_F_max     ? 
_reflns.observed_criterion_F_min     ? 
_reflns.pdbx_chi_squared             ? 
_reflns.pdbx_scaling_rejects         ? 
# 
_reflns_shell.pdbx_diffrn_id         1 
_reflns_shell.pdbx_ordinal           1 
_reflns_shell.d_res_high             1.20 
_reflns_shell.d_res_low              1.24 
_reflns_shell.percent_possible_all   99.0 
_reflns_shell.Rmerge_I_obs           ? 
_reflns_shell.pdbx_Rsym_value        ? 
_reflns_shell.meanI_over_sigI_obs    35.530 
_reflns_shell.pdbx_redundancy        1.00 
_reflns_shell.percent_possible_obs   ? 
_reflns_shell.number_unique_all      ? 
_reflns_shell.number_measured_all    ? 
_reflns_shell.number_measured_obs    ? 
_reflns_shell.number_unique_obs      ? 
_reflns_shell.pdbx_chi_squared       ? 
# 
_refine.pdbx_refine_id                           'X-RAY DIFFRACTION' 
_refine.entry_id                                 1ALX 
_refine.pdbx_diffrn_id                           1 
_refine.pdbx_TLS_residual_ADP_flag               ? 
_refine.ls_number_reflns_obs                     ? 
_refine.ls_number_reflns_all                     7726 
_refine.pdbx_ls_sigma_I                          ? 
_refine.pdbx_ls_sigma_F                          0.000 
_refine.pdbx_data_cutoff_high_absF               ? 
_refine.pdbx_data_cutoff_low_absF                ? 
_refine.pdbx_data_cutoff_high_rms_absF           ? 
_refine.ls_d_res_low                             100.00 
_refine.ls_d_res_high                            1.20 
_refine.ls_percent_reflns_obs                    99.9 
_refine.ls_R_factor_obs                          0.100 
_refine.ls_R_factor_all                          0.102 
_refine.ls_R_factor_R_work                       ? 
_refine.ls_R_factor_R_free                       0.168 
_refine.ls_R_factor_R_free_error                 ? 
_refine.ls_R_factor_R_free_error_details         ? 
_refine.ls_percent_reflns_R_free                 5.000 
_refine.ls_number_reflns_R_free                  376 
_refine.ls_number_parameters                     3422 
_refine.ls_number_restraints                     5704 
_refine.occupancy_min                            ? 
_refine.occupancy_max                            ? 
_refine.correlation_coeff_Fo_to_Fc               ? 
_refine.correlation_coeff_Fo_to_Fc_free          ? 
_refine.B_iso_mean                               ? 
_refine.aniso_B[1][1]                            ? 
_refine.aniso_B[2][2]                            ? 
_refine.aniso_B[3][3]                            ? 
_refine.aniso_B[1][2]                            ? 
_refine.aniso_B[1][3]                            ? 
_refine.aniso_B[2][3]                            ? 
_refine.solvent_model_details                    'MOEWS & KRETSINGER (G = 0.12792 U = 0.82322)' 
_refine.solvent_model_param_ksol                 ? 
_refine.solvent_model_param_bsol                 ? 
_refine.pdbx_solvent_vdw_probe_radii             ? 
_refine.pdbx_solvent_ion_probe_radii             ? 
_refine.pdbx_solvent_shrinkage_radii             ? 
_refine.pdbx_ls_cross_valid_method               'FREE R-VALUE' 
_refine.details                                  ? 
_refine.pdbx_starting_model                      'PDB ENTRY 1GMA' 
_refine.pdbx_method_to_determine_struct          'MOLECULAR REPLACEMENT' 
_refine.pdbx_isotropic_thermal_model             ? 
_refine.pdbx_stereochemistry_target_values       'ENGH AND HUBER' 
_refine.pdbx_stereochem_target_val_spec_case     'MODIFIED ENGH AND HUBER FOR ETHANOLAMINE BASED ON SERINE' 
_refine.pdbx_R_Free_selection_details            '5% OF REFLECTIONS IN THIN RESOLUTION SHELLS.' 
_refine.pdbx_overall_ESU_R                       ? 
_refine.pdbx_overall_ESU_R_Free                  ? 
_refine.overall_SU_ML                            ? 
_refine.pdbx_overall_phase_error                 ? 
_refine.overall_SU_B                             ? 
_refine.overall_SU_R_Cruickshank_DPI             ? 
_refine.pdbx_overall_SU_R_free_Cruickshank_DPI   ? 
_refine.pdbx_overall_SU_R_Blow_DPI               ? 
_refine.pdbx_overall_SU_R_free_Blow_DPI          ? 
_refine.ls_redundancy_reflns_obs                 ? 
_refine.B_iso_min                                ? 
_refine.B_iso_max                                ? 
_refine.overall_SU_R_free                        ? 
_refine.ls_wR_factor_R_free                      ? 
_refine.ls_wR_factor_R_work                      ? 
_refine.overall_FOM_free_R_set                   ? 
_refine.overall_FOM_work_R_set                   ? 
# 
_refine_analyze.pdbx_refine_id                  'X-RAY DIFFRACTION' 
_refine_analyze.entry_id                        1ALX 
_refine_analyze.Luzzati_coordinate_error_obs    ? 
_refine_analyze.Luzzati_sigma_a_obs             ? 
_refine_analyze.Luzzati_d_res_low_obs           ? 
_refine_analyze.Luzzati_coordinate_error_free   ? 
_refine_analyze.Luzzati_sigma_a_free            ? 
_refine_analyze.Luzzati_d_res_low_free          ? 
_refine_analyze.number_disordered_residues      5 
_refine_analyze.occupancy_sum_hydrogen          367.54 
_refine_analyze.occupancy_sum_non_hydrogen      315.41 
_refine_analyze.pdbx_Luzzati_d_res_high_obs     ? 
# 
_refine_hist.pdbx_refine_id                   'X-RAY DIFFRACTION' 
_refine_hist.cycle_id                         LAST 
_refine_hist.pdbx_number_atoms_protein        284 
_refine_hist.pdbx_number_atoms_nucleic_acid   0 
_refine_hist.pdbx_number_atoms_ligand         40 
_refine_hist.number_atoms_solvent             0 
_refine_hist.number_atoms_total               324 
_refine_hist.d_res_high                       1.20 
_refine_hist.d_res_low                        100.00 
# 
loop_
_refine_ls_restr.type 
_refine_ls_restr.dev_ideal 
_refine_ls_restr.dev_ideal_target 
_refine_ls_restr.weight 
_refine_ls_restr.number 
_refine_ls_restr.pdbx_refine_id 
_refine_ls_restr.pdbx_restraint_function 
s_bond_d               0.014 ? ? ? 'X-RAY DIFFRACTION' ? 
s_angle_d              0.031 ? ? ? 'X-RAY DIFFRACTION' ? 
s_similar_dist         ?     ? ? ? 'X-RAY DIFFRACTION' ? 
s_from_restr_planes    0.326 ? ? ? 'X-RAY DIFFRACTION' ? 
s_zero_chiral_vol      0.167 ? ? ? 'X-RAY DIFFRACTION' ? 
s_non_zero_chiral_vol  0.119 ? ? ? 'X-RAY DIFFRACTION' ? 
s_anti_bump_dis_restr  ?     ? ? ? 'X-RAY DIFFRACTION' ? 
s_rigid_bond_adp_cmpnt 0.006 ? ? ? 'X-RAY DIFFRACTION' ? 
s_similar_adp_cmpnt    0.033 ? ? ? 'X-RAY DIFFRACTION' ? 
s_approx_iso_adps      0.045 ? ? ? 'X-RAY DIFFRACTION' ? 
# 
_pdbx_refine.pdbx_refine_id                              'X-RAY DIFFRACTION' 
_pdbx_refine.entry_id                                    1ALX 
_pdbx_refine.R_factor_all_no_cutoff                      0.102 
_pdbx_refine.R_factor_obs_no_cutoff                      0.100 
_pdbx_refine.free_R_factor_no_cutoff                     0.168 
_pdbx_refine.free_R_error_no_cutoff                      ? 
_pdbx_refine.free_R_val_test_set_size_perc_no_cutoff     5.000 
_pdbx_refine.free_R_val_test_set_ct_no_cutoff            376 
_pdbx_refine.R_factor_all_4sig_cutoff                    0.102 
_pdbx_refine.R_factor_obs_4sig_cutoff                    0.100 
_pdbx_refine.free_R_factor_4sig_cutoff                   0.168 
_pdbx_refine.free_R_val_test_set_size_perc_4sig_cutoff   5.000 
_pdbx_refine.free_R_val_test_set_ct_4sig_cutoff          376 
_pdbx_refine.number_reflns_obs_4sig_cutoff               7726 
# 
_struct_ncs_oper.id             1 
_struct_ncs_oper.code           given 
_struct_ncs_oper.details        ? 
_struct_ncs_oper.matrix[1][1]   0.47567752 
_struct_ncs_oper.matrix[1][2]   -0.84613414 
_struct_ncs_oper.matrix[1][3]   0.24039134 
_struct_ncs_oper.matrix[2][1]   -0.84147320 
_struct_ncs_oper.matrix[2][2]   -0.51733902 
_struct_ncs_oper.matrix[2][3]   -0.15584366 
_struct_ncs_oper.matrix[3][1]   0.25622789 
_struct_ncs_oper.matrix[3][2]   -0.12814634 
_struct_ncs_oper.matrix[3][3]   -0.95808850 
_struct_ncs_oper.vector[1]      0.00283 
_struct_ncs_oper.vector[2]      0.20633 
_struct_ncs_oper.vector[3]      0.22044 
# 
_struct.entry_id                  1ALX 
_struct.title                     'GRAMICIDIN D FROM BACILLUS BREVIS (METHANOL SOLVATE)' 
_struct.pdbx_model_details        ? 
_struct.pdbx_CASP_flag            ? 
_struct.pdbx_model_type_details   ? 
# 
_struct_keywords.entry_id        1ALX 
_struct_keywords.pdbx_keywords   ANTIBIOTIC 
_struct_keywords.text            
'ANTIBIOTIC, GRAMICIDIN, ANTIFUNGAL, ANTIBACTERIAL, ABTIBIOTIC, MEMBRANE ION CHANNEL, LINEAR GRAMICIDIN' 
# 
loop_
_struct_asym.id 
_struct_asym.pdbx_blank_PDB_chainid_flag 
_struct_asym.pdbx_modified 
_struct_asym.entity_id 
_struct_asym.details 
A N N 1 ? 
B N N 2 ? 
C N N 3 ? 
D N N 3 ? 
E N N 3 ? 
F N N 3 ? 
G N N 3 ? 
H N N 3 ? 
I N N 3 ? 
J N N 3 ? 
K N N 3 ? 
L N N 3 ? 
M N N 3 ? 
N N N 3 ? 
O N N 3 ? 
P N N 3 ? 
Q N N 3 ? 
R N N 3 ? 
S N N 3 ? 
T N N 3 ? 
U N N 3 ? 
V N N 3 ? 
# 
loop_
_struct_ref.id 
_struct_ref.db_name 
_struct_ref.db_code 
_struct_ref.entity_id 
_struct_ref.pdbx_seq_one_letter_code 
_struct_ref.pdbx_align_begin 
_struct_ref.pdbx_db_accession 
_struct_ref.pdbx_db_isoform 
1 NOR NOR00243 1 ? ? NOR00243 ? 
2 NOR NOR00243 2 ? ? NOR00243 ? 
# 
loop_
_struct_ref_seq.align_id 
_struct_ref_seq.ref_id 
_struct_ref_seq.pdbx_PDB_id_code 
_struct_ref_seq.pdbx_strand_id 
_struct_ref_seq.seq_align_beg 
_struct_ref_seq.pdbx_seq_align_beg_ins_code 
_struct_ref_seq.seq_align_end 
_struct_ref_seq.pdbx_seq_align_end_ins_code 
_struct_ref_seq.pdbx_db_accession 
_struct_ref_seq.db_align_beg 
_struct_ref_seq.pdbx_db_align_beg_ins_code 
_struct_ref_seq.db_align_end 
_struct_ref_seq.pdbx_db_align_end_ins_code 
_struct_ref_seq.pdbx_auth_seq_align_beg 
_struct_ref_seq.pdbx_auth_seq_align_end 
1 1 1ALX A 1 ? 16 ? NOR00243 1 ? 16 ? 1 16 
2 2 1ALX B 1 ? 16 ? NOR00243 1 ? 16 ? 1 16 
# 
_struct_ref_seq_dif.align_id                     1 
_struct_ref_seq_dif.pdbx_pdb_id_code             1ALX 
_struct_ref_seq_dif.mon_id                       TYR 
_struct_ref_seq_dif.pdbx_pdb_strand_id           A 
_struct_ref_seq_dif.seq_num                      11 
_struct_ref_seq_dif.pdbx_pdb_ins_code            ? 
_struct_ref_seq_dif.pdbx_seq_db_name             NOR 
_struct_ref_seq_dif.pdbx_seq_db_accession_code   NOR00243 
_struct_ref_seq_dif.db_mon_id                    TRP 
_struct_ref_seq_dif.pdbx_seq_db_seq_num          11 
_struct_ref_seq_dif.details                      microheterogeneity 
_struct_ref_seq_dif.pdbx_auth_seq_num            11 
_struct_ref_seq_dif.pdbx_ordinal                 1 
# 
_pdbx_struct_assembly.id                   1 
_pdbx_struct_assembly.details              author_defined_assembly 
_pdbx_struct_assembly.method_details       ? 
_pdbx_struct_assembly.oligomeric_details   dimeric 
_pdbx_struct_assembly.oligomeric_count     2 
# 
_pdbx_struct_assembly_gen.assembly_id       1 
_pdbx_struct_assembly_gen.oper_expression   1 
_pdbx_struct_assembly_gen.asym_id_list      A,B,C,D,E,F,G,H,I,J,K,L,M,N,O,P,Q,R,S,T,U,V 
# 
_pdbx_struct_oper_list.id                   1 
_pdbx_struct_oper_list.type                 'identity operation' 
_pdbx_struct_oper_list.name                 1_555 
_pdbx_struct_oper_list.symmetry_operation   x,y,z 
_pdbx_struct_oper_list.matrix[1][1]         1.0000000000 
_pdbx_struct_oper_list.matrix[1][2]         0.0000000000 
_pdbx_struct_oper_list.matrix[1][3]         0.0000000000 
_pdbx_struct_oper_list.vector[1]            0.0000000000 
_pdbx_struct_oper_list.matrix[2][1]         0.0000000000 
_pdbx_struct_oper_list.matrix[2][2]         1.0000000000 
_pdbx_struct_oper_list.matrix[2][3]         0.0000000000 
_pdbx_struct_oper_list.vector[2]            0.0000000000 
_pdbx_struct_oper_list.matrix[3][1]         0.0000000000 
_pdbx_struct_oper_list.matrix[3][2]         0.0000000000 
_pdbx_struct_oper_list.matrix[3][3]         1.0000000000 
_pdbx_struct_oper_list.vector[3]            0.0000000000 
# 
_struct_biol.id        1 
_struct_biol.details   ? 
# 
loop_
_struct_conn.id 
_struct_conn.conn_type_id 
_struct_conn.pdbx_leaving_atom_flag 
_struct_conn.pdbx_PDB_id 
_struct_conn.ptnr1_label_asym_id 
_struct_conn.ptnr1_label_comp_id 
_struct_conn.ptnr1_label_seq_id 
_struct_conn.ptnr1_label_atom_id 
_struct_conn.pdbx_ptnr1_label_alt_id 
_struct_conn.pdbx_ptnr1_PDB_ins_code 
_struct_conn.pdbx_ptnr1_standard_comp_id 
_struct_conn.ptnr1_symmetry 
_struct_conn.ptnr2_label_asym_id 
_struct_conn.ptnr2_label_comp_id 
_struct_conn.ptnr2_label_seq_id 
_struct_conn.ptnr2_label_atom_id 
_struct_conn.pdbx_ptnr2_label_alt_id 
_struct_conn.pdbx_ptnr2_PDB_ins_code 
_struct_conn.ptnr1_auth_asym_id 
_struct_conn.ptnr1_auth_comp_id 
_struct_conn.ptnr1_auth_seq_id 
_struct_conn.ptnr2_auth_asym_id 
_struct_conn.ptnr2_auth_comp_id 
_struct_conn.ptnr2_auth_seq_id 
_struct_conn.ptnr2_symmetry 
_struct_conn.pdbx_ptnr3_label_atom_id 
_struct_conn.pdbx_ptnr3_label_seq_id 
_struct_conn.pdbx_ptnr3_label_comp_id 
_struct_conn.pdbx_ptnr3_label_asym_id 
_struct_conn.pdbx_ptnr3_label_alt_id 
_struct_conn.pdbx_ptnr3_PDB_ins_code 
_struct_conn.details 
_struct_conn.pdbx_dist_value 
_struct_conn.pdbx_value_order 
_struct_conn.pdbx_role 
covale1  covale both ? A FVA 1  C ? ? ? 1_555 A GLY 2  N ? ? A FVA 1  A GLY 2  1_555 ? ? ? ? ? ? ? 1.295 ? ? 
covale2  covale both ? A ALA 3  C ? ? ? 1_555 A DLE 4  N ? ? A ALA 3  A DLE 4  1_555 ? ? ? ? ? ? ? 1.316 ? ? 
covale3  covale both ? A DLE 4  C ? ? ? 1_555 A ALA 5  N ? ? A DLE 4  A ALA 5  1_555 ? ? ? ? ? ? ? 1.318 ? ? 
covale4  covale both ? A ALA 5  C ? ? ? 1_555 A DVA 6  N ? ? A ALA 5  A DVA 6  1_555 ? ? ? ? ? ? ? 1.322 ? ? 
covale5  covale both ? A DVA 6  C ? ? ? 1_555 A VAL 7  N ? ? A DVA 6  A VAL 7  1_555 ? ? ? ? ? ? ? 1.303 ? ? 
covale6  covale both ? A VAL 7  C ? ? ? 1_555 A DVA 8  N ? ? A VAL 7  A DVA 8  1_555 ? ? ? ? ? ? ? 1.316 ? ? 
covale7  covale both ? A DVA 8  C ? ? ? 1_555 A TRP 9  N ? ? A DVA 8  A TRP 9  1_555 ? ? ? ? ? ? ? 1.346 ? ? 
covale8  covale both ? A TRP 9  C ? ? ? 1_555 A DLE 10 N ? ? A TRP 9  A DLE 10 1_555 ? ? ? ? ? ? ? 1.327 ? ? 
covale9  covale both ? A DLE 10 C ? ? ? 1_555 A TRP 11 N B ? A DLE 10 A TRP 11 1_555 ? ? ? ? ? ? ? 1.345 ? ? 
covale10 covale both ? A DLE 10 C ? ? ? 1_555 A TYR 11 N A ? A DLE 10 A TYR 11 1_555 ? ? ? ? ? ? ? 1.345 ? ? 
covale11 covale both ? A TYR 11 C A ? ? 1_555 A DLE 12 N ? ? A TYR 11 A DLE 12 1_555 ? ? ? ? ? ? ? 1.358 ? ? 
covale12 covale both ? A TRP 11 C B ? ? 1_555 A DLE 12 N ? ? A TRP 11 A DLE 12 1_555 ? ? ? ? ? ? ? 1.358 ? ? 
covale13 covale both ? A DLE 12 C ? ? ? 1_555 A TRP 13 N ? ? A DLE 12 A TRP 13 1_555 ? ? ? ? ? ? ? 1.280 ? ? 
covale14 covale both ? A TRP 13 C ? ? ? 1_555 A DLE 14 N ? ? A TRP 13 A DLE 14 1_555 ? ? ? ? ? ? ? 1.335 ? ? 
covale15 covale both ? A DLE 14 C ? ? ? 1_555 A TRP 15 N ? ? A DLE 14 A TRP 15 1_555 ? ? ? ? ? ? ? 1.317 ? ? 
covale16 covale both ? A TRP 15 C ? ? ? 1_555 A ETA 16 N A ? A TRP 15 A ETA 16 1_555 ? ? ? ? ? ? ? 1.311 ? ? 
covale17 covale both ? A TRP 15 C ? ? ? 1_555 A ETA 16 N C ? A TRP 15 A ETA 16 1_555 ? ? ? ? ? ? ? 1.320 ? ? 
covale18 covale both ? A TRP 15 C ? ? ? 1_555 A ETA 16 N B ? A TRP 15 A ETA 16 1_555 ? ? ? ? ? ? ? 1.317 ? ? 
covale19 covale both ? B FVA 1  C ? ? ? 1_555 B GLY 2  N ? ? B FVA 1  B GLY 2  1_555 ? ? ? ? ? ? ? 1.323 ? ? 
covale20 covale both ? B ALA 3  C ? ? ? 1_555 B DLE 4  N ? ? B ALA 3  B DLE 4  1_555 ? ? ? ? ? ? ? 1.314 ? ? 
covale21 covale both ? B DLE 4  C ? ? ? 1_555 B ALA 5  N ? ? B DLE 4  B ALA 5  1_555 ? ? ? ? ? ? ? 1.339 ? ? 
covale22 covale both ? B ALA 5  C ? ? ? 1_555 B DVA 6  N ? ? B ALA 5  B DVA 6  1_555 ? ? ? ? ? ? ? 1.318 ? ? 
covale23 covale both ? B DVA 6  C ? ? ? 1_555 B VAL 7  N ? ? B DVA 6  B VAL 7  1_555 ? ? ? ? ? ? ? 1.326 ? ? 
covale24 covale both ? B VAL 7  C ? ? ? 1_555 B DVA 8  N ? ? B VAL 7  B DVA 8  1_555 ? ? ? ? ? ? ? 1.327 ? ? 
covale25 covale both ? B DVA 8  C ? ? ? 1_555 B TRP 9  N ? ? B DVA 8  B TRP 9  1_555 ? ? ? ? ? ? ? 1.318 ? ? 
covale26 covale both ? B TRP 9  C ? ? ? 1_555 B DLE 10 N ? ? B TRP 9  B DLE 10 1_555 ? ? ? ? ? ? ? 1.333 ? ? 
covale27 covale both ? B DLE 10 C ? ? ? 1_555 B TRP 11 N ? ? B DLE 10 B TRP 11 1_555 ? ? ? ? ? ? ? 1.354 ? ? 
covale28 covale both ? B TRP 11 C ? ? ? 1_555 B DLE 12 N ? ? B TRP 11 B DLE 12 1_555 ? ? ? ? ? ? ? 1.321 ? ? 
covale29 covale both ? B DLE 12 C ? ? ? 1_555 B TRP 13 N ? ? B DLE 12 B TRP 13 1_555 ? ? ? ? ? ? ? 1.307 ? ? 
covale30 covale both ? B TRP 13 C ? ? ? 1_555 B DLE 14 N ? ? B TRP 13 B DLE 14 1_555 ? ? ? ? ? ? ? 1.317 ? ? 
covale31 covale both ? B DLE 14 C ? ? ? 1_555 B TRP 15 N ? ? B DLE 14 B TRP 15 1_555 ? ? ? ? ? ? ? 1.317 ? ? 
covale32 covale both ? B TRP 15 C ? ? ? 1_555 B ETA 16 N B ? B TRP 15 B ETA 16 1_555 ? ? ? ? ? ? ? 1.332 ? ? 
covale33 covale both ? B TRP 15 C ? ? ? 1_555 B ETA 16 N C ? B TRP 15 B ETA 16 1_555 ? ? ? ? ? ? ? 1.341 ? ? 
covale34 covale both ? B TRP 15 C ? ? ? 1_555 B ETA 16 N A ? B TRP 15 B ETA 16 1_555 ? ? ? ? ? ? ? 1.340 ? ? 
# 
_struct_conn_type.id          covale 
_struct_conn_type.criteria    ? 
_struct_conn_type.reference   ? 
# 
loop_
_pdbx_modification_feature.ordinal 
_pdbx_modification_feature.label_comp_id 
_pdbx_modification_feature.label_asym_id 
_pdbx_modification_feature.label_seq_id 
_pdbx_modification_feature.label_alt_id 
_pdbx_modification_feature.modified_residue_label_comp_id 
_pdbx_modification_feature.modified_residue_label_asym_id 
_pdbx_modification_feature.modified_residue_label_seq_id 
_pdbx_modification_feature.modified_residue_label_alt_id 
_pdbx_modification_feature.auth_comp_id 
_pdbx_modification_feature.auth_asym_id 
_pdbx_modification_feature.auth_seq_id 
_pdbx_modification_feature.PDB_ins_code 
_pdbx_modification_feature.symmetry 
_pdbx_modification_feature.modified_residue_auth_comp_id 
_pdbx_modification_feature.modified_residue_auth_asym_id 
_pdbx_modification_feature.modified_residue_auth_seq_id 
_pdbx_modification_feature.modified_residue_PDB_ins_code 
_pdbx_modification_feature.modified_residue_symmetry 
_pdbx_modification_feature.comp_id_linking_atom 
_pdbx_modification_feature.modified_residue_id_linking_atom 
_pdbx_modification_feature.modified_residue_id 
_pdbx_modification_feature.ref_pcm_id 
_pdbx_modification_feature.ref_comp_id 
_pdbx_modification_feature.type 
_pdbx_modification_feature.category 
1 FVA A 1  ? . . . . FVA A 1  ? 1_555 . . . . . . . VAL 1 FVA Formylation 'Named protein modification' 
2 FVA B 1  ? . . . . FVA B 1  ? 1_555 . . . . . . . VAL 1 FVA Formylation 'Named protein modification' 
3 ETA A 16 A . . . . ETA A 16 ? 1_555 . . . . . . . ?   1 ETA None        'Non-standard residue'       
4 ETA A 16 B . . . . ETA A 16 ? 1_555 . . . . . . . ?   1 ETA None        'Non-standard residue'       
5 ETA A 16 C . . . . ETA A 16 ? 1_555 . . . . . . . ?   1 ETA None        'Non-standard residue'       
6 ETA B 16 A . . . . ETA B 16 ? 1_555 . . . . . . . ?   1 ETA None        'Non-standard residue'       
7 ETA B 16 B . . . . ETA B 16 ? 1_555 . . . . . . . ?   1 ETA None        'Non-standard residue'       
8 ETA B 16 C . . . . ETA B 16 ? 1_555 . . . . . . . ?   1 ETA None        'Non-standard residue'       
# 
_struct_sheet.id               AA 
_struct_sheet.type             ? 
_struct_sheet.number_strands   2 
_struct_sheet.details          ? 
# 
_struct_sheet_order.sheet_id     AA 
_struct_sheet_order.range_id_1   1 
_struct_sheet_order.range_id_2   2 
_struct_sheet_order.offset       ? 
_struct_sheet_order.sense        anti-parallel 
# 
loop_
_struct_sheet_range.sheet_id 
_struct_sheet_range.id 
_struct_sheet_range.beg_label_comp_id 
_struct_sheet_range.beg_label_asym_id 
_struct_sheet_range.beg_label_seq_id 
_struct_sheet_range.pdbx_beg_PDB_ins_code 
_struct_sheet_range.end_label_comp_id 
_struct_sheet_range.end_label_asym_id 
_struct_sheet_range.end_label_seq_id 
_struct_sheet_range.pdbx_end_PDB_ins_code 
_struct_sheet_range.beg_auth_comp_id 
_struct_sheet_range.beg_auth_asym_id 
_struct_sheet_range.beg_auth_seq_id 
_struct_sheet_range.end_auth_comp_id 
_struct_sheet_range.end_auth_asym_id 
_struct_sheet_range.end_auth_seq_id 
AA 1 GLY A 2 ? DLE A 14 ? GLY A 2 DLE A 14 
AA 2 GLY B 2 ? DLE B 14 ? GLY B 2 DLE B 14 
# 
_pdbx_struct_sheet_hbond.sheet_id                AA 
_pdbx_struct_sheet_hbond.range_id_1              1 
_pdbx_struct_sheet_hbond.range_id_2              2 
_pdbx_struct_sheet_hbond.range_1_label_atom_id   N 
_pdbx_struct_sheet_hbond.range_1_label_comp_id   TRP 
_pdbx_struct_sheet_hbond.range_1_label_asym_id   A 
_pdbx_struct_sheet_hbond.range_1_label_seq_id    13 
_pdbx_struct_sheet_hbond.range_1_PDB_ins_code    ? 
_pdbx_struct_sheet_hbond.range_1_auth_atom_id    N 
_pdbx_struct_sheet_hbond.range_1_auth_comp_id    TRP 
_pdbx_struct_sheet_hbond.range_1_auth_asym_id    A 
_pdbx_struct_sheet_hbond.range_1_auth_seq_id     13 
_pdbx_struct_sheet_hbond.range_2_label_atom_id   O 
_pdbx_struct_sheet_hbond.range_2_label_comp_id   ALA 
_pdbx_struct_sheet_hbond.range_2_label_asym_id   B 
_pdbx_struct_sheet_hbond.range_2_label_seq_id    3 
_pdbx_struct_sheet_hbond.range_2_PDB_ins_code    ? 
_pdbx_struct_sheet_hbond.range_2_auth_atom_id    O 
_pdbx_struct_sheet_hbond.range_2_auth_comp_id    ALA 
_pdbx_struct_sheet_hbond.range_2_auth_asym_id    B 
_pdbx_struct_sheet_hbond.range_2_auth_seq_id     3 
# 
loop_
_struct_site.id 
_struct_site.pdbx_evidence_code 
_struct_site.pdbx_auth_asym_id 
_struct_site.pdbx_auth_comp_id 
_struct_site.pdbx_auth_seq_id 
_struct_site.pdbx_auth_ins_code 
_struct_site.pdbx_num_residues 
_struct_site.details 
AC1 Software ? ? ? ? 19 'BINDING SITE FOR CHAIN A OF GRAMICIDIN A' 
AC2 Software ? ? ? ? 21 'BINDING SITE FOR CHAIN B OF GRAMICIDIN A' 
# 
loop_
_struct_site_gen.id 
_struct_site_gen.site_id 
_struct_site_gen.pdbx_num_res 
_struct_site_gen.label_comp_id 
_struct_site_gen.label_asym_id 
_struct_site_gen.label_seq_id 
_struct_site_gen.pdbx_auth_ins_code 
_struct_site_gen.auth_comp_id 
_struct_site_gen.auth_asym_id 
_struct_site_gen.auth_seq_id 
_struct_site_gen.label_atom_id 
_struct_site_gen.label_alt_id 
_struct_site_gen.symmetry 
_struct_site_gen.details 
1  AC1 19 GLY B 2  ? GLY B 2  . ? 1_554 ? 
2  AC1 19 GLY B 2  ? GLY B 2  . ? 1_555 ? 
3  AC1 19 ALA B 3  ? ALA B 3  . ? 1_555 ? 
4  AC1 19 DLE B 4  ? DLE B 4  . ? 1_555 ? 
5  AC1 19 ALA B 5  ? ALA B 5  . ? 1_555 ? 
6  AC1 19 DVA B 6  ? DVA B 6  . ? 1_555 ? 
7  AC1 19 VAL B 7  ? VAL B 7  . ? 1_555 ? 
8  AC1 19 DVA B 8  ? DVA B 8  . ? 1_555 ? 
9  AC1 19 TRP B 9  ? TRP B 9  . ? 1_555 ? 
10 AC1 19 DLE B 10 ? DLE B 10 . ? 1_455 ? 
11 AC1 19 DLE B 10 ? DLE B 10 . ? 1_555 ? 
12 AC1 19 TRP B 11 ? TRP B 11 . ? 1_555 ? 
13 AC1 19 DLE B 12 ? DLE B 12 . ? 1_555 ? 
14 AC1 19 TRP B 13 ? TRP B 13 . ? 1_655 ? 
15 AC1 19 TRP B 13 ? TRP B 13 . ? 1_555 ? 
16 AC1 19 DLE B 14 ? DLE B 14 . ? 1_555 ? 
17 AC1 19 TRP B 15 ? TRP B 15 . ? 1_555 ? 
18 AC1 19 ETA B 16 ? ETA B 16 . ? 1_556 ? 
19 AC1 19 ETA B 16 ? ETA B 16 . ? 1_555 ? 
20 AC2 21 GLY A 2  ? GLY A 2  . ? 1_556 ? 
21 AC2 21 GLY A 2  ? GLY A 2  . ? 1_555 ? 
22 AC2 21 ALA A 3  ? ALA A 3  . ? 1_556 ? 
23 AC2 21 ALA A 3  ? ALA A 3  . ? 1_555 ? 
24 AC2 21 DLE A 4  ? DLE A 4  . ? 1_556 ? 
25 AC2 21 DLE A 4  ? DLE A 4  . ? 1_555 ? 
26 AC2 21 ALA A 5  ? ALA A 5  . ? 1_455 ? 
27 AC2 21 ALA A 5  ? ALA A 5  . ? 1_555 ? 
28 AC2 21 DVA A 6  ? DVA A 6  . ? 1_555 ? 
29 AC2 21 VAL A 7  ? VAL A 7  . ? 1_555 ? 
30 AC2 21 VAL A 7  ? VAL A 7  . ? 1_655 ? 
31 AC2 21 DVA A 8  ? DVA A 8  . ? 1_555 ? 
32 AC2 21 TRP A 9  ? TRP A 9  . ? 1_555 ? 
33 AC2 21 DLE A 10 ? DLE A 10 . ? 1_555 ? 
34 AC2 21 TYR A 11 ? TYR A 11 . ? 1_555 ? 
35 AC2 21 DLE A 12 ? DLE A 12 . ? 1_555 ? 
36 AC2 21 TRP A 13 ? TRP A 13 . ? 1_555 ? 
37 AC2 21 DLE A 14 ? DLE A 14 . ? 1_555 ? 
38 AC2 21 TRP A 15 ? TRP A 15 . ? 1_555 ? 
39 AC2 21 ETA A 16 ? ETA A 16 . ? 1_554 ? 
40 AC2 21 ETA A 16 ? ETA A 16 . ? 1_555 ? 
# 
_pdbx_entry_details.entry_id                   1ALX 
_pdbx_entry_details.compound_details           
;GRAMICIDIN IS A HETEROGENEOUS MIXTURE OF SEVERAL COMPOUNDS
 INCLUDING GRAMICIDIN A, B AND C WHICH ARE OBTAINED FROM
 BACILLUS BREVIS AND CALLED COLLECTIVELY GRAMICIDIN D.
 HERE, GRAMICIDIN D IS REPRESENTED BY THE SEQUENCE (SEQRES)
;
_pdbx_entry_details.source_details             ? 
_pdbx_entry_details.nonpolymer_details         ? 
_pdbx_entry_details.sequence_details           ? 
_pdbx_entry_details.has_ligand_of_interest     ? 
_pdbx_entry_details.has_protein_modification   Y 
# 
loop_
_pdbx_validate_close_contact.id 
_pdbx_validate_close_contact.PDB_model_num 
_pdbx_validate_close_contact.auth_atom_id_1 
_pdbx_validate_close_contact.auth_asym_id_1 
_pdbx_validate_close_contact.auth_comp_id_1 
_pdbx_validate_close_contact.auth_seq_id_1 
_pdbx_validate_close_contact.PDB_ins_code_1 
_pdbx_validate_close_contact.label_alt_id_1 
_pdbx_validate_close_contact.auth_atom_id_2 
_pdbx_validate_close_contact.auth_asym_id_2 
_pdbx_validate_close_contact.auth_comp_id_2 
_pdbx_validate_close_contact.auth_seq_id_2 
_pdbx_validate_close_contact.PDB_ins_code_2 
_pdbx_validate_close_contact.label_alt_id_2 
_pdbx_validate_close_contact.dist 
1 1 HE1 A TRP 9   ? ? H1 A MOH 515 ? A 1.31 
2 1 HO  A MOH 515 ? B O  B MOH 504 ? ? 1.52 
# 
_pdbx_validate_symm_contact.id                1 
_pdbx_validate_symm_contact.PDB_model_num     1 
_pdbx_validate_symm_contact.auth_atom_id_1    HE1 
_pdbx_validate_symm_contact.auth_asym_id_1    B 
_pdbx_validate_symm_contact.auth_comp_id_1    TRP 
_pdbx_validate_symm_contact.auth_seq_id_1     11 
_pdbx_validate_symm_contact.PDB_ins_code_1    ? 
_pdbx_validate_symm_contact.label_alt_id_1    ? 
_pdbx_validate_symm_contact.site_symmetry_1   1_555 
_pdbx_validate_symm_contact.auth_atom_id_2    HO 
_pdbx_validate_symm_contact.auth_asym_id_2    A 
_pdbx_validate_symm_contact.auth_comp_id_2    MOH 
_pdbx_validate_symm_contact.auth_seq_id_2     519 
_pdbx_validate_symm_contact.PDB_ins_code_2    ? 
_pdbx_validate_symm_contact.label_alt_id_2    A 
_pdbx_validate_symm_contact.site_symmetry_2   2_654 
_pdbx_validate_symm_contact.dist              1.26 
# 
loop_
_pdbx_validate_torsion.id 
_pdbx_validate_torsion.PDB_model_num 
_pdbx_validate_torsion.auth_comp_id 
_pdbx_validate_torsion.auth_asym_id 
_pdbx_validate_torsion.auth_seq_id 
_pdbx_validate_torsion.PDB_ins_code 
_pdbx_validate_torsion.label_alt_id 
_pdbx_validate_torsion.phi 
_pdbx_validate_torsion.psi 
1 1 TRP A 13 ? ? -167.58 99.32 
2 1 TRP A 15 ? ? -153.59 89.49 
3 1 TRP B 11 ? ? -166.98 98.04 
4 1 TRP B 15 ? ? -157.95 75.92 
5 1 TRP B 15 ? ? -157.95 83.62 
6 1 TRP B 15 ? ? -157.95 84.70 
# 
_pdbx_molecule_features.prd_id    PRD_000152 
_pdbx_molecule_features.name      'GRAMICIDIN D' 
_pdbx_molecule_features.type      Polypeptide 
_pdbx_molecule_features.class     Antibiotic 
_pdbx_molecule_features.details   
;GRAMICIDIN D IS A HEXADECAMERIC HELICAL PEPTIDE
 WITH ALTERNATING D,L CHARACTERISTICS.
 THE N-TERM IS FORMYLATED (RESIDUE 1).
 THE C-TERM IS CAPPED WITH ETHANOLAMINE (RESIDUE 16).
;
# 
loop_
_pdbx_molecule.instance_id 
_pdbx_molecule.prd_id 
_pdbx_molecule.asym_id 
1 PRD_000152 A 
2 PRD_000152 B 
# 
loop_
_chem_comp_atom.comp_id 
_chem_comp_atom.atom_id 
_chem_comp_atom.type_symbol 
_chem_comp_atom.pdbx_aromatic_flag 
_chem_comp_atom.pdbx_stereo_config 
_chem_comp_atom.pdbx_ordinal 
ALA N    N N N 1   
ALA CA   C N S 2   
ALA C    C N N 3   
ALA O    O N N 4   
ALA CB   C N N 5   
ALA OXT  O N N 6   
ALA H    H N N 7   
ALA H2   H N N 8   
ALA HA   H N N 9   
ALA HB1  H N N 10  
ALA HB2  H N N 11  
ALA HB3  H N N 12  
ALA HXT  H N N 13  
DLE N    N N N 14  
DLE CA   C N R 15  
DLE CB   C N N 16  
DLE CG   C N N 17  
DLE CD1  C N N 18  
DLE CD2  C N N 19  
DLE C    C N N 20  
DLE O    O N N 21  
DLE OXT  O N N 22  
DLE H    H N N 23  
DLE H2   H N N 24  
DLE HA   H N N 25  
DLE HB2  H N N 26  
DLE HB3  H N N 27  
DLE HG   H N N 28  
DLE HD11 H N N 29  
DLE HD12 H N N 30  
DLE HD13 H N N 31  
DLE HD21 H N N 32  
DLE HD22 H N N 33  
DLE HD23 H N N 34  
DLE HXT  H N N 35  
DVA N    N N N 36  
DVA CA   C N R 37  
DVA CB   C N N 38  
DVA CG1  C N N 39  
DVA CG2  C N N 40  
DVA C    C N N 41  
DVA O    O N N 42  
DVA OXT  O N N 43  
DVA H    H N N 44  
DVA H2   H N N 45  
DVA HA   H N N 46  
DVA HB   H N N 47  
DVA HG11 H N N 48  
DVA HG12 H N N 49  
DVA HG13 H N N 50  
DVA HG21 H N N 51  
DVA HG22 H N N 52  
DVA HG23 H N N 53  
DVA HXT  H N N 54  
ETA CA   C N N 55  
ETA N    N N N 56  
ETA C    C N N 57  
ETA O    O N N 58  
ETA HA1  H N N 59  
ETA HA2  H N N 60  
ETA H    H N N 61  
ETA H2   H N N 62  
ETA HB1  H N N 63  
ETA HB2  H N N 64  
ETA HO   H N N 65  
FVA C    C N N 66  
FVA N    N N N 67  
FVA O    O N N 68  
FVA CA   C N S 69  
FVA CB   C N N 70  
FVA CG1  C N N 71  
FVA CG2  C N N 72  
FVA H    H N N 73  
FVA HA   H N N 74  
FVA HB   H N N 75  
FVA HG11 H N N 76  
FVA HG12 H N N 77  
FVA HG13 H N N 78  
FVA HG21 H N N 79  
FVA HG22 H N N 80  
FVA HG23 H N N 81  
FVA O1   O N N 82  
FVA CN   C N N 83  
FVA HN   H N N 84  
FVA OXT  O N N 85  
FVA HXT  H N N 86  
GLY N    N N N 87  
GLY CA   C N N 88  
GLY C    C N N 89  
GLY O    O N N 90  
GLY OXT  O N N 91  
GLY H    H N N 92  
GLY H2   H N N 93  
GLY HA2  H N N 94  
GLY HA3  H N N 95  
GLY HXT  H N N 96  
MOH C    C N N 97  
MOH O    O N N 98  
MOH H1   H N N 99  
MOH H2   H N N 100 
MOH H3   H N N 101 
MOH HO   H N N 102 
TRP N    N N N 103 
TRP CA   C N S 104 
TRP C    C N N 105 
TRP O    O N N 106 
TRP CB   C N N 107 
TRP CG   C Y N 108 
TRP CD1  C Y N 109 
TRP CD2  C Y N 110 
TRP NE1  N Y N 111 
TRP CE2  C Y N 112 
TRP CE3  C Y N 113 
TRP CZ2  C Y N 114 
TRP CZ3  C Y N 115 
TRP CH2  C Y N 116 
TRP OXT  O N N 117 
TRP H    H N N 118 
TRP H2   H N N 119 
TRP HA   H N N 120 
TRP HB2  H N N 121 
TRP HB3  H N N 122 
TRP HD1  H N N 123 
TRP HE1  H N N 124 
TRP HE3  H N N 125 
TRP HZ2  H N N 126 
TRP HZ3  H N N 127 
TRP HH2  H N N 128 
TRP HXT  H N N 129 
TYR N    N N N 130 
TYR CA   C N S 131 
TYR C    C N N 132 
TYR O    O N N 133 
TYR CB   C N N 134 
TYR CG   C Y N 135 
TYR CD1  C Y N 136 
TYR CD2  C Y N 137 
TYR CE1  C Y N 138 
TYR CE2  C Y N 139 
TYR CZ   C Y N 140 
TYR OH   O N N 141 
TYR OXT  O N N 142 
TYR H    H N N 143 
TYR H2   H N N 144 
TYR HA   H N N 145 
TYR HB2  H N N 146 
TYR HB3  H N N 147 
TYR HD1  H N N 148 
TYR HD2  H N N 149 
TYR HE1  H N N 150 
TYR HE2  H N N 151 
TYR HH   H N N 152 
TYR HXT  H N N 153 
VAL N    N N N 154 
VAL CA   C N S 155 
VAL C    C N N 156 
VAL O    O N N 157 
VAL CB   C N N 158 
VAL CG1  C N N 159 
VAL CG2  C N N 160 
VAL OXT  O N N 161 
VAL H    H N N 162 
VAL H2   H N N 163 
VAL HA   H N N 164 
VAL HB   H N N 165 
VAL HG11 H N N 166 
VAL HG12 H N N 167 
VAL HG13 H N N 168 
VAL HG21 H N N 169 
VAL HG22 H N N 170 
VAL HG23 H N N 171 
VAL HXT  H N N 172 
# 
loop_
_chem_comp_bond.comp_id 
_chem_comp_bond.atom_id_1 
_chem_comp_bond.atom_id_2 
_chem_comp_bond.value_order 
_chem_comp_bond.pdbx_aromatic_flag 
_chem_comp_bond.pdbx_stereo_config 
_chem_comp_bond.pdbx_ordinal 
ALA N    CA   sing N N 1   
ALA N    H    sing N N 2   
ALA N    H2   sing N N 3   
ALA CA   C    sing N N 4   
ALA CA   CB   sing N N 5   
ALA CA   HA   sing N N 6   
ALA C    O    doub N N 7   
ALA C    OXT  sing N N 8   
ALA CB   HB1  sing N N 9   
ALA CB   HB2  sing N N 10  
ALA CB   HB3  sing N N 11  
ALA OXT  HXT  sing N N 12  
DLE N    CA   sing N N 13  
DLE N    H    sing N N 14  
DLE N    H2   sing N N 15  
DLE CA   CB   sing N N 16  
DLE CA   C    sing N N 17  
DLE CA   HA   sing N N 18  
DLE CB   CG   sing N N 19  
DLE CB   HB2  sing N N 20  
DLE CB   HB3  sing N N 21  
DLE CG   CD1  sing N N 22  
DLE CG   CD2  sing N N 23  
DLE CG   HG   sing N N 24  
DLE CD1  HD11 sing N N 25  
DLE CD1  HD12 sing N N 26  
DLE CD1  HD13 sing N N 27  
DLE CD2  HD21 sing N N 28  
DLE CD2  HD22 sing N N 29  
DLE CD2  HD23 sing N N 30  
DLE C    O    doub N N 31  
DLE C    OXT  sing N N 32  
DLE OXT  HXT  sing N N 33  
DVA N    CA   sing N N 34  
DVA N    H    sing N N 35  
DVA N    H2   sing N N 36  
DVA CA   CB   sing N N 37  
DVA CA   C    sing N N 38  
DVA CA   HA   sing N N 39  
DVA CB   CG1  sing N N 40  
DVA CB   CG2  sing N N 41  
DVA CB   HB   sing N N 42  
DVA CG1  HG11 sing N N 43  
DVA CG1  HG12 sing N N 44  
DVA CG1  HG13 sing N N 45  
DVA CG2  HG21 sing N N 46  
DVA CG2  HG22 sing N N 47  
DVA CG2  HG23 sing N N 48  
DVA C    O    doub N N 49  
DVA C    OXT  sing N N 50  
DVA OXT  HXT  sing N N 51  
ETA CA   N    sing N N 52  
ETA CA   C    sing N N 53  
ETA CA   HA1  sing N N 54  
ETA CA   HA2  sing N N 55  
ETA N    H    sing N N 56  
ETA N    H2   sing N N 57  
ETA C    O    sing N N 58  
ETA C    HB1  sing N N 59  
ETA C    HB2  sing N N 60  
ETA O    HO   sing N N 61  
FVA O    C    doub N N 62  
FVA C    CA   sing N N 63  
FVA H    N    sing N N 64  
FVA N    CN   sing N N 65  
FVA N    CA   sing N N 66  
FVA CB   CA   sing N N 67  
FVA CA   HA   sing N N 68  
FVA HB   CB   sing N N 69  
FVA CB   CG2  sing N N 70  
FVA CB   CG1  sing N N 71  
FVA HG13 CG1  sing N N 72  
FVA HG12 CG1  sing N N 73  
FVA CG1  HG11 sing N N 74  
FVA HG22 CG2  sing N N 75  
FVA HG23 CG2  sing N N 76  
FVA CG2  HG21 sing N N 77  
FVA CN   O1   doub N N 78  
FVA HN   CN   sing N N 79  
FVA C    OXT  sing N N 80  
FVA OXT  HXT  sing N N 81  
GLY N    CA   sing N N 82  
GLY N    H    sing N N 83  
GLY N    H2   sing N N 84  
GLY CA   C    sing N N 85  
GLY CA   HA2  sing N N 86  
GLY CA   HA3  sing N N 87  
GLY C    O    doub N N 88  
GLY C    OXT  sing N N 89  
GLY OXT  HXT  sing N N 90  
MOH C    O    sing N N 91  
MOH C    H1   sing N N 92  
MOH C    H2   sing N N 93  
MOH C    H3   sing N N 94  
MOH O    HO   sing N N 95  
TRP N    CA   sing N N 96  
TRP N    H    sing N N 97  
TRP N    H2   sing N N 98  
TRP CA   C    sing N N 99  
TRP CA   CB   sing N N 100 
TRP CA   HA   sing N N 101 
TRP C    O    doub N N 102 
TRP C    OXT  sing N N 103 
TRP CB   CG   sing N N 104 
TRP CB   HB2  sing N N 105 
TRP CB   HB3  sing N N 106 
TRP CG   CD1  doub Y N 107 
TRP CG   CD2  sing Y N 108 
TRP CD1  NE1  sing Y N 109 
TRP CD1  HD1  sing N N 110 
TRP CD2  CE2  doub Y N 111 
TRP CD2  CE3  sing Y N 112 
TRP NE1  CE2  sing Y N 113 
TRP NE1  HE1  sing N N 114 
TRP CE2  CZ2  sing Y N 115 
TRP CE3  CZ3  doub Y N 116 
TRP CE3  HE3  sing N N 117 
TRP CZ2  CH2  doub Y N 118 
TRP CZ2  HZ2  sing N N 119 
TRP CZ3  CH2  sing Y N 120 
TRP CZ3  HZ3  sing N N 121 
TRP CH2  HH2  sing N N 122 
TRP OXT  HXT  sing N N 123 
TYR N    CA   sing N N 124 
TYR N    H    sing N N 125 
TYR N    H2   sing N N 126 
TYR CA   C    sing N N 127 
TYR CA   CB   sing N N 128 
TYR CA   HA   sing N N 129 
TYR C    O    doub N N 130 
TYR C    OXT  sing N N 131 
TYR CB   CG   sing N N 132 
TYR CB   HB2  sing N N 133 
TYR CB   HB3  sing N N 134 
TYR CG   CD1  doub Y N 135 
TYR CG   CD2  sing Y N 136 
TYR CD1  CE1  sing Y N 137 
TYR CD1  HD1  sing N N 138 
TYR CD2  CE2  doub Y N 139 
TYR CD2  HD2  sing N N 140 
TYR CE1  CZ   doub Y N 141 
TYR CE1  HE1  sing N N 142 
TYR CE2  CZ   sing Y N 143 
TYR CE2  HE2  sing N N 144 
TYR CZ   OH   sing N N 145 
TYR OH   HH   sing N N 146 
TYR OXT  HXT  sing N N 147 
VAL N    CA   sing N N 148 
VAL N    H    sing N N 149 
VAL N    H2   sing N N 150 
VAL CA   C    sing N N 151 
VAL CA   CB   sing N N 152 
VAL CA   HA   sing N N 153 
VAL C    O    doub N N 154 
VAL C    OXT  sing N N 155 
VAL CB   CG1  sing N N 156 
VAL CB   CG2  sing N N 157 
VAL CB   HB   sing N N 158 
VAL CG1  HG11 sing N N 159 
VAL CG1  HG12 sing N N 160 
VAL CG1  HG13 sing N N 161 
VAL CG2  HG21 sing N N 162 
VAL CG2  HG22 sing N N 163 
VAL CG2  HG23 sing N N 164 
VAL OXT  HXT  sing N N 165 
# 
_pdbx_initial_refinement_model.id               1 
_pdbx_initial_refinement_model.entity_id_list   ? 
_pdbx_initial_refinement_model.type             'experimental model' 
_pdbx_initial_refinement_model.source_name      PDB 
_pdbx_initial_refinement_model.accession_code   1GMA 
_pdbx_initial_refinement_model.details          'PDB ENTRY 1GMA' 
# 
_atom_sites.entry_id                    1ALX 
_atom_sites.fract_transf_matrix[1][1]   -0.06029183 
_atom_sites.fract_transf_matrix[1][2]   0.02504047 
_atom_sites.fract_transf_matrix[1][3]   -0.01560944 
_atom_sites.fract_transf_matrix[2][1]   0.01662361 
_atom_sites.fract_transf_matrix[2][2]   0.03247553 
_atom_sites.fract_transf_matrix[2][3]   -0.01211223 
_atom_sites.fract_transf_matrix[3][1]   0.00147521 
_atom_sites.fract_transf_matrix[3][2]   -0.01160573 
_atom_sites.fract_transf_matrix[3][3]   -0.02909282 
_atom_sites.fract_transf_vector[1]      0.591739 
_atom_sites.fract_transf_vector[2]      -0.000979 
_atom_sites.fract_transf_vector[3]      -0.126140 
# 
loop_
_atom_type.symbol 
C 
H 
N 
O 
# 
loop_
_atom_site.group_PDB 
_atom_site.id 
_atom_site.type_symbol 
_atom_site.label_atom_id 
_atom_site.label_alt_id 
_atom_site.label_comp_id 
_atom_site.label_asym_id 
_atom_site.label_entity_id 
_atom_site.label_seq_id 
_atom_site.pdbx_PDB_ins_code 
_atom_site.Cartn_x 
_atom_site.Cartn_y 
_atom_site.Cartn_z 
_atom_site.occupancy 
_atom_site.B_iso_or_equiv 
_atom_site.pdbx_formal_charge 
_atom_site.auth_seq_id 
_atom_site.auth_comp_id 
_atom_site.auth_asym_id 
_atom_site.auth_atom_id 
_atom_site.pdbx_PDB_model_num 
HETATM 1   C C    . FVA A 1 1  ? 1.218   2.165  14.892  1.00 7.68  ? 1   FVA A C    1 
HETATM 2   N N    . FVA A 1 1  ? -0.688  2.300  16.333  1.00 8.37  ? 1   FVA A N    1 
HETATM 3   O O    . FVA A 1 1  ? 0.476   2.009  13.901  1.00 8.74  ? 1   FVA A O    1 
HETATM 4   C CA   . FVA A 1 1  ? 0.674   1.823  16.263  1.00 9.39  ? 1   FVA A CA   1 
HETATM 5   C CB   . FVA A 1 1  ? 0.779   0.291  16.450  1.00 10.59 ? 1   FVA A CB   1 
HETATM 6   C CG1  . FVA A 1 1  ? 0.059   -0.552 15.388  1.00 12.55 ? 1   FVA A CG1  1 
HETATM 7   C CG2  . FVA A 1 1  ? 2.224   -0.198 16.514  1.00 12.85 ? 1   FVA A CG2  1 
HETATM 8   H H    . FVA A 1 1  ? -1.182  2.202  15.636  1.00 10.05 ? 1   FVA A H    1 
HETATM 9   H HA   . FVA A 1 1  ? 1.212   2.272  16.948  1.00 11.27 ? 1   FVA A HA   1 
HETATM 10  H HB   . FVA A 1 1  ? 0.366   0.079  17.314  1.00 12.71 ? 1   FVA A HB   1 
HETATM 11  H HG11 . FVA A 1 1  ? -0.259  0.021  14.686  1.00 18.82 ? 1   FVA A HG11 1 
HETATM 12  H HG12 . FVA A 1 1  ? 0.669   -1.196 15.021  1.00 18.82 ? 1   FVA A HG12 1 
HETATM 13  H HG13 . FVA A 1 1  ? -0.686  -1.008 15.789  1.00 18.82 ? 1   FVA A HG13 1 
HETATM 14  O O1   . FVA A 1 1  ? -0.603  3.173  18.418  1.00 8.86  ? 1   FVA A O1   1 
HETATM 15  H HG21 . FVA A 1 1  ? 2.817   0.524  16.290  1.00 19.27 ? 1   FVA A HG21 1 
HETATM 16  C CN   . FVA A 1 1  ? -1.230  2.881  17.400  1.00 8.29  ? 1   FVA A CN   1 
HETATM 17  H HG22 . FVA A 1 1  ? 2.419   -0.509 17.401  1.00 19.27 ? 1   FVA A HG22 1 
HETATM 18  H HG23 . FVA A 1 1  ? 2.347   -0.916 15.888  1.00 19.27 ? 1   FVA A HG23 1 
HETATM 19  H HN   . FVA A 1 1  ? -2.139  3.079  17.375  1.00 9.95  ? 1   FVA A HN   1 
ATOM   20  N N    . GLY A 1 2  ? 2.411   2.666  14.829  1.00 6.66  ? 2   GLY A N    1 
ATOM   21  C CA   . GLY A 1 2  ? 2.914   3.045  13.500  1.00 8.15  ? 2   GLY A CA   1 
ATOM   22  C C    . GLY A 1 2  ? 2.263   4.288  12.946  1.00 6.00  ? 2   GLY A C    1 
ATOM   23  O O    . GLY A 1 2  ? 1.884   5.179  13.705  1.00 6.91  ? 2   GLY A O    1 
ATOM   24  H H    . GLY A 1 2  ? 2.890   2.773  15.536  1.00 7.99  ? 2   GLY A H    1 
ATOM   25  H HA2  . GLY A 1 2  ? 3.872   3.188  13.556  1.00 9.77  ? 2   GLY A HA2  1 
ATOM   26  H HA3  . GLY A 1 2  ? 2.760   2.309  12.886  1.00 9.77  ? 2   GLY A HA3  1 
ATOM   27  N N    . ALA A 1 3  ? 2.263   4.369  11.597  1.00 5.89  ? 3   ALA A N    1 
ATOM   28  C CA   . ALA A 1 3  ? 1.902   5.600  10.902  1.00 6.30  ? 3   ALA A CA   1 
ATOM   29  C C    . ALA A 1 3  ? 0.988   5.233  9.770   1.00 6.95  ? 3   ALA A C    1 
ATOM   30  O O    . ALA A 1 3  ? 1.235   4.272  8.992   1.00 7.22  ? 3   ALA A O    1 
ATOM   31  C CB   . ALA A 1 3  ? 3.123   6.373  10.419  1.00 8.66  ? 3   ALA A CB   1 
ATOM   32  H H    . ALA A 1 3  ? 2.481   3.677  11.136  1.00 7.07  ? 3   ALA A H    1 
ATOM   33  H HA   . ALA A 1 3  ? 1.405   6.170  11.526  1.00 7.57  ? 3   ALA A HA   1 
ATOM   34  H HB1  . ALA A 1 3  ? 3.626   5.827  9.809   1.00 12.99 ? 3   ALA A HB1  1 
ATOM   35  H HB2  . ALA A 1 3  ? 2.840   7.173  9.971   1.00 12.99 ? 3   ALA A HB2  1 
ATOM   36  H HB3  . ALA A 1 3  ? 3.673   6.604  11.170  1.00 12.99 ? 3   ALA A HB3  1 
HETATM 37  N N    . DLE A 1 4  ? -0.093  5.959  9.579   1.00 6.70  ? 4   DLE A N    1 
HETATM 38  C CA   . DLE A 1 4  ? -1.011  5.696  8.493   1.00 6.59  ? 4   DLE A CA   1 
HETATM 39  C CB   . DLE A 1 4  ? -2.010  6.847  8.384   1.00 6.29  ? 4   DLE A CB   1 
HETATM 40  C CG   . DLE A 1 4  ? -1.450  8.109  7.686   1.00 8.87  ? 4   DLE A CG   1 
HETATM 41  C CD1  . DLE A 1 4  ? -1.304  7.835  6.181   1.00 9.69  ? 4   DLE A CD1  1 
HETATM 42  C CD2  . DLE A 1 4  ? -2.347  9.301  8.021   1.00 13.23 ? 4   DLE A CD2  1 
HETATM 43  C C    . DLE A 1 4  ? -1.726  4.391  8.810   1.00 6.66  ? 4   DLE A C    1 
HETATM 44  O O    . DLE A 1 4  ? -2.225  4.152  9.919   1.00 8.29  ? 4   DLE A O    1 
HETATM 45  H H    . DLE A 1 4  ? -0.260  6.609  10.116  1.00 8.04  ? 4   DLE A H    1 
HETATM 46  H HA   . DLE A 1 4  ? -0.514  5.607  7.653   1.00 7.91  ? 4   DLE A HA   1 
HETATM 47  H HB2  . DLE A 1 4  ? -2.787  6.538  7.892   1.00 7.55  ? 4   DLE A HB2  1 
HETATM 48  H HB3  . DLE A 1 4  ? -2.304  7.089  9.276   1.00 7.55  ? 4   DLE A HB3  1 
HETATM 49  H HG   . DLE A 1 4  ? -0.558  8.288  8.051   1.00 10.65 ? 4   DLE A HG   1 
HETATM 50  H HD11 . DLE A 1 4  ? -1.598  6.941  5.990   1.00 14.54 ? 4   DLE A HD11 1 
HETATM 51  H HD12 . DLE A 1 4  ? -1.839  8.461  5.688   1.00 14.54 ? 4   DLE A HD12 1 
HETATM 52  H HD13 . DLE A 1 4  ? -0.383  7.930  5.927   1.00 14.54 ? 4   DLE A HD13 1 
HETATM 53  H HD21 . DLE A 1 4  ? -3.031  9.024  8.635   1.00 19.85 ? 4   DLE A HD21 1 
HETATM 54  H HD22 . DLE A 1 4  ? -1.819  9.996  8.421   1.00 19.85 ? 4   DLE A HD22 1 
HETATM 55  H HD23 . DLE A 1 4  ? -2.753  9.632  7.217   1.00 19.85 ? 4   DLE A HD23 1 
ATOM   56  N N    . ALA A 1 5  ? -1.860  3.520  7.830   1.00 5.92  ? 5   ALA A N    1 
ATOM   57  C CA   . ALA A 1 5  ? -2.440  2.197  8.069   1.00 6.60  ? 5   ALA A CA   1 
ATOM   58  C C    . ALA A 1 5  ? -1.978  1.279  6.925   1.00 5.92  ? 5   ALA A C    1 
ATOM   59  O O    . ALA A 1 5  ? -1.957  1.652  5.748   1.00 8.76  ? 5   ALA A O    1 
ATOM   60  C CB   . ALA A 1 5  ? -3.967  2.284  7.990   1.00 7.92  ? 5   ALA A CB   1 
ATOM   61  H H    . ALA A 1 5  ? -1.604  3.733  7.037   1.00 7.10  ? 5   ALA A H    1 
ATOM   62  H HA   . ALA A 1 5  ? -2.155  1.842  8.937   1.00 7.92  ? 5   ALA A HA   1 
ATOM   63  H HB1  . ALA A 1 5  ? -4.223  2.634  7.134   1.00 11.88 ? 5   ALA A HB1  1 
ATOM   64  H HB2  . ALA A 1 5  ? -4.344  1.409  8.105   1.00 11.88 ? 5   ALA A HB2  1 
ATOM   65  H HB3  . ALA A 1 5  ? -4.290  2.865  8.683   1.00 11.88 ? 5   ALA A HB3  1 
HETATM 66  N N    . DVA A 1 6  ? -1.698  0.041  7.296   1.00 6.19  ? 6   DVA A N    1 
HETATM 67  C CA   . DVA A 1 6  ? -1.423  -1.051 6.359   1.00 5.61  ? 6   DVA A CA   1 
HETATM 68  C CB   . DVA A 1 6  ? -1.985  -2.353 6.945   1.00 6.61  ? 6   DVA A CB   1 
HETATM 69  C CG1  . DVA A 1 6  ? -3.494  -2.245 7.002   1.00 8.31  ? 6   DVA A CG1  1 
HETATM 70  C CG2  . DVA A 1 6  ? -1.594  -3.561 6.109   1.00 8.74  ? 6   DVA A CG2  1 
HETATM 71  C C    . DVA A 1 6  ? 0.097   -1.156 6.156   1.00 4.96  ? 6   DVA A C    1 
HETATM 72  O O    . DVA A 1 6  ? 0.866   -1.126 7.143   1.00 6.20  ? 6   DVA A O    1 
HETATM 73  H H    . DVA A 1 6  ? -1.678  -0.133 8.137   1.00 7.43  ? 6   DVA A H    1 
HETATM 74  H HA   . DVA A 1 6  ? -1.856  -0.863 5.501   1.00 6.73  ? 6   DVA A HA   1 
HETATM 75  H HB   . DVA A 1 6  ? -1.639  -2.470 7.855   1.00 7.93  ? 6   DVA A HB   1 
HETATM 76  H HG11 . DVA A 1 6  ? -3.770  -1.413 6.611   1.00 12.46 ? 6   DVA A HG11 1 
HETATM 77  H HG12 . DVA A 1 6  ? -3.885  -2.974 6.517   1.00 12.46 ? 6   DVA A HG12 1 
HETATM 78  H HG13 . DVA A 1 6  ? -3.782  -2.279 7.918   1.00 12.46 ? 6   DVA A HG13 1 
HETATM 79  H HG21 . DVA A 1 6  ? -1.407  -3.282 5.210   1.00 13.10 ? 6   DVA A HG21 1 
HETATM 80  H HG22 . DVA A 1 6  ? -0.812  -3.971 6.485   1.00 13.10 ? 6   DVA A HG22 1 
HETATM 81  H HG23 . DVA A 1 6  ? -2.316  -4.194 6.103   1.00 13.10 ? 6   DVA A HG23 1 
ATOM   82  N N    . VAL A 1 7  ? 0.487   -1.257 4.917   1.00 5.71  ? 7   VAL A N    1 
ATOM   83  C CA   . VAL A 1 7  ? 1.927   -1.455 4.597   1.00 7.36  ? 7   VAL A CA   1 
ATOM   84  C C    . VAL A 1 7  ? 2.192   -0.914 3.218   1.00 6.19  ? 7   VAL A C    1 
ATOM   85  O O    . VAL A 1 7  ? 1.659   -1.381 2.226   1.00 8.68  ? 7   VAL A O    1 
ATOM   86  C CB   A VAL A 1 7  ? 2.346   -2.931 4.756   0.50 8.65  ? 7   VAL A CB   1 
ATOM   87  C CB   B VAL A 1 7  ? 2.372   -2.913 4.760   0.50 8.41  ? 7   VAL A CB   1 
ATOM   88  C CG1  A VAL A 1 7  ? 1.493   -3.832 3.866   0.50 8.57  ? 7   VAL A CG1  1 
ATOM   89  C CG1  B VAL A 1 7  ? 1.955   -3.467 6.118   0.50 5.90  ? 7   VAL A CG1  1 
ATOM   90  C CG2  A VAL A 1 7  ? 3.830   -3.102 4.470   0.50 8.66  ? 7   VAL A CG2  1 
ATOM   91  C CG2  B VAL A 1 7  ? 1.856   -3.771 3.614   0.50 9.02  ? 7   VAL A CG2  1 
ATOM   92  H H    . VAL A 1 7  ? -0.090  -1.209 4.283   1.00 6.86  ? 7   VAL A H    1 
ATOM   93  H HA   . VAL A 1 7  ? 2.451   -0.925 5.234   1.00 8.84  ? 7   VAL A HA   1 
ATOM   94  H HB   A VAL A 1 7  ? 2.188   -3.191 5.688   0.50 10.39 ? 7   VAL A HB   1 
ATOM   95  H HB   B VAL A 1 7  ? 3.352   -2.929 4.723   0.50 10.09 ? 7   VAL A HB   1 
ATOM   96  H HG11 A VAL A 1 7  ? 0.879   -3.294 3.361   0.50 12.85 ? 7   VAL A HG11 1 
ATOM   97  H HG11 B VAL A 1 7  ? 1.000   -3.424 6.202   0.50 8.85  ? 7   VAL A HG11 1 
ATOM   98  H HG12 A VAL A 1 7  ? 2.062   -4.318 3.264   0.50 12.85 ? 7   VAL A HG12 1 
ATOM   99  H HG12 B VAL A 1 7  ? 2.242   -4.380 6.193   0.50 8.85  ? 7   VAL A HG12 1 
ATOM   100 H HG13 A VAL A 1 7  ? 1.004   -4.450 4.412   0.50 12.85 ? 7   VAL A HG13 1 
ATOM   101 H HG13 B VAL A 1 7  ? 2.362   -2.946 6.815   0.50 8.85  ? 7   VAL A HG13 1 
ATOM   102 H HG21 A VAL A 1 7  ? 4.205   -2.258 4.205   0.50 12.99 ? 7   VAL A HG21 1 
ATOM   103 H HG21 B VAL A 1 7  ? 2.118   -3.379 2.778   0.50 13.53 ? 7   VAL A HG21 1 
ATOM   104 H HG22 A VAL A 1 7  ? 4.276   -3.414 5.262   0.50 12.99 ? 7   VAL A HG22 1 
ATOM   105 H HG22 B VAL A 1 7  ? 2.227   -4.654 3.684   0.50 13.53 ? 7   VAL A HG22 1 
ATOM   106 H HG23 A VAL A 1 7  ? 3.948   -3.741 3.763   0.50 12.99 ? 7   VAL A HG23 1 
ATOM   107 H HG23 B VAL A 1 7  ? 0.898   -3.821 3.659   0.50 13.53 ? 7   VAL A HG23 1 
HETATM 108 N N    . DVA A 1 8  ? 3.046   0.079  3.094   1.00 6.60  ? 8   DVA A N    1 
HETATM 109 C CA   . DVA A 1 8  ? 3.510   0.604  1.814   1.00 7.09  ? 8   DVA A CA   1 
HETATM 110 C CB   . DVA A 1 8  ? 4.962   1.120  1.928   1.00 8.69  ? 8   DVA A CB   1 
HETATM 111 C CG1  . DVA A 1 8  ? 5.818   -0.005 2.518   1.00 11.60 ? 8   DVA A CG1  1 
HETATM 112 C CG2  . DVA A 1 8  ? 5.550   1.675  0.658   1.00 10.77 ? 8   DVA A CG2  1 
HETATM 113 C C    . DVA A 1 8  ? 2.566   1.700  1.336   1.00 6.04  ? 8   DVA A C    1 
HETATM 114 O O    . DVA A 1 8  ? 2.247   2.656  2.012   1.00 7.59  ? 8   DVA A O    1 
HETATM 115 H H    . DVA A 1 8  ? 3.350   0.442  3.812   1.00 7.92  ? 8   DVA A H    1 
HETATM 116 H HA   . DVA A 1 8  ? 3.493   -0.124 1.158   1.00 8.51  ? 8   DVA A HA   1 
HETATM 117 H HB   . DVA A 1 8  ? 4.956   1.848  2.583   1.00 10.42 ? 8   DVA A HB   1 
HETATM 118 H HG11 . DVA A 1 8  ? 5.292   -0.804 2.590   1.00 17.40 ? 8   DVA A HG11 1 
HETATM 119 H HG12 . DVA A 1 8  ? 6.570   -0.168 1.944   1.00 17.40 ? 8   DVA A HG12 1 
HETATM 120 H HG13 . DVA A 1 8  ? 6.130   0.254  3.388   1.00 17.40 ? 8   DVA A HG13 1 
HETATM 121 H HG21 . DVA A 1 8  ? 4.938   1.531  -0.068  1.00 16.15 ? 8   DVA A HG21 1 
HETATM 122 H HG22 . DVA A 1 8  ? 5.706   2.616  0.763   1.00 16.15 ? 8   DVA A HG22 1 
HETATM 123 H HG23 . DVA A 1 8  ? 6.381   1.231  0.470   1.00 16.15 ? 8   DVA A HG23 1 
ATOM   124 N N    . TRP A 1 9  ? 2.128   1.545  0.073   1.00 8.24  ? 9   TRP A N    1 
ATOM   125 C CA   . TRP A 1 9  ? 1.206   2.491  -0.555  1.00 7.67  ? 9   TRP A CA   1 
ATOM   126 C C    . TRP A 1 9  ? 0.432   1.907  -1.683  1.00 8.63  ? 9   TRP A C    1 
ATOM   127 O O    . TRP A 1 9  ? 0.941   1.500  -2.704  1.00 15.00 ? 9   TRP A O    1 
ATOM   128 C CB   . TRP A 1 9  ? 2.027   3.683  -1.047  1.00 8.47  ? 9   TRP A CB   1 
ATOM   129 C CG   . TRP A 1 9  ? 1.206   4.857  -1.494  1.00 8.07  ? 9   TRP A CG   1 
ATOM   130 C CD1  . TRP A 1 9  ? 0.025   5.304  -1.000  1.00 10.08 ? 9   TRP A CD1  1 
ATOM   131 C CD2  . TRP A 1 9  ? 1.631   5.775  -2.508  1.00 9.90  ? 9   TRP A CD2  1 
ATOM   132 N NE1  . TRP A 1 9  ? -0.361  6.445  -1.690  1.00 12.45 ? 9   TRP A NE1  1 
ATOM   133 C CE2  . TRP A 1 9  ? 0.619   6.723  -2.606  1.00 12.39 ? 9   TRP A CE2  1 
ATOM   134 C CE3  . TRP A 1 9  ? 2.710   5.869  -3.383  1.00 10.53 ? 9   TRP A CE3  1 
ATOM   135 C CZ2  . TRP A 1 9  ? 0.673   7.782  -3.502  1.00 14.24 ? 9   TRP A CZ2  1 
ATOM   136 C CZ3  . TRP A 1 9  ? 2.769   6.919  -4.264  1.00 12.13 ? 9   TRP A CZ3  1 
ATOM   137 C CH2  . TRP A 1 9  ? 1.764   7.858  -4.307  1.00 15.23 ? 9   TRP A CH2  1 
ATOM   138 H H    . TRP A 1 9  ? 2.400   0.867  -0.380  1.00 9.88  ? 9   TRP A H    1 
ATOM   139 H HA   . TRP A 1 9  ? 0.574   2.807  0.125   1.00 9.21  ? 9   TRP A HA   1 
ATOM   140 H HB2  . TRP A 1 9  ? 2.616   3.971  -0.331  1.00 10.16 ? 9   TRP A HB2  1 
ATOM   141 H HB3  . TRP A 1 9  ? 2.582   3.393  -1.786  1.00 10.16 ? 9   TRP A HB3  1 
ATOM   142 H HD1  . TRP A 1 9  ? -0.452  4.908  -0.307  1.00 12.10 ? 9   TRP A HD1  1 
ATOM   143 H HE1  . TRP A 1 9  ? -1.083  6.896  -1.565  1.00 14.94 ? 9   TRP A HE1  1 
ATOM   144 H HE3  . TRP A 1 9  ? 3.383   5.226  -3.370  1.00 12.63 ? 9   TRP A HE3  1 
ATOM   145 H HZ2  . TRP A 1 9  ? -0.008  8.413  -3.549  1.00 17.09 ? 9   TRP A HZ2  1 
ATOM   146 H HZ3  . TRP A 1 9  ? 3.496   6.997  -4.838  1.00 14.55 ? 9   TRP A HZ3  1 
ATOM   147 H HH2  . TRP A 1 9  ? 1.834   8.566  -4.906  1.00 18.27 ? 9   TRP A HH2  1 
HETATM 148 N N    . DLE A 1 10 ? -0.879  2.066  -1.554  1.00 6.73  ? 10  DLE A N    1 
HETATM 149 C CA   . DLE A 1 10 ? -1.847  1.817  -2.625  1.00 7.47  ? 10  DLE A CA   1 
HETATM 150 C CB   . DLE A 1 10 ? -2.999  2.806  -2.491  1.00 8.23  ? 10  DLE A CB   1 
HETATM 151 C CG   . DLE A 1 10 ? -4.197  2.687  -3.390  1.00 9.09  ? 10  DLE A CG   1 
HETATM 152 C CD1  . DLE A 1 10 ? -5.363  3.469  -2.823  1.00 14.39 ? 10  DLE A CD1  1 
HETATM 153 C CD2  . DLE A 1 10 ? -3.792  3.113  -4.777  1.00 12.81 ? 10  DLE A CD2  1 
HETATM 154 C C    . DLE A 1 10 ? -2.325  0.387  -2.496  1.00 6.36  ? 10  DLE A C    1 
HETATM 155 O O    . DLE A 1 10 ? -2.814  -0.015 -1.441  1.00 7.49  ? 10  DLE A O    1 
HETATM 156 H H    . DLE A 1 10 ? -1.180  2.331  -0.792  1.00 8.07  ? 10  DLE A H    1 
HETATM 157 H HA   . DLE A 1 10 ? -1.410  1.940  -3.493  1.00 8.96  ? 10  DLE A HA   1 
HETATM 158 H HB2  . DLE A 1 10 ? -3.318  2.756  -1.577  1.00 9.87  ? 10  DLE A HB2  1 
HETATM 159 H HB3  . DLE A 1 10 ? -2.632  3.696  -2.614  1.00 9.87  ? 10  DLE A HB3  1 
HETATM 160 H HG   . DLE A 1 10 ? -4.455  1.743  -3.427  1.00 10.90 ? 10  DLE A HG   1 
HETATM 161 H HD11 . DLE A 1 10 ? -5.083  3.931  -2.030  1.00 21.58 ? 10  DLE A HD11 1 
HETATM 162 H HD12 . DLE A 1 10 ? -5.669  4.104  -3.474  1.00 21.58 ? 10  DLE A HD12 1 
HETATM 163 H HD13 . DLE A 1 10 ? -6.077  2.864  -2.605  1.00 21.58 ? 10  DLE A HD13 1 
HETATM 164 H HD21 . DLE A 1 10 ? -2.892  3.448  -4.758  1.00 19.22 ? 10  DLE A HD21 1 
HETATM 165 H HD22 . DLE A 1 10 ? -3.839  2.359  -5.369  1.00 19.22 ? 10  DLE A HD22 1 
HETATM 166 H HD23 . DLE A 1 10 ? -4.384  3.802  -5.086  1.00 19.22 ? 10  DLE A HD23 1 
ATOM   167 N N    A TYR A 1 11 ? -2.380  -0.352 -3.618  0.50 5.87  ? 11  TYR A N    1 
ATOM   168 C CA   A TYR A 1 11 ? -2.857  -1.729 -3.558  0.50 5.50  ? 11  TYR A CA   1 
ATOM   169 C C    A TYR A 1 11 ? -2.309  -2.471 -4.749  0.50 5.75  ? 11  TYR A C    1 
ATOM   170 O O    A TYR A 1 11 ? -2.698  -2.257 -5.878  0.50 6.62  ? 11  TYR A O    1 
ATOM   171 C CB   A TYR A 1 11 ? -4.373  -1.889 -3.433  0.50 6.49  ? 11  TYR A CB   1 
ATOM   172 C CG   A TYR A 1 11 ? -4.931  -3.290 -3.575  0.50 6.68  ? 11  TYR A CG   1 
ATOM   173 C CD1  A TYR A 1 11 ? -4.844  -4.223 -2.552  0.50 6.33  ? 11  TYR A CD1  1 
ATOM   174 C CD2  A TYR A 1 11 ? -5.563  -3.732 -4.742  0.50 7.66  ? 11  TYR A CD2  1 
ATOM   175 C CE1  A TYR A 1 11 ? -5.367  -5.496 -2.670  0.24 6.72  ? 11  TYR A CE1  1 
ATOM   176 C CE2  A TYR A 1 11 ? -6.079  -5.014 -4.880  0.50 7.79  ? 11  TYR A CE2  1 
ATOM   177 C CZ   A TYR A 1 11 ? -5.970  -5.915 -3.834  0.24 6.72  ? 11  TYR A CZ   1 
ATOM   178 O OH   A TYR A 1 11 ? -6.458  -7.191 -3.963  0.24 9.15  ? 11  TYR A OH   1 
ATOM   179 H H    A TYR A 1 11 ? -2.133  -0.014 -4.368  0.50 7.04  ? 11  TYR A H    1 
ATOM   180 H HA   A TYR A 1 11 ? -2.557  -2.155 -2.729  0.50 6.59  ? 11  TYR A HA   1 
ATOM   181 H HB2  A TYR A 1 11 ? -4.641  -1.545 -2.566  0.50 7.78  ? 11  TYR A HB2  1 
ATOM   182 H HB3  A TYR A 1 11 ? -4.791  -1.330 -4.106  0.50 7.78  ? 11  TYR A HB3  1 
ATOM   183 H HD1  A TYR A 1 11 ? -4.419  -3.983 -1.759  0.50 7.60  ? 11  TYR A HD1  1 
ATOM   184 H HD2  A TYR A 1 11 ? -5.641  -3.142 -5.457  0.24 9.19  ? 11  TYR A HD2  1 
ATOM   185 H HE1  A TYR A 1 11 ? -5.310  -6.081 -1.949  0.50 8.07  ? 11  TYR A HE1  1 
ATOM   186 H HE2  A TYR A 1 11 ? -6.495  -5.265 -5.673  0.24 9.35  ? 11  TYR A HE2  1 
ATOM   187 H HH   A TYR A 1 11 ? -6.975  -7.223 -4.600  0.24 13.72 ? 11  TYR A HH   1 
ATOM   188 N N    B TRP A 1 11 ? -2.380  -0.352 -3.618  0.50 5.87  ? 11  TRP A N    1 
ATOM   189 C CA   B TRP A 1 11 ? -2.857  -1.729 -3.558  0.50 5.50  ? 11  TRP A CA   1 
ATOM   190 C C    B TRP A 1 11 ? -2.309  -2.471 -4.749  0.50 5.75  ? 11  TRP A C    1 
ATOM   191 O O    B TRP A 1 11 ? -2.698  -2.257 -5.878  0.50 6.62  ? 11  TRP A O    1 
ATOM   192 C CB   B TRP A 1 11 ? -4.372  -1.798 -3.665  0.50 6.06  ? 11  TRP A CB   1 
ATOM   193 C CG   B TRP A 1 11 ? -4.888  -3.087 -3.113  0.50 6.48  ? 11  TRP A CG   1 
ATOM   194 C CD1  B TRP A 1 11 ? -4.283  -4.028 -2.367  0.50 6.82  ? 11  TRP A CD1  1 
ATOM   195 C CD2  B TRP A 1 11 ? -6.225  -3.506 -3.323  0.50 7.05  ? 11  TRP A CD2  1 
ATOM   196 N NE1  B TRP A 1 11 ? -5.135  -5.032 -2.067  0.76 6.88  ? 11  TRP A NE1  1 
ATOM   197 C CE2  B TRP A 1 11 ? -6.370  -4.733 -2.642  0.50 7.01  ? 11  TRP A CE2  1 
ATOM   198 C CE3  B TRP A 1 11 ? -7.309  -2.982 -3.994  0.76 10.57 ? 11  TRP A CE3  1 
ATOM   199 C CZ2  B TRP A 1 11 ? -7.589  -5.418 -2.610  0.76 12.13 ? 11  TRP A CZ2  1 
ATOM   200 C CZ3  B TRP A 1 11 ? -8.507  -3.661 -3.952  0.76 12.97 ? 11  TRP A CZ3  1 
ATOM   201 C CH2  B TRP A 1 11 ? -8.650  -4.893 -3.290  0.76 13.63 ? 11  TRP A CH2  1 
ATOM   202 H H    B TRP A 1 11 ? -2.133  -0.014 -4.368  0.50 7.04  ? 11  TRP A H    1 
ATOM   203 H HA   B TRP A 1 11 ? -2.557  -2.155 -2.729  0.50 6.59  ? 11  TRP A HA   1 
ATOM   204 H HB2  B TRP A 1 11 ? -4.764  -1.057 -3.176  0.50 7.28  ? 11  TRP A HB2  1 
ATOM   205 H HB3  B TRP A 1 11 ? -4.634  -1.716 -4.594  0.50 7.28  ? 11  TRP A HB3  1 
ATOM   206 H HD1  B TRP A 1 11 ? -3.395  -3.994 -2.093  0.50 8.18  ? 11  TRP A HD1  1 
ATOM   207 H HE1  B TRP A 1 11 ? -4.950  -5.732 -1.603  0.50 8.25  ? 11  TRP A HE1  1 
ATOM   208 H HE3  B TRP A 1 11 ? -7.233  -2.184 -4.466  0.76 12.68 ? 11  TRP A HE3  1 
ATOM   209 H HZ2  B TRP A 1 11 ? -7.675  -6.213 -2.137  0.76 14.56 ? 11  TRP A HZ2  1 
ATOM   210 H HZ3  B TRP A 1 11 ? -9.248  -3.293 -4.377  0.76 15.57 ? 11  TRP A HZ3  1 
ATOM   211 H HH2  B TRP A 1 11 ? -9.461  -5.347 -3.315  0.76 16.36 ? 11  TRP A HH2  1 
HETATM 212 N N    . DLE A 1 12 ? -1.316  -3.327 -4.397  1.00 5.65  ? 12  DLE A N    1 
HETATM 213 C CA   . DLE A 1 12 ? -0.743  -4.216 -5.386  1.00 4.76  ? 12  DLE A CA   1 
HETATM 214 C CB   . DLE A 1 12 ? -1.039  -5.675 -5.021  1.00 4.69  ? 12  DLE A CB   1 
HETATM 215 C CG   . DLE A 1 12 ? -2.504  -6.093 -5.161  1.00 5.30  ? 12  DLE A CG   1 
HETATM 216 C CD1  . DLE A 1 12 ? -2.927  -6.166 -6.617  1.00 6.83  ? 12  DLE A CD1  1 
HETATM 217 C CD2  . DLE A 1 12 ? -2.754  -7.447 -4.546  1.00 8.77  ? 12  DLE A CD2  1 
HETATM 218 C C    . DLE A 1 12 ? 0.776   -4.001 -5.511  1.00 4.42  ? 12  DLE A C    1 
HETATM 219 O O    . DLE A 1 12 ? 1.474   -3.856 -4.481  1.00 5.66  ? 12  DLE A O    1 
HETATM 220 H H    . DLE A 1 12 ? -1.027  -3.342 -3.587  1.00 6.78  ? 12  DLE A H    1 
HETATM 221 H HA   . DLE A 1 12 ? -1.157  -4.023 -6.254  1.00 5.71  ? 12  DLE A HA   1 
HETATM 222 H HB2  . DLE A 1 12 ? -0.498  -6.250 -5.585  1.00 5.62  ? 12  DLE A HB2  1 
HETATM 223 H HB3  . DLE A 1 12 ? -0.763  -5.824 -4.102  1.00 5.62  ? 12  DLE A HB3  1 
HETATM 224 H HG   . DLE A 1 12 ? -3.064  -5.433 -4.704  1.00 6.36  ? 12  DLE A HG   1 
HETATM 225 H HD11 . DLE A 1 12 ? -2.166  -6.004 -7.180  1.00 10.25 ? 12  DLE A HD11 1 
HETATM 226 H HD12 . DLE A 1 12 ? -3.284  -7.037 -6.804  1.00 10.25 ? 12  DLE A HD12 1 
HETATM 227 H HD13 . DLE A 1 12 ? -3.599  -5.502 -6.788  1.00 10.25 ? 12  DLE A HD13 1 
HETATM 228 H HD21 . DLE A 1 12 ? -1.920  -7.827 -4.260  1.00 13.16 ? 12  DLE A HD21 1 
HETATM 229 H HD22 . DLE A 1 12 ? -3.339  -7.352 -3.792  1.00 13.16 ? 12  DLE A HD22 1 
HETATM 230 H HD23 . DLE A 1 12 ? -3.161  -8.023 -5.197  1.00 13.16 ? 12  DLE A HD23 1 
ATOM   231 N N    . TRP A 1 13 ? 1.282   -4.031 -6.687  1.00 5.39  ? 13  TRP A N    1 
ATOM   232 C CA   . TRP A 1 13 ? 2.709   -3.996 -6.915  1.00 5.67  ? 13  TRP A CA   1 
ATOM   233 C C    . TRP A 1 13 ? 2.905   -3.732 -8.417  1.00 4.74  ? 13  TRP A C    1 
ATOM   234 O O    . TRP A 1 13 ? 2.778   -4.664 -9.190  1.00 5.95  ? 13  TRP A O    1 
ATOM   235 C CB   . TRP A 1 13 ? 3.331   -5.351 -6.555  1.00 5.66  ? 13  TRP A CB   1 
ATOM   236 C CG   . TRP A 1 13 ? 4.812   -5.318 -6.442  1.00 6.66  ? 13  TRP A CG   1 
ATOM   237 C CD1  . TRP A 1 13 ? 5.712   -5.334 -7.492  1.00 7.85  ? 13  TRP A CD1  1 
ATOM   238 C CD2  . TRP A 1 13 ? 5.655   -5.280 -5.272  1.00 6.34  ? 13  TRP A CD2  1 
ATOM   239 N NE1  . TRP A 1 13 ? 6.997   -5.299 -7.038  1.00 8.63  ? 13  TRP A NE1  1 
ATOM   240 C CE2  . TRP A 1 13 ? 6.989   -5.284 -5.660  1.00 7.64  ? 13  TRP A CE2  1 
ATOM   241 C CE3  . TRP A 1 13 ? 5.339   -5.266 -3.896  1.00 8.17  ? 13  TRP A CE3  1 
ATOM   242 C CZ2  . TRP A 1 13 ? 8.037   -5.232 -4.736  1.00 8.23  ? 13  TRP A CZ2  1 
ATOM   243 C CZ3  . TRP A 1 13 ? 6.382   -5.251 -3.001  1.00 9.35  ? 13  TRP A CZ3  1 
ATOM   244 C CH2  . TRP A 1 13 ? 7.714   -5.274 -3.409  1.00 10.38 ? 13  TRP A CH2  1 
ATOM   245 H H    . TRP A 1 13 ? 0.754   -4.074 -7.365  1.00 6.47  ? 13  TRP A H    1 
ATOM   246 H HA   . TRP A 1 13 ? 3.121   -3.280 -6.386  1.00 6.81  ? 13  TRP A HA   1 
ATOM   247 H HB2  . TRP A 1 13 ? 2.960   -5.651 -5.710  1.00 6.79  ? 13  TRP A HB2  1 
ATOM   248 H HB3  . TRP A 1 13 ? 3.084   -5.999 -7.233  1.00 6.79  ? 13  TRP A HB3  1 
ATOM   249 H HD1  . TRP A 1 13 ? 5.473   -5.364 -8.390  1.00 9.42  ? 13  TRP A HD1  1 
ATOM   250 H HE1  . TRP A 1 13 ? 7.701   -5.289 -7.533  1.00 10.36 ? 13  TRP A HE1  1 
ATOM   251 H HE3  . TRP A 1 13 ? 4.455   -5.267 -3.604  1.00 9.80  ? 13  TRP A HE3  1 
ATOM   252 H HZ2  . TRP A 1 13 ? 8.923   -5.172 -5.015  1.00 9.88  ? 13  TRP A HZ2  1 
ATOM   253 H HZ3  . TRP A 1 13 ? 6.192   -5.225 -2.091  1.00 11.22 ? 13  TRP A HZ3  1 
ATOM   254 H HH2  . TRP A 1 13 ? 8.390   -5.317 -2.771  1.00 12.46 ? 13  TRP A HH2  1 
HETATM 255 N N    . DLE A 1 14 ? 3.175   -2.469 -8.757  1.00 5.65  ? 14  DLE A N    1 
HETATM 256 C CA   . DLE A 1 14 ? 3.286   -2.051 -10.142 1.00 5.76  ? 14  DLE A CA   1 
HETATM 257 C CB   . DLE A 1 14 ? 4.680   -1.487 -10.481 1.00 6.14  ? 14  DLE A CB   1 
HETATM 258 C CG   . DLE A 1 14 ? 5.835   -2.419 -10.237 1.00 5.78  ? 14  DLE A CG   1 
HETATM 259 C CD1  . DLE A 1 14 ? 5.674   -3.731 -10.977 1.00 7.15  ? 14  DLE A CD1  1 
HETATM 260 C CD2  . DLE A 1 14 ? 7.124   -1.680 -10.596 1.00 7.73  ? 14  DLE A CD2  1 
HETATM 261 C C    . DLE A 1 14 ? 2.203   -1.047 -10.538 1.00 5.82  ? 14  DLE A C    1 
HETATM 262 O O    . DLE A 1 14 ? 1.823   -0.164 -9.767  1.00 6.82  ? 14  DLE A O    1 
HETATM 263 H H    . DLE A 1 14 ? 3.288   -1.885 -8.135  1.00 6.78  ? 14  DLE A H    1 
HETATM 264 H HA   . DLE A 1 14 ? 3.156   -2.849 -10.695 1.00 6.91  ? 14  DLE A HA   1 
HETATM 265 H HB2  . DLE A 1 14 ? 4.687   -1.230 -11.415 1.00 7.37  ? 14  DLE A HB2  1 
HETATM 266 H HB3  . DLE A 1 14 ? 4.820   -0.683 -9.956  1.00 7.37  ? 14  DLE A HB3  1 
HETATM 267 H HG   . DLE A 1 14 ? 5.862   -2.618 -9.278  1.00 6.93  ? 14  DLE A HG   1 
HETATM 268 H HD11 . DLE A 1 14 ? 5.118   -3.597 -11.749 1.00 10.72 ? 14  DLE A HD11 1 
HETATM 269 H HD12 . DLE A 1 14 ? 6.535   -4.050 -11.256 1.00 10.72 ? 14  DLE A HD12 1 
HETATM 270 H HD13 . DLE A 1 14 ? 5.266   -4.378 -10.397 1.00 10.72 ? 14  DLE A HD13 1 
HETATM 271 H HD21 . DLE A 1 14 ? 6.943   -1.036 -11.284 1.00 11.59 ? 14  DLE A HD21 1 
HETATM 272 H HD22 . DLE A 1 14 ? 7.463   -1.230 -9.818  1.00 11.59 ? 14  DLE A HD22 1 
HETATM 273 H HD23 . DLE A 1 14 ? 7.776   -2.310 -10.911 1.00 11.59 ? 14  DLE A HD23 1 
ATOM   274 N N    . TRP A 1 15 ? 1.783   -1.140 -11.783 1.00 5.71  ? 15  TRP A N    1 
ATOM   275 C CA   . TRP A 1 15 ? 0.751   -0.288 -12.336 1.00 5.77  ? 15  TRP A CA   1 
ATOM   276 C C    . TRP A 1 15 ? 0.065   -1.060 -13.495 1.00 6.34  ? 15  TRP A C    1 
ATOM   277 O O    . TRP A 1 15 ? 0.666   -1.150 -14.565 1.00 7.73  ? 15  TRP A O    1 
ATOM   278 C CB   . TRP A 1 15 ? 1.346   1.075  -12.833 1.00 7.30  ? 15  TRP A CB   1 
ATOM   279 C CG   . TRP A 1 15 ? 0.295   2.108  -12.967 1.00 10.29 ? 15  TRP A CG   1 
ATOM   280 C CD1  . TRP A 1 15 ? 0.218   3.173  -12.102 1.00 13.89 ? 15  TRP A CD1  1 
ATOM   281 C CD2  . TRP A 1 15 ? -0.760  2.224  -13.907 1.00 11.73 ? 15  TRP A CD2  1 
ATOM   282 N NE1  . TRP A 1 15 ? -0.831  3.973  -12.497 1.00 17.18 ? 15  TRP A NE1  1 
ATOM   283 C CE2  . TRP A 1 15 ? -1.453  3.412  -13.574 1.00 15.24 ? 15  TRP A CE2  1 
ATOM   284 C CE3  . TRP A 1 15 ? -1.225  1.524  -15.012 1.00 12.93 ? 15  TRP A CE3  1 
ATOM   285 C CZ2  . TRP A 1 15 ? -2.579  3.881  -14.253 1.00 17.44 ? 15  TRP A CZ2  1 
ATOM   286 C CZ3  . TRP A 1 15 ? -2.327  1.975  -15.672 1.00 12.80 ? 15  TRP A CZ3  1 
ATOM   287 C CH2  . TRP A 1 15 ? -3.017  3.150  -15.335 1.00 14.94 ? 15  TRP A CH2  1 
ATOM   288 H H    . TRP A 1 15 ? 2.137   -1.736 -12.291 1.00 6.86  ? 15  TRP A H    1 
ATOM   289 H HA   . TRP A 1 15 ? 0.085   -0.105 -11.640 1.00 6.92  ? 15  TRP A HA   1 
ATOM   290 H HB2  . TRP A 1 15 ? 2.018   1.380  -12.203 1.00 8.76  ? 15  TRP A HB2  1 
ATOM   291 H HB3  . TRP A 1 15 ? 1.778   0.942  -13.690 1.00 8.76  ? 15  TRP A HB3  1 
ATOM   292 H HD1  . TRP A 1 15 ? 0.778   3.327  -11.376 1.00 16.67 ? 15  TRP A HD1  1 
ATOM   293 H HE1  . TRP A 1 15 ? -1.059  4.713  -12.121 1.00 20.62 ? 15  TRP A HE1  1 
ATOM   294 H HE3  . TRP A 1 15 ? -0.788  0.755  -15.298 1.00 15.52 ? 15  TRP A HE3  1 
ATOM   295 H HZ2  . TRP A 1 15 ? -3.017  4.656  -13.984 1.00 20.92 ? 15  TRP A HZ2  1 
ATOM   296 H HZ3  . TRP A 1 15 ? -2.642  1.474  -16.389 1.00 15.36 ? 15  TRP A HZ3  1 
ATOM   297 H HH2  . TRP A 1 15 ? -3.752  3.429  -15.831 1.00 17.93 ? 15  TRP A HH2  1 
HETATM 298 C CA   A ETA A 1 16 ? -1.507  -2.769 -14.196 0.33 8.52  ? 16  ETA A CA   1 
HETATM 299 C CA   B ETA A 1 16 ? -1.950  -2.142 -14.273 0.33 8.61  ? 16  ETA A CA   1 
HETATM 300 C CA   C ETA A 1 16 ? -1.897  -2.447 -14.099 0.33 8.31  ? 16  ETA A CA   1 
HETATM 301 N N    A ETA A 1 16 ? -0.966  -1.815 -13.203 0.33 7.58  ? 16  ETA A N    1 
HETATM 302 N N    B ETA A 1 16 ? -1.157  -1.483 -13.242 0.33 7.45  ? 16  ETA A N    1 
HETATM 303 N N    C ETA A 1 16 ? -1.112  -1.591 -13.222 0.33 7.43  ? 16  ETA A N    1 
HETATM 304 C C    A ETA A 1 16 ? -2.662  -2.082 -14.930 0.33 10.20 ? 16  ETA A C    1 
HETATM 305 C C    B ETA A 1 16 ? -1.978  -3.652 -14.055 0.33 8.40  ? 16  ETA A C    1 
HETATM 306 C C    C ETA A 1 16 ? -3.343  -1.994 -14.298 0.33 10.08 ? 16  ETA A C    1 
HETATM 307 O O    A ETA A 1 16 ? -2.943  -2.787 -16.123 0.33 14.62 ? 16  ETA A O    1 
HETATM 308 O O    B ETA A 1 16 ? -3.040  -3.939 -13.144 0.33 10.90 ? 16  ETA A O    1 
HETATM 309 O O    C ETA A 1 16 ? -4.065  -2.074 -13.092 0.33 11.31 ? 16  ETA A O    1 
HETATM 310 H HA1  A ETA A 1 16 ? -1.826  -3.571 -13.750 0.33 10.23 ? 16  ETA A HA1  1 
HETATM 311 H HA1  B ETA A 1 16 ? -1.573  -1.948 -15.145 0.33 10.34 ? 16  ETA A HA1  1 
HETATM 312 H HA1  C ETA A 1 16 ? -1.901  -3.346 -13.733 0.33 9.97  ? 16  ETA A HA1  1 
HETATM 313 H HA2  A ETA A 1 16 ? -0.815  -3.024 -14.826 0.33 10.23 ? 16  ETA A HA2  1 
HETATM 314 H HA2  B ETA A 1 16 ? -2.856  -1.795 -14.255 0.33 10.34 ? 16  ETA A HA2  1 
HETATM 315 H HA2  C ETA A 1 16 ? -1.462  -2.485 -14.965 0.33 9.97  ? 16  ETA A HA2  1 
HETATM 316 H H    A ETA A 1 16 ? -1.332  -1.755 -12.426 0.33 9.09  ? 16  ETA A H    1 
HETATM 317 H H    B ETA A 1 16 ? -1.491  -1.369 -12.458 0.33 8.94  ? 16  ETA A H    1 
HETATM 318 H H    C ETA A 1 16 ? -1.448  -1.415 -12.450 0.33 8.92  ? 16  ETA A H    1 
HETATM 319 H HB1  A ETA A 1 16 ? -3.449  -2.067 -14.364 0.33 12.24 ? 16  ETA A HB1  1 
HETATM 320 H HB1  B ETA A 1 16 ? -2.128  -4.109 -14.897 0.33 10.08 ? 16  ETA A HB1  1 
HETATM 321 H HB1  C ETA A 1 16 ? -3.353  -1.080 -14.621 0.33 12.09 ? 16  ETA A HB1  1 
HETATM 322 H HB2  A ETA A 1 16 ? -2.419  -1.167 -15.140 0.33 12.24 ? 16  ETA A HB2  1 
HETATM 323 H HB2  B ETA A 1 16 ? -1.133  -3.953 -13.687 0.33 10.08 ? 16  ETA A HB2  1 
HETATM 324 H HB2  C ETA A 1 16 ? -3.769  -2.555 -14.966 0.33 12.09 ? 16  ETA A HB2  1 
HETATM 325 H HO   A ETA A 1 16 ? -3.289  -2.280 -16.665 0.33 21.94 ? 16  ETA A HO   1 
HETATM 326 H HO   B ETA A 1 16 ? -3.757  -3.735 -13.487 0.33 16.35 ? 16  ETA A HO   1 
HETATM 327 H HO   C ETA A 1 16 ? -4.844  -2.268 -13.252 0.33 16.97 ? 16  ETA A HO   1 
HETATM 328 C C    . FVA B 2 1  ? 2.886   -4.304 -13.953 1.00 6.06  ? 1   FVA B C    1 
HETATM 329 N N    . FVA B 2 1  ? 2.123   -3.139 -15.904 1.00 6.29  ? 1   FVA B N    1 
HETATM 330 O O    . FVA B 2 1  ? 2.435   -3.463 -13.167 1.00 7.58  ? 1   FVA B O    1 
HETATM 331 C CA   . FVA B 2 1  ? 3.270   -3.916 -15.386 1.00 6.02  ? 1   FVA B CA   1 
HETATM 332 C CB   . FVA B 2 1  ? 4.562   -3.094 -15.410 1.00 7.38  ? 1   FVA B CB   1 
HETATM 333 C CG1  . FVA B 2 1  ? 5.743   -3.949 -15.025 1.00 7.46  ? 1   FVA B CG1  1 
HETATM 334 C CG2  . FVA B 2 1  ? 4.816   -2.476 -16.774 1.00 9.22  ? 1   FVA B CG2  1 
HETATM 335 H H    . FVA B 2 1  ? 1.761   -2.537 -15.408 1.00 7.55  ? 1   FVA B H    1 
HETATM 336 H HA   . FVA B 2 1  ? 3.387   -4.727 -15.925 1.00 7.22  ? 1   FVA B HA   1 
HETATM 337 H HB   . FVA B 2 1  ? 4.480   -2.369 -14.754 1.00 8.85  ? 1   FVA B HB   1 
HETATM 338 H HG11 . FVA B 2 1  ? 5.454   -4.856 -14.902 1.00 11.20 ? 1   FVA B HG11 1 
HETATM 339 H HG12 . FVA B 2 1  ? 6.402   -3.915 -15.722 1.00 11.20 ? 1   FVA B HG12 1 
HETATM 340 H HG13 . FVA B 2 1  ? 6.123   -3.621 -14.207 1.00 11.20 ? 1   FVA B HG13 1 
HETATM 341 O O1   . FVA B 2 1  ? 2.044   -4.167 -17.915 1.00 10.40 ? 1   FVA B O1   1 
HETATM 342 H HG21 . FVA B 2 1  ? 4.124   -2.749 -17.381 1.00 13.84 ? 1   FVA B HG21 1 
HETATM 343 C CN   . FVA B 2 1  ? 1.646   -3.352 -17.112 1.00 7.49  ? 1   FVA B CN   1 
HETATM 344 H HG22 . FVA B 2 1  ? 4.816   -1.520 -16.697 1.00 13.84 ? 1   FVA B HG22 1 
HETATM 345 H HG23 . FVA B 2 1  ? 5.667   -2.772 -17.105 1.00 13.84 ? 1   FVA B HG23 1 
HETATM 346 H HN   . FVA B 2 1  ? 0.929   -2.824 -17.377 1.00 8.99  ? 1   FVA B HN   1 
ATOM   347 N N    . GLY B 2 2  ? 3.009   -5.572 -13.597 1.00 5.95  ? 2   GLY B N    1 
ATOM   348 C CA   . GLY B 2 2  ? 2.592   -5.976 -12.269 1.00 5.34  ? 2   GLY B CA   1 
ATOM   349 C C    . GLY B 2 2  ? 1.113   -5.936 -12.118 1.00 4.72  ? 2   GLY B C    1 
ATOM   350 O O    . GLY B 2 2  ? 0.368   -6.357 -13.042 1.00 7.36  ? 2   GLY B O    1 
ATOM   351 H H    . GLY B 2 2  ? 3.332   -6.148 -14.147 1.00 7.14  ? 2   GLY B H    1 
ATOM   352 H HA2  . GLY B 2 2  ? 2.906   -6.878 -12.096 1.00 6.41  ? 2   GLY B HA2  1 
ATOM   353 H HA3  . GLY B 2 2  ? 2.996   -5.388 -11.613 1.00 6.41  ? 2   GLY B HA3  1 
ATOM   354 N N    . ALA B 2 3  ? 0.589   -5.462 -11.016 1.00 5.97  ? 3   ALA B N    1 
ATOM   355 C CA   . ALA B 2 3  ? -0.809  -5.499 -10.774 1.00 6.09  ? 3   ALA B CA   1 
ATOM   356 C C    . ALA B 2 3  ? -1.215  -4.325 -9.860  1.00 5.66  ? 3   ALA B C    1 
ATOM   357 O O    . ALA B 2 3  ? -0.453  -3.939 -8.966  1.00 6.86  ? 3   ALA B O    1 
ATOM   358 C CB   . ALA B 2 3  ? -1.276  -6.797 -10.103 1.00 9.31  ? 3   ALA B CB   1 
ATOM   359 H H    . ALA B 2 3  ? 1.107   -5.117 -10.421 1.00 7.16  ? 3   ALA B H    1 
ATOM   360 H HA   . ALA B 2 3  ? -1.277  -5.404 -11.629 1.00 7.31  ? 3   ALA B HA   1 
ATOM   361 H HB1  . ALA B 2 3  ? -0.837  -6.895 -9.254  1.00 13.97 ? 3   ALA B HB1  1 
ATOM   362 H HB2  . ALA B 2 3  ? -2.226  -6.764 -9.969  1.00 13.97 ? 3   ALA B HB2  1 
ATOM   363 H HB3  . ALA B 2 3  ? -1.058  -7.544 -10.664 1.00 13.97 ? 3   ALA B HB3  1 
HETATM 364 N N    . DLE B 2 4  ? -2.445  -3.887 -10.003 1.00 5.71  ? 4   DLE B N    1 
HETATM 365 C CA   . DLE B 2 4  ? -3.009  -2.883 -9.158  1.00 5.57  ? 4   DLE B CA   1 
HETATM 366 C CB   . DLE B 2 4  ? -4.483  -2.668 -9.519  1.00 6.25  ? 4   DLE B CB   1 
HETATM 367 C CG   . DLE B 2 4  ? -5.436  -3.705 -8.951  1.00 7.99  ? 4   DLE B CG   1 
HETATM 368 C CD1  . DLE B 2 4  ? -5.655  -3.554 -7.450  1.00 11.58 ? 4   DLE B CD1  1 
HETATM 369 C CD2  . DLE B 2 4  ? -6.760  -3.571 -9.720  1.00 10.39 ? 4   DLE B CD2  1 
HETATM 370 C C    . DLE B 2 4  ? -2.280  -1.590 -9.382  1.00 5.89  ? 4   DLE B C    1 
HETATM 371 O O    . DLE B 2 4  ? -1.992  -1.180 -10.514 1.00 6.57  ? 4   DLE B O    1 
HETATM 372 H H    . DLE B 2 4  ? -2.931  -4.218 -10.632 1.00 6.85  ? 4   DLE B H    1 
HETATM 373 H HA   . DLE B 2 4  ? -2.931  -3.153 -8.220  1.00 6.68  ? 4   DLE B HA   1 
HETATM 374 H HB2  . DLE B 2 4  ? -4.754  -1.793 -9.202  1.00 7.50  ? 4   DLE B HB2  1 
HETATM 375 H HB3  . DLE B 2 4  ? -4.567  -2.668 -10.486 1.00 7.50  ? 4   DLE B HB3  1 
HETATM 376 H HG   . DLE B 2 4  ? -5.065  -4.596 -9.124  1.00 9.58  ? 4   DLE B HG   1 
HETATM 377 H HD11 . DLE B 2 4  ? -5.435  -2.658 -7.184  1.00 17.36 ? 4   DLE B HD11 1 
HETATM 378 H HD12 . DLE B 2 4  ? -6.574  -3.735 -7.242  1.00 17.36 ? 4   DLE B HD12 1 
HETATM 379 H HD13 . DLE B 2 4  ? -5.092  -4.174 -6.982  1.00 17.36 ? 4   DLE B HD13 1 
HETATM 380 H HD21 . DLE B 2 4  ? -6.702  -2.832 -10.331 1.00 15.59 ? 4   DLE B HD21 1 
HETATM 381 H HD22 . DLE B 2 4  ? -6.928  -4.379 -10.210 1.00 15.59 ? 4   DLE B HD22 1 
HETATM 382 H HD23 . DLE B 2 4  ? -7.476  -3.417 -9.100  1.00 15.59 ? 4   DLE B HD23 1 
ATOM   383 N N    . ALA B 2 5  ? -2.000  -0.845 -8.306  1.00 6.07  ? 5   ALA B N    1 
ATOM   384 C CA   . ALA B 2 5  ? -1.204  0.384  -8.407  1.00 6.10  ? 5   ALA B CA   1 
ATOM   385 C C    . ALA B 2 5  ? -0.541  0.615  -7.069  1.00 7.43  ? 5   ALA B C    1 
ATOM   386 O O    . ALA B 2 5  ? -1.258  0.766  -6.079  1.00 8.90  ? 5   ALA B O    1 
ATOM   387 C CB   . ALA B 2 5  ? -1.992  1.594  -8.823  1.00 9.00  ? 5   ALA B CB   1 
ATOM   388 H H    . ALA B 2 5  ? -2.295  -1.091 -7.536  1.00 7.29  ? 5   ALA B H    1 
ATOM   389 H HA   . ALA B 2 5  ? -0.500  0.236  -9.073  1.00 7.32  ? 5   ALA B HA   1 
ATOM   390 H HB1  . ALA B 2 5  ? -2.672  1.774  -8.170  1.00 13.50 ? 5   ALA B HB1  1 
ATOM   391 H HB2  . ALA B 2 5  ? -1.405  2.351  -8.889  1.00 13.50 ? 5   ALA B HB2  1 
ATOM   392 H HB3  . ALA B 2 5  ? -2.401  1.432  -9.676  1.00 13.50 ? 5   ALA B HB3  1 
HETATM 393 N N    . DVA B 2 6  ? 0.767   0.767  -7.067  1.00 8.00  ? 6   DVA B N    1 
HETATM 394 C CA   . DVA B 2 6  ? 1.460   1.076  -5.813  1.00 10.28 ? 6   DVA B CA   1 
HETATM 395 C CB   A DVA B 2 6  ? 2.103   2.451  -5.742  0.50 13.43 ? 6   DVA B CB   1 
HETATM 396 C CB   B DVA B 2 6  ? 2.143   2.450  -5.855  0.50 12.68 ? 6   DVA B CB   1 
HETATM 397 C CG1  A DVA B 2 6  ? 3.062   2.425  -6.927  0.50 12.96 ? 6   DVA B CG1  1 
HETATM 398 C CG1  B DVA B 2 6  ? 3.666   2.357  -5.913  0.50 10.93 ? 6   DVA B CG1  1 
HETATM 399 C CG2  A DVA B 2 6  ? 1.080   3.565  -5.800  0.50 16.66 ? 6   DVA B CG2  1 
HETATM 400 C CG2  B DVA B 2 6  ? 1.695   3.323  -7.023  0.50 12.03 ? 6   DVA B CG2  1 
HETATM 401 C C    . DVA B 2 6  ? 2.428   -0.044 -5.498  1.00 6.14  ? 6   DVA B C    1 
HETATM 402 O O    . DVA B 2 6  ? 2.965   -0.744 -6.355  1.00 6.38  ? 6   DVA B O    1 
HETATM 403 H H    . DVA B 2 6  ? 1.212   0.685  -7.798  1.00 9.60  ? 6   DVA B H    1 
HETATM 404 H HA   . DVA B 2 6  ? 0.779   1.055  -5.110  1.00 12.34 ? 6   DVA B HA   1 
HETATM 405 H HB   A DVA B 2 6  ? 2.617   2.525  -4.911  0.50 16.12 ? 6   DVA B HB   1 
HETATM 406 H HB   B DVA B 2 6  ? 1.909   2.921  -5.028  0.50 15.22 ? 6   DVA B HB   1 
HETATM 407 H HG11 A DVA B 2 6  ? 2.996   1.578  -7.374  0.50 19.44 ? 6   DVA B HG11 1 
HETATM 408 H HG11 B DVA B 2 6  ? 3.939   1.457  -5.719  0.50 16.40 ? 6   DVA B HG11 1 
HETATM 409 H HG12 A DVA B 2 6  ? 2.835   3.129  -7.539  0.50 19.44 ? 6   DVA B HG12 1 
HETATM 410 H HG12 B DVA B 2 6  ? 3.968   2.600  -6.792  0.50 16.40 ? 6   DVA B HG12 1 
HETATM 411 H HG13 A DVA B 2 6  ? 3.961   2.552  -6.613  0.50 19.44 ? 6   DVA B HG13 1 
HETATM 412 H HG13 B DVA B 2 6  ? 4.048   2.955  -5.267  0.50 16.40 ? 6   DVA B HG13 1 
HETATM 413 H HG21 A DVA B 2 6  ? 0.197   3.188  -5.809  0.50 24.98 ? 6   DVA B HG21 1 
HETATM 414 H HG21 B DVA B 2 6  ? 1.288   2.773  -7.696  0.50 18.05 ? 6   DVA B HG21 1 
HETATM 415 H HG22 A DVA B 2 6  ? 1.179   4.131  -5.030  0.50 24.98 ? 6   DVA B HG22 1 
HETATM 416 H HG22 B DVA B 2 6  ? 1.059   3.972  -6.713  0.50 18.05 ? 6   DVA B HG22 1 
HETATM 417 H HG23 A DVA B 2 6  ? 1.215   4.083  -6.597  0.50 24.98 ? 6   DVA B HG23 1 
HETATM 418 H HG23 B DVA B 2 6  ? 2.456   3.775  -7.396  0.50 18.05 ? 6   DVA B HG23 1 
ATOM   419 N N    . VAL B 2 7  ? 2.582   -0.205 -4.191  1.00 5.87  ? 7   VAL B N    1 
ATOM   420 C CA   . VAL B 2 7  ? 3.487   -1.190 -3.614  1.00 5.68  ? 7   VAL B CA   1 
ATOM   421 C C    . VAL B 2 7  ? 3.001   -1.413 -2.185  1.00 6.21  ? 7   VAL B C    1 
ATOM   422 O O    . VAL B 2 7  ? 3.375   -0.717 -1.242  1.00 10.43 ? 7   VAL B O    1 
ATOM   423 C CB   . VAL B 2 7  ? 4.921   -0.692 -3.726  1.00 6.75  ? 7   VAL B CB   1 
ATOM   424 C CG1  . VAL B 2 7  ? 5.079   0.722  -3.128  1.00 10.25 ? 7   VAL B CG1  1 
ATOM   425 C CG2  . VAL B 2 7  ? 5.923   -1.681 -3.178  1.00 11.19 ? 7   VAL B CG2  1 
ATOM   426 H H    . VAL B 2 7  ? 2.126   0.294  -3.660  1.00 7.05  ? 7   VAL B H    1 
ATOM   427 H HA   . VAL B 2 7  ? 3.402   -2.029 -4.113  1.00 6.81  ? 7   VAL B HA   1 
ATOM   428 H HB   . VAL B 2 7  ? 5.110   -0.609 -4.684  1.00 8.10  ? 7   VAL B HB   1 
ATOM   429 H HG11 . VAL B 2 7  ? 4.435   0.845  -2.426  1.00 15.37 ? 7   VAL B HG11 1 
ATOM   430 H HG12 . VAL B 2 7  ? 5.964   0.821  -2.770  1.00 15.37 ? 7   VAL B HG12 1 
ATOM   431 H HG13 . VAL B 2 7  ? 4.935   1.378  -3.813  1.00 15.37 ? 7   VAL B HG13 1 
ATOM   432 H HG21 . VAL B 2 7  ? 5.459   -2.394 -2.734  1.00 16.79 ? 7   VAL B HG21 1 
ATOM   433 H HG22 . VAL B 2 7  ? 6.446   -2.039 -3.899  1.00 16.79 ? 7   VAL B HG22 1 
ATOM   434 H HG23 . VAL B 2 7  ? 6.501   -1.237 -2.553  1.00 16.79 ? 7   VAL B HG23 1 
HETATM 435 N N    . DVA B 2 8  ? 2.232   -2.482 -2.026  1.00 5.52  ? 8   DVA B N    1 
HETATM 436 C CA   . DVA B 2 8  ? 1.716   -2.918 -0.734  1.00 5.76  ? 8   DVA B CA   1 
HETATM 437 C CB   A DVA B 2 8  ? 2.161   -4.322 -0.354  0.50 7.74  ? 8   DVA B CB   1 
HETATM 438 C CB   B DVA B 2 8  ? 2.278   -4.285 -0.337  0.50 8.38  ? 8   DVA B CB   1 
HETATM 439 C CG1  A DVA B 2 8  ? 1.770   -5.347 -1.365  0.50 7.46  ? 8   DVA B CG1  1 
HETATM 440 C CG1  B DVA B 2 8  ? 3.700   -4.000 0.192   0.50 6.94  ? 8   DVA B CG1  1 
HETATM 441 C CG2  A DVA B 2 8  ? 3.699   -4.344 -0.291  0.50 12.17 ? 8   DVA B CG2  1 
HETATM 442 C CG2  B DVA B 2 8  ? 1.461   -5.031 0.702   0.50 10.76 ? 8   DVA B CG2  1 
HETATM 443 C C    . DVA B 2 8  ? 0.198   -2.811 -0.674  1.00 4.31  ? 8   DVA B C    1 
HETATM 444 O O    . DVA B 2 8  ? -0.524  -3.111 -1.638  1.00 7.06  ? 8   DVA B O    1 
HETATM 445 H H    . DVA B 2 8  ? 2.026   -2.942 -2.723  1.00 6.62  ? 8   DVA B H    1 
HETATM 446 H HA   . DVA B 2 8  ? 2.076   -2.307 -0.057  1.00 6.92  ? 8   DVA B HA   1 
HETATM 447 H HB   A DVA B 2 8  ? 1.790   -4.561 0.521   0.50 9.29  ? 8   DVA B HB   1 
HETATM 448 H HB   B DVA B 2 8  ? 2.348   -4.841 -1.141  0.50 10.06 ? 8   DVA B HB   1 
HETATM 449 H HG11 A DVA B 2 8  ? 1.264   -4.928 -2.066  0.50 11.18 ? 8   DVA B HG11 1 
HETATM 450 H HG11 B DVA B 2 8  ? 3.649   -3.409 0.946   0.50 10.41 ? 8   DVA B HG11 1 
HETATM 451 H HG12 A DVA B 2 8  ? 2.559   -5.749 -1.736  0.50 11.18 ? 8   DVA B HG12 1 
HETATM 452 H HG12 B DVA B 2 8  ? 4.113   -4.825 0.459   0.50 10.41 ? 8   DVA B HG12 1 
HETATM 453 H HG13 A DVA B 2 8  ? 1.234   -6.023 -0.945  0.50 11.18 ? 8   DVA B HG13 1 
HETATM 454 H HG13 B DVA B 2 8  ? 4.223   -3.590 -0.502  0.50 10.41 ? 8   DVA B HG13 1 
HETATM 455 H HG21 A DVA B 2 8  ? 4.041   -3.479 -0.531  0.50 18.25 ? 8   DVA B HG21 1 
HETATM 456 H HG21 B DVA B 2 8  ? 0.572   -5.171 0.369   0.50 16.13 ? 8   DVA B HG21 1 
HETATM 457 H HG22 A DVA B 2 8  ? 3.979   -4.563 0.601   0.50 18.25 ? 8   DVA B HG22 1 
HETATM 458 H HG22 B DVA B 2 8  ? 1.872   -5.879 0.883   0.50 16.13 ? 8   DVA B HG22 1 
HETATM 459 H HG23 A DVA B 2 8  ? 4.034   -5.002 -0.904  0.50 18.25 ? 8   DVA B HG23 1 
HETATM 460 H HG23 B DVA B 2 8  ? 1.422   -4.514 1.510   0.50 16.13 ? 8   DVA B HG23 1 
ATOM   461 N N    . TRP B 2 9  ? -0.313  -2.404 0.471   1.00 4.64  ? 9   TRP B N    1 
ATOM   462 C CA   . TRP B 2 9  ? -1.739  -2.271 0.698   1.00 5.44  ? 9   TRP B CA   1 
ATOM   463 C C    . TRP B 2 9  ? -1.949  -1.278 1.839   1.00 5.18  ? 9   TRP B C    1 
ATOM   464 O O    . TRP B 2 9  ? -1.671  -1.527 3.028   1.00 5.97  ? 9   TRP B O    1 
ATOM   465 C CB   . TRP B 2 9  ? -2.351  -3.626 1.065   1.00 5.60  ? 9   TRP B CB   1 
ATOM   466 C CG   . TRP B 2 9  ? -3.841  -3.639 0.958   1.00 4.68  ? 9   TRP B CG   1 
ATOM   467 C CD1  . TRP B 2 9  ? -4.687  -2.657 0.607   1.00 5.84  ? 9   TRP B CD1  1 
ATOM   468 C CD2  . TRP B 2 9  ? -4.675  -4.804 1.156   1.00 6.13  ? 9   TRP B CD2  1 
ATOM   469 N NE1  . TRP B 2 9  ? -5.973  -3.050 0.632   1.00 6.43  ? 9   TRP B NE1  1 
ATOM   470 C CE2  . TRP B 2 9  ? -6.017  -4.401 0.922   1.00 6.26  ? 9   TRP B CE2  1 
ATOM   471 C CE3  . TRP B 2 9  ? -4.420  -6.141 1.451   1.00 6.76  ? 9   TRP B CE3  1 
ATOM   472 C CZ2  . TRP B 2 9  ? -7.054  -5.319 1.046   1.00 7.31  ? 9   TRP B CZ2  1 
ATOM   473 C CZ3  . TRP B 2 9  ? -5.436  -7.032 1.588   1.00 8.56  ? 9   TRP B CZ3  1 
ATOM   474 C CH2  . TRP B 2 9  ? -6.749  -6.602 1.363   1.00 8.81  ? 9   TRP B CH2  1 
ATOM   475 H H    . TRP B 2 9  ? 0.224   -2.208 1.114   1.00 5.57  ? 9   TRP B H    1 
ATOM   476 H HA   . TRP B 2 9  ? -2.167  -1.929 -0.114  1.00 6.53  ? 9   TRP B HA   1 
ATOM   477 H HB2  . TRP B 2 9  ? -1.988  -4.307 0.476   1.00 6.72  ? 9   TRP B HB2  1 
ATOM   478 H HB3  . TRP B 2 9  ? -2.098  -3.852 1.973   1.00 6.72  ? 9   TRP B HB3  1 
ATOM   479 H HD1  . TRP B 2 9  ? -4.413  -1.799 0.372   1.00 7.01  ? 9   TRP B HD1  1 
ATOM   480 H HE1  . TRP B 2 9  ? -6.654  -2.545 0.491   1.00 7.71  ? 9   TRP B HE1  1 
ATOM   481 H HE3  . TRP B 2 9  ? -3.542  -6.429 1.555   1.00 8.12  ? 9   TRP B HE3  1 
ATOM   482 H HZ2  . TRP B 2 9  ? -7.937  -5.059 0.913   1.00 8.77  ? 9   TRP B HZ2  1 
ATOM   483 H HZ3  . TRP B 2 9  ? -5.262  -7.913 1.827   1.00 10.27 ? 9   TRP B HZ3  1 
ATOM   484 H HH2  . TRP B 2 9  ? -7.440  -7.221 1.434   1.00 10.57 ? 9   TRP B HH2  1 
HETATM 485 N N    . DLE B 2 10 ? -2.414  -0.082 1.481   1.00 5.15  ? 10  DLE B N    1 
HETATM 486 C CA   . DLE B 2 10 ? -2.789  0.981  2.379   1.00 5.93  ? 10  DLE B CA   1 
HETATM 487 C CB   A DLE B 2 10 ? -4.232  1.409  2.208   0.50 5.54  ? 10  DLE B CB   1 
HETATM 488 C CB   B DLE B 2 10 ? -4.230  1.347  2.018   0.50 5.80  ? 10  DLE B CB   1 
HETATM 489 C CG   A DLE B 2 10 ? -5.204  0.468  2.915   0.50 5.59  ? 10  DLE B CG   1 
HETATM 490 C CG   B DLE B 2 10 ? -4.884  2.391  2.904   0.50 6.86  ? 10  DLE B CG   1 
HETATM 491 C CD1  A DLE B 2 10 ? -5.070  0.474  4.428   0.50 6.47  ? 10  DLE B CD1  1 
HETATM 492 C CD1  B DLE B 2 10 ? -6.204  2.857  2.297   0.50 11.83 ? 10  DLE B CD1  1 
HETATM 493 C CD2  A DLE B 2 10 ? -6.591  0.935  2.522   0.50 6.98  ? 10  DLE B CD2  1 
HETATM 494 C CD2  B DLE B 2 10 ? -5.104  1.821  4.290   0.50 8.80  ? 10  DLE B CD2  1 
HETATM 495 C C    . DLE B 2 10 ? -1.898  2.236  2.155   1.00 5.00  ? 10  DLE B C    1 
HETATM 496 O O    . DLE B 2 10 ? -1.671  2.675  1.053   1.00 6.33  ? 10  DLE B O    1 
HETATM 497 H H    . DLE B 2 10 ? -2.499  0.069  0.639   1.00 6.18  ? 10  DLE B H    1 
HETATM 498 H HA   . DLE B 2 10 ? -2.663  0.670  3.300   1.00 7.11  ? 10  DLE B HA   1 
HETATM 499 H HB2  A DLE B 2 10 ? -4.342  2.305  2.564   0.50 6.65  ? 10  DLE B HB2  1 
HETATM 500 H HB2  B DLE B 2 10 ? -4.244  1.670  1.103   0.50 6.96  ? 10  DLE B HB2  1 
HETATM 501 H HB3  A DLE B 2 10 ? -4.446  1.436  1.263   0.50 6.65  ? 10  DLE B HB3  1 
HETATM 502 H HB3  B DLE B 2 10 ? -4.767  0.539  2.048   0.50 6.96  ? 10  DLE B HB3  1 
HETATM 503 H HG   A DLE B 2 10 ? -5.066  -0.443 2.584   0.50 6.70  ? 10  DLE B HG   1 
HETATM 504 H HG   B DLE B 2 10 ? -4.283  3.162  2.975   0.50 8.24  ? 10  DLE B HG   1 
HETATM 505 H HD11 A DLE B 2 10 ? -4.379  1.088  4.686   0.50 9.70  ? 10  DLE B HD11 1 
HETATM 506 H HD11 B DLE B 2 10 ? -6.516  2.203  1.668   0.50 17.75 ? 10  DLE B HD11 1 
HETATM 507 H HD12 A DLE B 2 10 ? -5.903  0.745  4.822   0.50 9.70  ? 10  DLE B HD12 1 
HETATM 508 H HD12 B DLE B 2 10 ? -6.856  2.967  2.994   0.50 17.75 ? 10  DLE B HD12 1 
HETATM 509 H HD13 A DLE B 2 10 ? -4.844  -0.408 4.732   0.50 9.70  ? 10  DLE B HD13 1 
HETATM 510 H HD13 B DLE B 2 10 ? -6.072  3.695  1.849   0.50 17.75 ? 10  DLE B HD13 1 
HETATM 511 H HD21 A DLE B 2 10 ? -6.522  1.716  1.968   0.50 10.47 ? 10  DLE B HD21 1 
HETATM 512 H HD21 B DLE B 2 10 ? -5.185  0.866  4.234   0.50 13.21 ? 10  DLE B HD21 1 
HETATM 513 H HD22 A DLE B 2 10 ? -7.038  0.238  2.036   0.50 10.47 ? 10  DLE B HD22 1 
HETATM 514 H HD22 B DLE B 2 10 ? -4.358  2.047  4.851   0.50 13.21 ? 10  DLE B HD22 1 
HETATM 515 H HD23 A DLE B 2 10 ? -7.093  1.147  3.312   0.50 10.47 ? 10  DLE B HD23 1 
HETATM 516 H HD23 B DLE B 2 10 ? -5.908  2.189  4.663   0.50 13.21 ? 10  DLE B HD23 1 
ATOM   517 N N    . TRP B 2 11 ? -1.350  2.718  3.296   1.00 5.48  ? 11  TRP B N    1 
ATOM   518 C CA   . TRP B 2 11 ? -0.496  3.886  3.222   1.00 5.67  ? 11  TRP B CA   1 
ATOM   519 C C    . TRP B 2 11 ? 0.249   4.046  4.539   1.00 6.32  ? 11  TRP B C    1 
ATOM   520 O O    . TRP B 2 11 ? -0.386  4.464  5.545   1.00 6.11  ? 11  TRP B O    1 
ATOM   521 C CB   . TRP B 2 11 ? -1.289  5.181  2.965   1.00 6.19  ? 11  TRP B CB   1 
ATOM   522 C CG   . TRP B 2 11 ? -0.422  6.284  2.495   1.00 6.84  ? 11  TRP B CG   1 
ATOM   523 C CD1  . TRP B 2 11 ? 0.891   6.258  2.175   1.00 9.29  ? 11  TRP B CD1  1 
ATOM   524 C CD2  . TRP B 2 11 ? -0.815  7.608  2.228   1.00 8.57  ? 11  TRP B CD2  1 
ATOM   525 N NE1  . TRP B 2 11 ? 1.356   7.449  1.741   1.00 11.32 ? 11  TRP B NE1  1 
ATOM   526 C CE2  . TRP B 2 11 ? 0.292   8.329  1.756   1.00 10.23 ? 11  TRP B CE2  1 
ATOM   527 C CE3  . TRP B 2 11 ? -2.041  8.269  2.328   1.00 10.61 ? 11  TRP B CE3  1 
ATOM   528 C CZ2  . TRP B 2 11 ? 0.263   9.671  1.414   1.00 13.39 ? 11  TRP B CZ2  1 
ATOM   529 C CZ3  . TRP B 2 11 ? -2.109  9.595  1.991   1.00 13.31 ? 11  TRP B CZ3  1 
ATOM   530 C CH2  . TRP B 2 11 ? -0.957  10.278 1.525   1.00 13.48 ? 11  TRP B CH2  1 
ATOM   531 H H    . TRP B 2 11 ? -1.506  2.338  4.051   1.00 6.57  ? 11  TRP B H    1 
ATOM   532 H HA   . TRP B 2 11 ? 0.155   3.761  2.500   1.00 6.81  ? 11  TRP B HA   1 
ATOM   533 H HB2  . TRP B 2 11 ? -1.974  5.008  2.301   1.00 7.42  ? 11  TRP B HB2  1 
ATOM   534 H HB3  . TRP B 2 11 ? -1.731  5.452  3.785   1.00 7.42  ? 11  TRP B HB3  1 
ATOM   535 H HD1  . TRP B 2 11 ? 1.420   5.496  2.247   1.00 11.15 ? 11  TRP B HD1  1 
ATOM   536 H HE1  . TRP B 2 11 ? 2.162   7.627  1.501   1.00 13.58 ? 11  TRP B HE1  1 
ATOM   537 H HE3  . TRP B 2 11 ? -2.800  7.815  2.619   1.00 12.73 ? 11  TRP B HE3  1 
ATOM   538 H HZ2  . TRP B 2 11 ? 1.022   10.127 1.130   1.00 16.07 ? 11  TRP B HZ2  1 
ATOM   539 H HZ3  . TRP B 2 11 ? -2.916  10.051 2.068   1.00 15.97 ? 11  TRP B HZ3  1 
ATOM   540 H HH2  . TRP B 2 11 ? -1.035  11.173 1.285   1.00 16.18 ? 11  TRP B HH2  1 
HETATM 541 N N    . DLE B 2 12 ? 1.487   3.593  4.620   1.00 5.86  ? 12  DLE B N    1 
HETATM 542 C CA   . DLE B 2 12 ? 2.287   3.699  5.819   1.00 4.66  ? 12  DLE B CA   1 
HETATM 543 C CB   . DLE B 2 12 ? 3.526   4.549  5.563   1.00 7.03  ? 12  DLE B CB   1 
HETATM 544 C CG   . DLE B 2 12 ? 3.253   6.001  5.311   1.00 9.28  ? 12  DLE B CG   1 
HETATM 545 C CD1  . DLE B 2 12 ? 2.706   6.718  6.552   1.00 11.76 ? 12  DLE B CD1  1 
HETATM 546 C CD2  . DLE B 2 12 ? 4.547   6.675  4.893   1.00 14.69 ? 12  DLE B CD2  1 
HETATM 547 C C    . DLE B 2 12 ? 2.714   2.358  6.346   1.00 5.30  ? 12  DLE B C    1 
HETATM 548 O O    . DLE B 2 12 ? 3.218   1.497  5.633   1.00 5.39  ? 12  DLE B O    1 
HETATM 549 H H    . DLE B 2 12 ? 1.831   3.217  3.927   1.00 7.04  ? 12  DLE B H    1 
HETATM 550 H HA   . DLE B 2 12 ? 1.749   4.143  6.508   1.00 5.59  ? 12  DLE B HA   1 
HETATM 551 H HB2  . DLE B 2 12 ? 4.116   4.475  6.330   1.00 8.44  ? 12  DLE B HB2  1 
HETATM 552 H HB3  . DLE B 2 12 ? 3.996   4.186  4.796   1.00 8.44  ? 12  DLE B HB3  1 
HETATM 553 H HG   . DLE B 2 12 ? 2.602   6.082  4.583   1.00 11.14 ? 12  DLE B HG   1 
HETATM 554 H HD11 . DLE B 2 12 ? 2.957   6.230  7.339   1.00 17.65 ? 12  DLE B HD11 1 
HETATM 555 H HD12 . DLE B 2 12 ? 3.069   7.605  6.595   1.00 17.65 ? 12  DLE B HD12 1 
HETATM 556 H HD13 . DLE B 2 12 ? 1.748   6.767  6.497   1.00 17.65 ? 12  DLE B HD13 1 
HETATM 557 H HD21 . DLE B 2 12 ? 5.265   6.039  4.930   1.00 22.04 ? 12  DLE B HD21 1 
HETATM 558 H HD22 . DLE B 2 12 ? 4.460   7.008  3.997   1.00 22.04 ? 12  DLE B HD22 1 
HETATM 559 H HD23 . DLE B 2 12 ? 4.734   7.405  5.489   1.00 22.04 ? 12  DLE B HD23 1 
ATOM   560 N N    . TRP B 2 13 ? 2.560   2.183  7.633   1.00 5.74  ? 13  TRP B N    1 
ATOM   561 C CA   . TRP B 2 13 ? 3.044   0.995  8.353   1.00 5.05  ? 13  TRP B CA   1 
ATOM   562 C C    . TRP B 2 13 ? 2.298   0.859  9.672   1.00 4.84  ? 13  TRP B C    1 
ATOM   563 O O    . TRP B 2 13 ? 2.538   1.661  10.591  1.00 6.70  ? 13  TRP B O    1 
ATOM   564 C CB   . TRP B 2 13 ? 4.516   1.135  8.633   1.00 6.74  ? 13  TRP B CB   1 
ATOM   565 C CG   . TRP B 2 13 ? 5.129   0.044  9.464   1.00 6.97  ? 13  TRP B CG   1 
ATOM   566 C CD1  . TRP B 2 13 ? 5.847   0.232  10.609  1.00 8.20  ? 13  TRP B CD1  1 
ATOM   567 C CD2  . TRP B 2 13 ? 5.072   -1.384 9.231   1.00 6.90  ? 13  TRP B CD2  1 
ATOM   568 N NE1  . TRP B 2 13 ? 6.223   -0.970 11.115  1.00 8.85  ? 13  TRP B NE1  1 
ATOM   569 C CE2  . TRP B 2 13 ? 5.790   -1.961 10.293  1.00 7.74  ? 13  TRP B CE2  1 
ATOM   570 C CE3  . TRP B 2 13 ? 4.488   -2.200 8.248   1.00 7.33  ? 13  TRP B CE3  1 
ATOM   571 C CZ2  . TRP B 2 13 ? 5.923   -3.351 10.402  1.00 8.32  ? 13  TRP B CZ2  1 
ATOM   572 C CZ3  . TRP B 2 13 ? 4.634   -3.552 8.336   1.00 8.07  ? 13  TRP B CZ3  1 
ATOM   573 C CH2  . TRP B 2 13 ? 5.352   -4.087 9.411   1.00 9.10  ? 13  TRP B CH2  1 
ATOM   574 H H    . TRP B 2 13 ? 2.155   2.796  8.081   1.00 6.88  ? 13  TRP B H    1 
ATOM   575 H HA   . TRP B 2 13 ? 2.891   0.197  7.807   1.00 6.06  ? 13  TRP B HA   1 
ATOM   576 H HB2  . TRP B 2 13 ? 4.985   1.174  7.785   1.00 8.09  ? 13  TRP B HB2  1 
ATOM   577 H HB3  . TRP B 2 13 ? 4.662   1.981  9.084   1.00 8.09  ? 13  TRP B HB3  1 
ATOM   578 H HD1  . TRP B 2 13 ? 6.046   1.058  10.987  1.00 9.83  ? 13  TRP B HD1  1 
ATOM   579 H HE1  . TRP B 2 13 ? 6.666   -1.085 11.842  1.00 10.62 ? 13  TRP B HE1  1 
ATOM   580 H HE3  . TRP B 2 13 ? 4.008   -1.821 7.547   1.00 8.79  ? 13  TRP B HE3  1 
ATOM   581 H HZ2  . TRP B 2 13 ? 6.376   -3.747 11.112  1.00 9.99  ? 13  TRP B HZ2  1 
ATOM   582 H HZ3  . TRP B 2 13 ? 4.262   -4.110 7.691   1.00 9.68  ? 13  TRP B HZ3  1 
ATOM   583 H HH2  . TRP B 2 13 ? 5.445   -5.011 9.451   1.00 10.93 ? 13  TRP B HH2  1 
HETATM 584 N N    . DLE B 2 14 ? 1.434   -0.127 9.796   1.00 5.84  ? 14  DLE B N    1 
HETATM 585 C CA   . DLE B 2 14 ? 0.739   -0.477 11.023  1.00 5.86  ? 14  DLE B CA   1 
HETATM 586 C CB   . DLE B 2 14 ? 0.804   -1.975 11.234  1.00 7.62  ? 14  DLE B CB   1 
HETATM 587 C CG   . DLE B 2 14 ? 2.200   -2.551 11.401  1.00 8.10  ? 14  DLE B CG   1 
HETATM 588 C CD1  . DLE B 2 14 ? 2.929   -1.996 12.561  1.00 11.13 ? 14  DLE B CD1  1 
HETATM 589 C CD2  . DLE B 2 14 ? 2.109   -4.081 11.447  1.00 12.86 ? 14  DLE B CD2  1 
HETATM 590 C C    . DLE B 2 14 ? -0.710  -0.052 10.979  1.00 4.98  ? 14  DLE B C    1 
HETATM 591 O O    . DLE B 2 14 ? -1.456  -0.365 10.066  1.00 5.51  ? 14  DLE B O    1 
HETATM 592 H H    . DLE B 2 14 ? 1.269   -0.600 9.097   1.00 7.01  ? 14  DLE B H    1 
HETATM 593 H HA   . DLE B 2 14 ? 1.179   -0.031 11.776  1.00 7.03  ? 14  DLE B HA   1 
HETATM 594 H HB2  . DLE B 2 14 ? 0.285   -2.196 12.024  1.00 9.15  ? 14  DLE B HB2  1 
HETATM 595 H HB3  . DLE B 2 14 ? 0.381   -2.410 10.478  1.00 9.15  ? 14  DLE B HB3  1 
HETATM 596 H HG   . DLE B 2 14 ? 2.709   -2.316 10.598  1.00 9.72  ? 14  DLE B HG   1 
HETATM 597 H HD11 . DLE B 2 14 ? 2.301   -1.735 13.237  1.00 16.69 ? 14  DLE B HD11 1 
HETATM 598 H HD12 . DLE B 2 14 ? 3.522   -2.663 12.915  1.00 16.69 ? 14  DLE B HD12 1 
HETATM 599 H HD13 . DLE B 2 14 ? 3.437   -1.231 12.282  1.00 16.69 ? 14  DLE B HD13 1 
HETATM 600 H HD21 . DLE B 2 14 ? 1.268   -4.338 11.834  1.00 19.29 ? 14  DLE B HD21 1 
HETATM 601 H HD22 . DLE B 2 14 ? 2.172   -4.432 10.556  1.00 19.29 ? 14  DLE B HD22 1 
HETATM 602 H HD23 . DLE B 2 14 ? 2.826   -4.428 11.981  1.00 19.29 ? 14  DLE B HD23 1 
ATOM   603 N N    . TRP B 2 15 ? -1.135  0.624  12.026  1.00 6.47  ? 15  TRP B N    1 
ATOM   604 C CA   . TRP B 2 15 ? -2.536  0.966  12.228  1.00 5.15  ? 15  TRP B CA   1 
ATOM   605 C C    . TRP B 2 15 ? -2.549  2.174  13.186  1.00 6.79  ? 15  TRP B C    1 
ATOM   606 O O    . TRP B 2 15 ? -2.709  1.996  14.376  1.00 8.24  ? 15  TRP B O    1 
ATOM   607 C CB   . TRP B 2 15 ? -3.287  -0.222 12.795  1.00 6.94  ? 15  TRP B CB   1 
ATOM   608 C CG   . TRP B 2 15 ? -4.757  -0.005 12.734  1.00 7.00  ? 15  TRP B CG   1 
ATOM   609 C CD1  . TRP B 2 15 ? -5.519  0.479  13.782  1.00 10.46 ? 15  TRP B CD1  1 
ATOM   610 C CD2  . TRP B 2 15 ? -5.670  -0.191 11.662  1.00 8.02  ? 15  TRP B CD2  1 
ATOM   611 N NE1  . TRP B 2 15 ? -6.831  0.575  13.367  1.00 12.06 ? 15  TRP B NE1  1 
ATOM   612 C CE2  . TRP B 2 15 ? -6.975  0.169  12.076  1.00 9.39  ? 15  TRP B CE2  1 
ATOM   613 C CE3  . TRP B 2 15 ? -5.489  -0.636 10.348  1.00 7.65  ? 15  TRP B CE3  1 
ATOM   614 C CZ2  . TRP B 2 15 ? -8.089  0.083  11.217  1.00 10.03 ? 15  TRP B CZ2  1 
ATOM   615 C CZ3  . TRP B 2 15 ? -6.599  -0.731 9.524   1.00 9.08  ? 15  TRP B CZ3  1 
ATOM   616 C CH2  . TRP B 2 15 ? -7.870  -0.371 9.964   1.00 10.01 ? 15  TRP B CH2  1 
ATOM   617 H H    . TRP B 2 15 ? -0.560  0.876  12.616  1.00 7.77  ? 15  TRP B H    1 
ATOM   618 H HA   . TRP B 2 15 ? -2.935  1.226  11.371  1.00 6.18  ? 15  TRP B HA   1 
ATOM   619 H HB2  . TRP B 2 15 ? -3.057  -1.019 12.290  1.00 8.33  ? 15  TRP B HB2  1 
ATOM   620 H HB3  . TRP B 2 15 ? -3.019  -0.363 13.716  1.00 8.33  ? 15  TRP B HB3  1 
ATOM   621 H HD1  . TRP B 2 15 ? -5.199  0.703  14.626  1.00 12.56 ? 15  TRP B HD1  1 
ATOM   622 H HE1  . TRP B 2 15 ? -7.477  0.854  13.863  1.00 14.48 ? 15  TRP B HE1  1 
ATOM   623 H HE3  . TRP B 2 15 ? -4.643  -0.864 10.034  1.00 9.18  ? 15  TRP B HE3  1 
ATOM   624 H HZ2  . TRP B 2 15 ? -8.940  0.328  11.502  1.00 12.04 ? 15  TRP B HZ2  1 
ATOM   625 H HZ3  . TRP B 2 15 ? -6.492  -1.042 8.655   1.00 10.90 ? 15  TRP B HZ3  1 
ATOM   626 H HH2  . TRP B 2 15 ? -8.589  -0.445 9.377   1.00 12.01 ? 15  TRP B HH2  1 
HETATM 627 C CA   A ETA B 2 16 ? -1.878  4.563  13.367  0.33 7.67  ? 16  ETA B CA   1 
HETATM 628 C CA   B ETA B 2 16 ? -2.068  4.663  13.047  0.33 7.98  ? 16  ETA B CA   1 
HETATM 629 C CA   C ETA B 2 16 ? -2.413  4.515  13.663  0.33 8.58  ? 16  ETA B CA   1 
HETATM 630 N N    A ETA B 2 16 ? -2.214  3.349  12.635  0.33 7.58  ? 16  ETA B N    1 
HETATM 631 N N    B ETA B 2 16 ? -2.371  3.340  12.568  0.33 7.75  ? 16  ETA B N    1 
HETATM 632 N N    C ETA B 2 16 ? -2.402  3.410  12.688  0.33 7.77  ? 16  ETA B N    1 
HETATM 633 C C    A ETA B 2 16 ? -2.942  5.615  13.105  0.33 7.91  ? 16  ETA B C    1 
HETATM 634 C C    B ETA B 2 16 ? -2.904  5.750  12.388  0.33 8.30  ? 16  ETA B C    1 
HETATM 635 C C    C ETA B 2 16 ? -1.714  5.737  13.063  0.33 8.61  ? 16  ETA B C    1 
HETATM 636 O O    A ETA B 2 16 ? -3.064  5.906  11.723  0.33 11.04 ? 16  ETA B O    1 
HETATM 637 O O    B ETA B 2 16 ? -4.201  5.687  12.946  0.33 9.01  ? 16  ETA B O    1 
HETATM 638 O O    C ETA B 2 16 ? -2.227  6.874  13.733  0.33 13.53 ? 16  ETA B O    1 
HETATM 639 H HA1  A ETA B 2 16 ? -1.012  4.891  13.080  0.33 9.21  ? 16  ETA B HA1  1 
HETATM 640 H HA1  B ETA B 2 16 ? -1.129  4.848  12.886  0.33 9.57  ? 16  ETA B HA1  1 
HETATM 641 H HA1  C ETA B 2 16 ? -1.956  4.241  14.475  0.33 10.29 ? 16  ETA B HA1  1 
HETATM 642 H HA2  A ETA B 2 16 ? -1.831  4.372  14.317  0.33 9.21  ? 16  ETA B HA2  1 
HETATM 643 H HA2  B ETA B 2 16 ? -2.214  4.692  14.005  0.33 9.57  ? 16  ETA B HA2  1 
HETATM 644 H HA2  C ETA B 2 16 ? -3.329  4.741  13.892  0.33 10.29 ? 16  ETA B HA2  1 
HETATM 645 H H    A ETA B 2 16 ? -2.197  3.389  11.776  0.33 9.09  ? 16  ETA B H    1 
HETATM 646 H H    B ETA B 2 16 ? -2.454  3.293  11.714  0.33 9.30  ? 16  ETA B H    1 
HETATM 647 H H    C ETA B 2 16 ? -2.307  3.551  11.846  0.33 9.32  ? 16  ETA B H    1 
HETATM 648 H HB1  A ETA B 2 16 ? -3.794  5.300  13.442  0.33 9.49  ? 16  ETA B HB1  1 
HETATM 649 H HB1  B ETA B 2 16 ? -2.511  6.621  12.552  0.33 9.96  ? 16  ETA B HB1  1 
HETATM 650 H HB1  C ETA B 2 16 ? -0.755  5.674  13.192  0.33 10.34 ? 16  ETA B HB1  1 
HETATM 651 H HB2  A ETA B 2 16 ? -2.713  6.428  13.583  0.33 9.49  ? 16  ETA B HB2  1 
HETATM 652 H HB2  B ETA B 2 16 ? -2.945  5.606  11.430  0.33 9.96  ? 16  ETA B HB2  1 
HETATM 653 H HB2  C ETA B 2 16 ? -1.895  5.795  12.112  0.33 10.34 ? 16  ETA B HB2  1 
HETATM 654 H HO   A ETA B 2 16 ? -3.648  6.470  11.613  0.33 16.56 ? 16  ETA B HO   1 
HETATM 655 H HO   B ETA B 2 16 ? -4.736  6.038  12.433  0.33 13.51 ? 16  ETA B HO   1 
HETATM 656 H HO   C ETA B 2 16 ? -3.041  6.901  13.642  0.33 20.30 ? 16  ETA B HO   1 
HETATM 657 C C    . MOH C 3 .  ? 3.471   4.562  18.126  1.00 20.13 ? 501 MOH A C    1 
HETATM 658 O O    . MOH C 3 .  ? 3.840   3.507  17.216  1.00 13.36 ? 501 MOH A O    1 
HETATM 659 H H1   . MOH C 3 .  ? 4.238   5.107  18.312  1.00 30.20 ? 501 MOH A H1   1 
HETATM 660 H H2   . MOH C 3 .  ? 3.144   4.179  18.943  1.00 30.20 ? 501 MOH A H2   1 
HETATM 661 H H3   . MOH C 3 .  ? 2.784   5.101  17.727  1.00 30.20 ? 501 MOH A H3   1 
HETATM 662 H HO   . MOH C 3 .  ? 3.337   2.867  17.320  1.00 20.04 ? 501 MOH A HO   1 
HETATM 663 C C    . MOH D 3 .  ? 9.731   -4.585 -9.444  1.00 12.49 ? 502 MOH A C    1 
HETATM 664 O O    . MOH D 3 .  ? 9.142   -5.739 -8.786  1.00 12.15 ? 502 MOH A O    1 
HETATM 665 H H1   . MOH D 3 .  ? 9.522   -4.609 -10.380 1.00 18.73 ? 502 MOH A H1   1 
HETATM 666 H H2   . MOH D 3 .  ? 10.684  -4.603 -9.329  1.00 18.73 ? 502 MOH A H2   1 
HETATM 667 H H3   . MOH D 3 .  ? 9.377   -3.781 -9.057  1.00 18.73 ? 502 MOH A H3   1 
HETATM 668 H HO   . MOH D 3 .  ? 8.810   -6.234 -9.349  1.00 18.23 ? 502 MOH A HO   1 
HETATM 669 C C    . MOH E 3 .  ? -4.836  5.471  5.503   1.00 20.20 ? 505 MOH A C    1 
HETATM 670 O O    . MOH E 3 .  ? -4.826  6.840  5.070   1.00 23.03 ? 505 MOH A O    1 
HETATM 671 H H1   . MOH E 3 .  ? -5.217  4.920  4.817   1.00 30.30 ? 505 MOH A H1   1 
HETATM 672 H H2   . MOH E 3 .  ? -5.359  5.392  6.305   1.00 30.30 ? 505 MOH A H2   1 
HETATM 673 H H3   . MOH E 3 .  ? -3.936  5.185  5.680   1.00 30.30 ? 505 MOH A H3   1 
HETATM 674 H HO   . MOH E 3 .  ? -5.082  7.323  5.681   1.00 34.54 ? 505 MOH A HO   1 
HETATM 675 C C    . MOH F 3 .  ? 5.750   5.731  14.953  1.00 32.38 ? 506 MOH A C    1 
HETATM 676 O O    . MOH F 3 .  ? 5.788   4.339  15.320  1.00 31.51 ? 506 MOH A O    1 
HETATM 677 H H1   . MOH F 3 .  ? 6.068   5.834  14.053  1.00 48.57 ? 506 MOH A H1   1 
HETATM 678 H H2   . MOH F 3 .  ? 6.308   6.235  15.549  1.00 48.57 ? 506 MOH A H2   1 
HETATM 679 H H3   . MOH F 3 .  ? 4.847   6.053  15.012  1.00 48.57 ? 506 MOH A H3   1 
HETATM 680 H HO   . MOH F 3 .  ? 5.847   4.272  16.135  1.00 47.26 ? 506 MOH A HO   1 
HETATM 681 C C    . MOH G 3 .  ? -4.430  1.728  21.503  1.00 22.59 ? 508 MOH A C    1 
HETATM 682 O O    . MOH G 3 .  ? -4.556  2.890  20.673  1.00 21.48 ? 508 MOH A O    1 
HETATM 683 H H1   . MOH G 3 .  ? -4.848  0.979  21.070  1.00 33.88 ? 508 MOH A H1   1 
HETATM 684 H H2   . MOH G 3 .  ? -4.859  1.889  22.347  1.00 33.88 ? 508 MOH A H2   1 
HETATM 685 H H3   . MOH G 3 .  ? -3.501  1.537  21.648  1.00 33.88 ? 508 MOH A H3   1 
HETATM 686 H HO   . MOH G 3 .  ? -5.299  2.900  20.327  1.00 32.23 ? 508 MOH A HO   1 
HETATM 687 C C    A MOH H 3 .  ? -2.777  7.717  -2.416  0.50 12.10 ? 515 MOH A C    1 
HETATM 688 C C    B MOH H 3 .  ? -3.783  8.092  -2.159  0.50 14.75 ? 515 MOH A C    1 
HETATM 689 O O    A MOH H 3 .  ? -3.657  7.462  -3.514  0.50 20.02 ? 515 MOH A O    1 
HETATM 690 O O    B MOH H 3 .  ? -2.775  7.832  -1.147  0.50 12.38 ? 515 MOH A O    1 
HETATM 691 H H1   A MOH H 3 .  ? -2.071  7.067  -2.414  0.50 18.15 ? 515 MOH A H1   1 
HETATM 692 H H1   B MOH H 3 .  ? -3.789  9.028  -2.371  0.50 22.13 ? 515 MOH A H1   1 
HETATM 693 H H2   A MOH H 3 .  ? -3.268  7.658  -1.593  0.50 18.15 ? 515 MOH A H2   1 
HETATM 694 H H2   B MOH H 3 .  ? -4.646  7.834  -1.826  0.50 22.13 ? 515 MOH A H2   1 
HETATM 695 H H3   A MOH H 3 .  ? -2.403  8.597  -2.503  0.50 18.15 ? 515 MOH A H3   1 
HETATM 696 H H3   B MOH H 3 .  ? -3.581  7.586  -2.949  0.50 22.13 ? 515 MOH A H3   1 
HETATM 697 H HO   A MOH H 3 .  ? -3.899  6.679  -3.494  0.50 30.03 ? 515 MOH A HO   1 
HETATM 698 H HO   B MOH H 3 .  ? -3.071  7.297  -0.598  0.50 18.57 ? 515 MOH A HO   1 
HETATM 699 C C    A MOH I 3 .  ? -4.242  -5.693 -11.702 0.50 11.58 ? 516 MOH A C    1 
HETATM 700 C C    C MOH I 3 .  ? -4.132  -5.089 -12.162 0.50 9.56  ? 516 MOH A C    1 
HETATM 701 O O    A MOH I 3 .  ? -3.838  -4.623 -12.519 0.50 12.89 ? 516 MOH A O    1 
HETATM 702 O O    C MOH I 3 .  ? -5.001  -4.603 -13.197 0.50 15.88 ? 516 MOH A O    1 
HETATM 703 H H1   A MOH I 3 .  ? -5.198  -5.772 -11.729 0.50 17.37 ? 516 MOH A H1   1 
HETATM 704 H H1   C MOH I 3 .  ? -3.245  -4.753 -12.304 0.50 14.34 ? 516 MOH A H1   1 
HETATM 705 H H2   A MOH I 3 .  ? -3.960  -5.530 -10.800 0.50 17.37 ? 516 MOH A H2   1 
HETATM 706 H H2   C MOH I 3 .  ? -4.118  -6.049 -12.181 0.50 14.34 ? 516 MOH A H2   1 
HETATM 707 H H3   A MOH I 3 .  ? -3.844  -6.506 -12.020 0.50 17.37 ? 516 MOH A H3   1 
HETATM 708 H H3   C MOH I 3 .  ? -4.455  -4.792 -11.308 0.50 14.34 ? 516 MOH A H3   1 
HETATM 709 H HO   A MOH I 3 .  ? -3.045  -4.462 -12.386 0.50 19.33 ? 516 MOH A HO   1 
HETATM 710 H HO   C MOH I 3 .  ? -4.927  -5.078 -13.862 0.50 23.82 ? 516 MOH A HO   1 
HETATM 711 C C    A MOH J 3 .  ? 6.268   1.543  15.887  0.50 26.07 ? 518 MOH A C    1 
HETATM 712 C C    B MOH J 3 .  ? 5.762   0.733  14.912  0.50 25.59 ? 518 MOH A C    1 
HETATM 713 O O    A MOH J 3 .  ? 6.058   2.101  14.582  0.50 28.52 ? 518 MOH A O    1 
HETATM 714 O O    B MOH J 3 .  ? 6.167   0.490  16.264  0.50 25.80 ? 518 MOH A O    1 
HETATM 715 H H1   A MOH J 3 .  ? 6.845   2.120  16.393  0.50 39.11 ? 518 MOH A H1   1 
HETATM 716 H H1   B MOH J 3 .  ? 6.485   1.140  14.429  0.50 38.38 ? 518 MOH A H1   1 
HETATM 717 H H2   A MOH J 3 .  ? 6.675   0.678  15.804  0.50 39.11 ? 518 MOH A H2   1 
HETATM 718 H H2   B MOH J 3 .  ? 5.003   1.321  14.906  0.50 38.38 ? 518 MOH A H2   1 
HETATM 719 H H3   A MOH J 3 .  ? 5.425   1.458  16.339  0.50 39.11 ? 518 MOH A H3   1 
HETATM 720 H H3   B MOH J 3 .  ? 5.526   -0.098 14.494  0.50 38.38 ? 518 MOH A H3   1 
HETATM 721 H HO   A MOH J 3 .  ? 6.656   1.853  14.079  0.50 42.78 ? 518 MOH A HO   1 
HETATM 722 H HO   B MOH J 3 .  ? 6.978   0.371  16.289  0.50 38.70 ? 518 MOH A HO   1 
HETATM 723 C C    A MOH K 3 .  ? -1.314  4.015  21.616  0.25 5.93  ? 519 MOH A C    1 
HETATM 724 C C    B MOH K 3 .  ? -0.133  3.628  22.277  0.25 18.44 ? 519 MOH A C    1 
HETATM 725 C C    C MOH K 3 .  ? 1.439   4.002  20.267  0.25 22.86 ? 519 MOH A C    1 
HETATM 726 C C    D MOH K 3 .  ? -1.483  3.034  21.898  0.25 14.68 ? 519 MOH A C    1 
HETATM 727 O O    A MOH K 3 .  ? -1.944  3.084  20.728  0.25 5.67  ? 519 MOH A O    1 
HETATM 728 O O    B MOH K 3 .  ? 0.693   3.934  21.152  0.25 23.85 ? 519 MOH A O    1 
HETATM 729 O O    C MOH K 3 .  ? 0.058   4.420  20.262  0.25 21.84 ? 519 MOH A O    1 
HETATM 730 O O    D MOH K 3 .  ? -1.752  3.326  20.521  0.25 14.79 ? 519 MOH A O    1 
HETATM 731 H H1   A MOH K 3 .  ? -0.526  3.615  21.993  0.25 8.90  ? 519 MOH A H1   1 
HETATM 732 H H1   B MOH K 3 .  ? 0.087   2.753  22.608  0.25 27.66 ? 519 MOH A H1   1 
HETATM 733 H H1   C MOH K 3 .  ? 1.500   3.096  19.956  0.25 34.30 ? 519 MOH A H1   1 
HETATM 734 H H1   D MOH K 3 .  ? -0.538  2.925  22.023  0.25 22.02 ? 519 MOH A H1   1 
HETATM 735 H H2   A MOH K 3 .  ? -1.923  4.247  22.321  0.25 8.90  ? 519 MOH A H2   1 
HETATM 736 H H2   B MOH K 3 .  ? -1.055  3.646  22.011  0.25 27.66 ? 519 MOH A H2   1 
HETATM 737 H H2   C MOH K 3 .  ? 1.787   4.058  21.159  0.25 34.30 ? 519 MOH A H2   1 
HETATM 738 H H2   D MOH K 3 .  ? -1.935  2.225  22.148  0.25 22.02 ? 519 MOH A H2   1 
HETATM 739 H H3   A MOH K 3 .  ? -1.071  4.806  21.130  0.25 8.90  ? 519 MOH A H3   1 
HETATM 740 H H3   B MOH K 3 .  ? 0.015   4.278  22.968  0.25 27.66 ? 519 MOH A H3   1 
HETATM 741 H H3   C MOH K 3 .  ? 1.947   4.575  19.688  0.25 34.30 ? 519 MOH A H3   1 
HETATM 742 H H3   D MOH K 3 .  ? -1.797  3.758  22.445  0.25 22.02 ? 519 MOH A H3   1 
HETATM 743 H HO   A MOH K 3 .  ? -1.532  2.375  20.738  0.25 8.51  ? 519 MOH A HO   1 
HETATM 744 H HO   B MOH K 3 .  ? 0.782   3.263  20.688  0.25 35.78 ? 519 MOH A HO   1 
HETATM 745 H HO   C MOH K 3 .  ? -0.355  4.005  20.836  0.25 32.76 ? 519 MOH A HO   1 
HETATM 746 H HO   D MOH K 3 .  ? -1.166  3.818  20.226  0.25 22.18 ? 519 MOH A HO   1 
HETATM 747 C C    A MOH L 3 .  ? -7.280  3.467  20.566  0.50 17.26 ? 503 MOH B C    1 
HETATM 748 C C    B MOH L 3 .  ? -7.998  4.374  19.943  0.50 23.05 ? 503 MOH B C    1 
HETATM 749 O O    A MOH L 3 .  ? -6.802  3.249  19.228  0.50 12.57 ? 503 MOH B O    1 
HETATM 750 O O    B MOH L 3 .  ? -8.529  5.595  19.430  0.50 29.14 ? 503 MOH B O    1 
HETATM 751 H H1   A MOH L 3 .  ? -7.785  4.281  20.597  0.50 25.89 ? 503 MOH B H1   1 
HETATM 752 H H1   B MOH L 3 .  ? -7.952  4.423  20.902  0.50 34.57 ? 503 MOH B H1   1 
HETATM 753 H H2   A MOH L 3 .  ? -6.533  3.530  21.166  0.50 25.89 ? 503 MOH B H2   1 
HETATM 754 H H2   B MOH L 3 .  ? -7.118  4.232  19.587  0.50 34.57 ? 503 MOH B H2   1 
HETATM 755 H H3   A MOH L 3 .  ? -7.839  2.732  20.829  0.50 25.89 ? 503 MOH B H3   1 
HETATM 756 H H3   B MOH L 3 .  ? -8.569  3.645  19.688  0.50 34.57 ? 503 MOH B H3   1 
HETATM 757 H HO   A MOH L 3 .  ? -6.387  2.542  19.198  0.50 18.85 ? 503 MOH B HO   1 
HETATM 758 H HO   B MOH L 3 .  ? -8.622  5.532  18.619  0.50 43.71 ? 503 MOH B HO   1 
HETATM 759 C C    . MOH M 3 .  ? -3.892  5.311  0.214   1.00 19.23 ? 504 MOH B C    1 
HETATM 760 O O    . MOH M 3 .  ? -4.250  6.703  0.160   1.00 22.83 ? 504 MOH B O    1 
HETATM 761 H H1   . MOH M 3 .  ? -3.711  4.994  -0.674  1.00 28.84 ? 504 MOH B H1   1 
HETATM 762 H H2   . MOH M 3 .  ? -4.619  4.809  0.591   1.00 28.84 ? 504 MOH B H2   1 
HETATM 763 H H3   . MOH M 3 .  ? -3.111  5.202  0.759   1.00 28.84 ? 504 MOH B H3   1 
HETATM 764 H HO   . MOH M 3 .  ? -4.445  6.906  -0.610  1.00 34.25 ? 504 MOH B HO   1 
HETATM 765 C C    . MOH N 3 .  ? 7.455   -2.485 14.136  1.00 14.88 ? 507 MOH B C    1 
HETATM 766 O O    . MOH N 3 .  ? 7.843   -1.272 13.505  1.00 14.70 ? 507 MOH B O    1 
HETATM 767 H H1   . MOH N 3 .  ? 6.516   -2.630 14.000  1.00 22.32 ? 507 MOH B H1   1 
HETATM 768 H H2   . MOH N 3 .  ? 7.638   -2.429 15.076  1.00 22.32 ? 507 MOH B H2   1 
HETATM 769 H H3   . MOH N 3 .  ? 7.950   -3.215 13.757  1.00 22.32 ? 507 MOH B H3   1 
HETATM 770 H HO   . MOH N 3 .  ? 8.531   -1.395 13.076  1.00 22.05 ? 507 MOH B HO   1 
HETATM 771 C C    . MOH O 3 .  ? -9.964  -1.217 15.134  1.00 31.91 ? 509 MOH B C    1 
HETATM 772 O O    . MOH O 3 .  ? -9.772  -2.029 13.961  1.00 33.44 ? 509 MOH B O    1 
HETATM 773 H H1   . MOH O 3 .  ? -9.127  -0.822 15.390  1.00 47.86 ? 509 MOH B H1   1 
HETATM 774 H H2   . MOH O 3 .  ? -10.292 -1.764 15.851  1.00 47.86 ? 509 MOH B H2   1 
HETATM 775 H H3   . MOH O 3 .  ? -10.600 -0.525 14.943  1.00 47.86 ? 509 MOH B H3   1 
HETATM 776 H HO   . MOH O 3 .  ? -8.985  -1.998 13.733  1.00 50.16 ? 509 MOH B HO   1 
HETATM 777 C C    . MOH P 3 .  ? 3.578   2.533  -9.632  0.50 9.51  ? 510 MOH B C    1 
HETATM 778 O O    . MOH P 3 .  ? 2.170   2.619  -9.721  0.50 8.82  ? 510 MOH B O    1 
HETATM 779 H H1   . MOH P 3 .  ? 3.917   2.053  -10.392 0.50 14.26 ? 510 MOH B H1   1 
HETATM 780 H H2   . MOH P 3 .  ? 3.821   2.071  -8.827  0.50 14.26 ? 510 MOH B H2   1 
HETATM 781 H H3   . MOH P 3 .  ? 3.952   3.418  -9.620  0.50 14.26 ? 510 MOH B H3   1 
HETATM 782 H HO   . MOH P 3 .  ? 1.920   2.299  -10.434 0.50 13.23 ? 510 MOH B HO   1 
HETATM 783 C C    A MOH Q 3 .  ? -6.085  4.589  3.031   0.44 26.26 ? 511 MOH B C    1 
HETATM 784 O O    A MOH Q 3 .  ? -5.144  5.624  2.721   0.44 27.11 ? 511 MOH B O    1 
HETATM 785 H H1   A MOH Q 3 .  ? -6.936  4.982  3.237   0.44 39.40 ? 511 MOH B H1   1 
HETATM 786 H H2   A MOH Q 3 .  ? -5.772  4.087  3.787   0.44 39.40 ? 511 MOH B H2   1 
HETATM 787 H H3   A MOH Q 3 .  ? -6.177  4.004  2.275   0.44 39.40 ? 511 MOH B H3   1 
HETATM 788 H HO   A MOH Q 3 .  ? -5.399  6.036  2.061   0.44 40.66 ? 511 MOH B HO   1 
HETATM 789 C C    A MOH R 3 .  ? -9.272  2.638  14.414  0.50 13.40 ? 512 MOH B C    1 
HETATM 790 C C    B MOH R 3 .  ? -9.982  2.335  14.748  0.50 15.88 ? 512 MOH B C    1 
HETATM 791 O O    A MOH R 3 .  ? -8.899  1.470  15.146  0.50 12.03 ? 512 MOH B O    1 
HETATM 792 O O    B MOH R 3 .  ? -8.620  2.749  14.818  0.50 18.88 ? 512 MOH B O    1 
HETATM 793 H H1   A MOH R 3 .  ? -8.962  2.562  13.510  0.50 20.10 ? 512 MOH B H1   1 
HETATM 794 H H1   B MOH R 3 .  ? -10.365 2.636  13.921  0.50 23.82 ? 512 MOH B H1   1 
HETATM 795 H H2   A MOH R 3 .  ? -8.879  3.412  14.824  0.50 20.10 ? 512 MOH B H2   1 
HETATM 796 H H2   B MOH R 3 .  ? -10.470 2.713  15.484  0.50 23.82 ? 512 MOH B H2   1 
HETATM 797 H H3   A MOH R 3 .  ? -10.228 2.727  14.419  0.50 20.10 ? 512 MOH B H3   1 
HETATM 798 H H3   B MOH R 3 .  ? -10.028 1.377  14.792  0.50 23.82 ? 512 MOH B H3   1 
HETATM 799 H HO   A MOH R 3 .  ? -9.345  0.832  14.890  0.50 18.05 ? 512 MOH B HO   1 
HETATM 800 H HO   B MOH R 3 .  ? -8.423  3.158  14.136  0.50 28.33 ? 512 MOH B HO   1 
HETATM 801 C C    A MOH S 3 .  ? -5.098  9.524  11.079  0.50 19.40 ? 513 MOH B C    1 
HETATM 802 C C    B MOH S 3 .  ? -6.496  9.224  10.274  0.50 21.36 ? 513 MOH B C    1 
HETATM 803 O O    A MOH S 3 .  ? -4.188  8.471  11.409  0.50 20.92 ? 513 MOH B O    1 
HETATM 804 O O    B MOH S 3 .  ? -5.228  8.608  10.036  0.50 20.56 ? 513 MOH B O    1 
HETATM 805 H H1   A MOH S 3 .  ? -5.027  9.725  10.143  0.50 29.09 ? 513 MOH B H1   1 
HETATM 806 H H1   B MOH S 3 .  ? -6.516  10.089 9.859   0.50 32.05 ? 513 MOH B H1   1 
HETATM 807 H H2   A MOH S 3 .  ? -4.881  10.306 11.591  0.50 29.09 ? 513 MOH B H2   1 
HETATM 808 H H2   B MOH S 3 .  ? -6.633  9.321  11.220  0.50 32.05 ? 513 MOH B H2   1 
HETATM 809 H H3   A MOH S 3 .  ? -5.994  9.246  11.279  0.50 29.09 ? 513 MOH B H3   1 
HETATM 810 H H3   B MOH S 3 .  ? -7.192  8.676  9.904   0.50 32.05 ? 513 MOH B H3   1 
HETATM 811 H HO   A MOH S 3 .  ? -4.600  7.766  11.483  0.50 31.39 ? 513 MOH B HO   1 
HETATM 812 H HO   B MOH S 3 .  ? -5.262  7.819  10.254  0.50 30.83 ? 513 MOH B HO   1 
HETATM 813 C C    A MOH T 3 .  ? -2.438  -8.286 -13.525 0.50 11.54 ? 514 MOH B C    1 
HETATM 814 C C    B MOH T 3 .  ? -3.079  -8.161 -13.461 0.50 15.36 ? 514 MOH B C    1 
HETATM 815 O O    A MOH T 3 .  ? -2.220  -6.866 -13.541 0.50 11.97 ? 514 MOH B O    1 
HETATM 816 O O    B MOH T 3 .  ? -4.286  -7.882 -12.761 0.50 21.18 ? 514 MOH B O    1 
HETATM 817 H H1   A MOH T 3 .  ? -2.783  -8.565 -14.377 0.50 17.32 ? 514 MOH B H1   1 
HETATM 818 H H1   B MOH T 3 .  ? -3.214  -8.909 -14.048 0.50 23.04 ? 514 MOH B H1   1 
HETATM 819 H H2   A MOH T 3 .  ? -3.070  -8.504 -12.837 0.50 17.32 ? 514 MOH B H2   1 
HETATM 820 H H2   B MOH T 3 .  ? -2.384  -8.370 -12.832 0.50 23.04 ? 514 MOH B H2   1 
HETATM 821 H H3   A MOH T 3 .  ? -1.608  -8.735 -13.353 0.50 17.32 ? 514 MOH B H3   1 
HETATM 822 H H3   B MOH T 3 .  ? -2.823  -7.393 -13.977 0.50 23.04 ? 514 MOH B H3   1 
HETATM 823 H HO   A MOH T 3 .  ? -2.595  -6.539 -14.191 0.50 17.95 ? 514 MOH B HO   1 
HETATM 824 H HO   B MOH T 3 .  ? -4.173  -8.012 -11.958 0.50 31.77 ? 514 MOH B HO   1 
HETATM 825 C C    A MOH U 3 .  ? -6.680  8.324  2.515   0.50 21.82 ? 517 MOH B C    1 
HETATM 826 C C    B MOH U 3 .  ? -5.728  9.159  3.839   0.50 31.72 ? 517 MOH B C    1 
HETATM 827 O O    A MOH U 3 .  ? -5.283  8.130  2.699   0.50 29.01 ? 517 MOH B O    1 
HETATM 828 O O    B MOH U 3 .  ? -6.347  10.225 3.097   0.50 35.02 ? 517 MOH B O    1 
HETATM 829 H H1   A MOH U 3 .  ? -6.836  8.716  1.652   0.50 32.74 ? 517 MOH B H1   1 
HETATM 830 H H1   B MOH U 3 .  ? -6.394  8.700  4.355   0.50 47.59 ? 517 MOH B H1   1 
HETATM 831 H H2   A MOH U 3 .  ? -7.014  8.910  3.198   0.50 32.74 ? 517 MOH B H2   1 
HETATM 832 H H2   B MOH U 3 .  ? -5.062  9.524  4.426   0.50 47.59 ? 517 MOH B H2   1 
HETATM 833 H H3   A MOH U 3 .  ? -7.130  7.479  2.568   0.50 32.74 ? 517 MOH B H3   1 
HETATM 834 H H3   B MOH U 3 .  ? -5.313  8.544  3.229   0.50 47.59 ? 517 MOH B H3   1 
HETATM 835 H HO   A MOH U 3 .  ? -5.107  8.155  3.499   0.50 43.51 ? 517 MOH B HO   1 
HETATM 836 H HO   B MOH U 3 .  ? -6.168  10.943 3.448   0.50 52.53 ? 517 MOH B HO   1 
HETATM 837 C C    A MOH V 3 .  ? -7.156  0.255  -0.580  0.20 7.54  ? 520 MOH B C    1 
HETATM 838 C C    B MOH V 3 .  ? -8.098  -1.636 -0.719  0.20 8.55  ? 520 MOH B C    1 
HETATM 839 C C    C MOH V 3 .  ? -8.570  -1.102 -0.983  0.20 12.45 ? 520 MOH B C    1 
HETATM 840 C C    D MOH V 3 .  ? -6.791  -0.246 -1.054  0.20 11.21 ? 520 MOH B C    1 
HETATM 841 C C    E MOH V 3 .  ? -9.499  -2.019 -1.832  0.20 11.38 ? 520 MOH B C    1 
HETATM 842 O O    A MOH V 3 .  ? -7.811  -1.006 -0.416  0.20 11.17 ? 520 MOH B O    1 
HETATM 843 O O    B MOH V 3 .  ? -7.781  -0.734 0.342   0.20 9.57  ? 520 MOH B O    1 
HETATM 844 O O    C MOH V 3 .  ? -8.514  -2.392 -0.391  0.20 11.89 ? 520 MOH B O    1 
HETATM 845 O O    D MOH V 3 .  ? -5.574  0.471  -1.015  0.20 13.06 ? 520 MOH B O    1 
HETATM 846 O O    E MOH V 3 .  ? -10.180 -1.223 -0.860  0.20 8.80  ? 520 MOH B O    1 
HETATM 847 H H1   A MOH V 3 .  ? -7.119  0.478  -1.513  0.20 11.30 ? 520 MOH B H1   1 
HETATM 848 H H1   B MOH V 3 .  ? -8.973  -1.435 -1.059  0.20 12.82 ? 520 MOH B H1   1 
HETATM 849 H H1   C MOH V 3 .  ? -8.409  -1.175 -1.926  0.20 18.68 ? 520 MOH B H1   1 
HETATM 850 H H1   D MOH V 3 .  ? -7.212  -0.115 -1.907  0.20 16.81 ? 520 MOH B H1   1 
HETATM 851 H H1   E MOH V 3 .  ? -10.102 -2.680 -2.183  0.20 17.06 ? 520 MOH B H1   1 
HETATM 852 H H2   A MOH V 3 .  ? -6.263  0.200  -0.228  0.20 11.30 ? 520 MOH B H2   1 
HETATM 853 H H2   B MOH V 3 .  ? -8.083  -2.537 -0.389  0.20 12.82 ? 520 MOH B H2   1 
HETATM 854 H H2   C MOH V 3 .  ? -7.902  -0.539 -0.586  0.20 18.68 ? 520 MOH B H2   1 
HETATM 855 H H2   D MOH V 3 .  ? -7.372  0.072  -0.359  0.20 16.81 ? 520 MOH B H2   1 
HETATM 856 H H2   E MOH V 3 .  ? -8.750  -2.457 -1.419  0.20 17.06 ? 520 MOH B H2   1 
HETATM 857 H H3   A MOH V 3 .  ? -7.644  0.933  -0.107  0.20 11.30 ? 520 MOH B H3   1 
HETATM 858 H H3   B MOH V 3 .  ? -7.452  -1.542 -1.423  0.20 12.82 ? 520 MOH B H3   1 
HETATM 859 H H3   C MOH V 3 .  ? -9.439  -0.721 -0.835  0.20 18.68 ? 520 MOH B H3   1 
HETATM 860 H H3   D MOH V 3 .  ? -6.616  -1.181 -0.922  0.20 16.81 ? 520 MOH B H3   1 
HETATM 861 H H3   E MOH V 3 .  ? -9.188  -1.457 -2.545  0.20 17.06 ? 520 MOH B H3   1 
HETATM 862 H HO   A MOH V 3 .  ? -7.298  -1.609 -0.626  0.20 16.75 ? 520 MOH B HO   1 
HETATM 863 H HO   B MOH V 3 .  ? -7.251  -0.170 0.071   0.20 14.35 ? 520 MOH B HO   1 
HETATM 864 H HO   C MOH V 3 .  ? -9.031  -2.895 -0.783  0.20 17.84 ? 520 MOH B HO   1 
HETATM 865 H HO   D MOH V 3 .  ? -4.996  0.011  -0.657  0.20 19.59 ? 520 MOH B HO   1 
HETATM 866 H HO   E MOH V 3 .  ? -9.632  -0.876 -0.359  0.20 13.20 ? 520 MOH B HO   1 
# 
loop_
_atom_site_anisotrop.id 
_atom_site_anisotrop.type_symbol 
_atom_site_anisotrop.pdbx_label_atom_id 
_atom_site_anisotrop.pdbx_label_alt_id 
_atom_site_anisotrop.pdbx_label_comp_id 
_atom_site_anisotrop.pdbx_label_asym_id 
_atom_site_anisotrop.pdbx_label_seq_id 
_atom_site_anisotrop.pdbx_PDB_ins_code 
_atom_site_anisotrop.U[1][1] 
_atom_site_anisotrop.U[2][2] 
_atom_site_anisotrop.U[3][3] 
_atom_site_anisotrop.U[1][2] 
_atom_site_anisotrop.U[1][3] 
_atom_site_anisotrop.U[2][3] 
_atom_site_anisotrop.pdbx_auth_seq_id 
_atom_site_anisotrop.pdbx_auth_comp_id 
_atom_site_anisotrop.pdbx_auth_asym_id 
_atom_site_anisotrop.pdbx_auth_atom_id 
1   C C    . FVA A 1  ? 0.1183 0.1048 0.0686 0.0107  0.0011  -0.0096 1   FVA A C    
2   N N    . FVA A 1  ? 0.1541 0.0968 0.0672 -0.0064 0.0259  -0.0030 1   FVA A N    
3   O O    . FVA A 1  ? 0.1220 0.1266 0.0834 0.0016  -0.0066 -0.0201 1   FVA A O    
4   C CA   . FVA A 1  ? 0.1688 0.0955 0.0926 0.0003  0.0342  -0.0098 1   FVA A CA   
5   C CB   . FVA A 1  ? 0.1607 0.0986 0.1431 -0.0017 0.0295  0.0150  1   FVA A CB   
6   C CG1  . FVA A 1  ? 0.1938 0.0743 0.2086 0.0149  -0.0236 0.0070  1   FVA A CG1  
7   C CG2  . FVA A 1  ? 0.1749 0.1494 0.1639 0.0265  -0.0030 -0.0084 1   FVA A CG2  
8   H H    . FVA A 1  ? 0.1273 0.1273 0.1273 0.0000  0.0000  0.0000  1   FVA A H    
9   H HA   . FVA A 1  ? 0.1427 0.1427 0.1427 0.0000  0.0000  0.0000  1   FVA A HA   
10  H HB   . FVA A 1  ? 0.1610 0.1610 0.1610 0.0000  0.0000  0.0000  1   FVA A HB   
11  H HG11 . FVA A 1  ? 0.2384 0.2384 0.2384 0.0000  0.0000  0.0000  1   FVA A HG11 
12  H HG12 . FVA A 1  ? 0.2384 0.2384 0.2384 0.0000  0.0000  0.0000  1   FVA A HG12 
13  H HG13 . FVA A 1  ? 0.2384 0.2384 0.2384 0.0000  0.0000  0.0000  1   FVA A HG13 
14  O O1   . FVA A 1  ? 0.1714 0.0997 0.0655 -0.0323 0.0238  -0.0117 1   FVA A O1   
15  H HG21 . FVA A 1  ? 0.2441 0.2441 0.2441 0.0000  0.0000  0.0000  1   FVA A HG21 
16  C CN   . FVA A 1  ? 0.1605 0.1097 0.0448 -0.0195 0.0305  0.0128  1   FVA A CN   
17  H HG22 . FVA A 1  ? 0.2441 0.2441 0.2441 0.0000  0.0000  0.0000  1   FVA A HG22 
18  H HG23 . FVA A 1  ? 0.2441 0.2441 0.2441 0.0000  0.0000  0.0000  1   FVA A HG23 
19  H HN   . FVA A 1  ? 0.1260 0.1260 0.1260 0.0000  0.0000  0.0000  1   FVA A HN   
20  N N    . GLY A 2  ? 0.1226 0.0526 0.0778 0.0136  -0.0122 0.0007  2   GLY A N    
21  C CA   . GLY A 2  ? 0.1366 0.0820 0.0909 0.0223  0.0101  0.0188  2   GLY A CA   
22  C C    . GLY A 2  ? 0.0781 0.0834 0.0664 0.0185  -0.0007 -0.0052 2   GLY A C    
23  O O    . GLY A 2  ? 0.0961 0.0863 0.0800 0.0078  0.0028  -0.0237 2   GLY A O    
24  H H    . GLY A 2  ? 0.1012 0.1012 0.1012 0.0000  0.0000  0.0000  2   GLY A H    
25  H HA2  . GLY A 2  ? 0.1237 0.1237 0.1237 0.0000  0.0000  0.0000  2   GLY A HA2  
26  H HA3  . GLY A 2  ? 0.1237 0.1237 0.1237 0.0000  0.0000  0.0000  2   GLY A HA3  
27  N N    . ALA A 3  ? 0.0938 0.0621 0.0679 0.0078  -0.0005 -0.0001 3   ALA A N    
28  C CA   . ALA A 3  ? 0.1257 0.0699 0.0440 0.0139  0.0192  -0.0012 3   ALA A CA   
29  C C    . ALA A 3  ? 0.1447 0.0705 0.0491 0.0285  0.0102  -0.0107 3   ALA A C    
30  O O    . ALA A 3  ? 0.1228 0.0843 0.0671 0.0265  -0.0054 -0.0267 3   ALA A O    
31  C CB   . ALA A 3  ? 0.1327 0.1087 0.0877 0.0041  0.0489  0.0153  3   ALA A CB   
32  H H    . ALA A 3  ? 0.0895 0.0895 0.0895 0.0000  0.0000  0.0000  3   ALA A H    
33  H HA   . ALA A 3  ? 0.0959 0.0959 0.0959 0.0000  0.0000  0.0000  3   ALA A HA   
34  H HB1  . ALA A 3  ? 0.1645 0.1645 0.1645 0.0000  0.0000  0.0000  3   ALA A HB1  
35  H HB2  . ALA A 3  ? 0.1645 0.1645 0.1645 0.0000  0.0000  0.0000  3   ALA A HB2  
36  H HB3  . ALA A 3  ? 0.1645 0.1645 0.1645 0.0000  0.0000  0.0000  3   ALA A HB3  
37  N N    . DLE A 4  ? 0.1288 0.0745 0.0511 0.0195  0.0093  -0.0254 4   DLE A N    
38  C CA   . DLE A 4  ? 0.0966 0.0861 0.0678 0.0190  0.0207  -0.0126 4   DLE A CA   
39  C CB   . DLE A 4  ? 0.0945 0.0795 0.0652 0.0179  0.0230  -0.0287 4   DLE A CB   
40  C CG   . DLE A 4  ? 0.1532 0.0803 0.1037 0.0013  -0.0366 -0.0100 4   DLE A CG   
41  C CD1  . DLE A 4  ? 0.1410 0.1308 0.0963 -0.0469 0.0063  0.0214  4   DLE A CD1  
42  C CD2  . DLE A 4  ? 0.2420 0.0770 0.1839 0.0259  -0.0303 -0.0186 4   DLE A CD2  
43  C C    . DLE A 4  ? 0.1243 0.0791 0.0495 0.0175  0.0107  -0.0120 4   DLE A C    
44  O O    . DLE A 4  ? 0.1832 0.0774 0.0545 0.0351  0.0466  -0.0053 4   DLE A O    
45  H H    . DLE A 4  ? 0.1018 0.1018 0.1018 0.0000  0.0000  0.0000  4   DLE A H    
46  H HA   . DLE A 4  ? 0.1002 0.1002 0.1002 0.0000  0.0000  0.0000  4   DLE A HA   
47  H HB2  . DLE A 4  ? 0.0956 0.0956 0.0956 0.0000  0.0000  0.0000  4   DLE A HB2  
48  H HB3  . DLE A 4  ? 0.0956 0.0956 0.0956 0.0000  0.0000  0.0000  4   DLE A HB3  
49  H HG   . DLE A 4  ? 0.1349 0.1349 0.1349 0.0000  0.0000  0.0000  4   DLE A HG   
50  H HD11 . DLE A 4  ? 0.1842 0.1842 0.1842 0.0000  0.0000  0.0000  4   DLE A HD11 
51  H HD12 . DLE A 4  ? 0.1842 0.1842 0.1842 0.0000  0.0000  0.0000  4   DLE A HD12 
52  H HD13 . DLE A 4  ? 0.1842 0.1842 0.1842 0.0000  0.0000  0.0000  4   DLE A HD13 
53  H HD21 . DLE A 4  ? 0.2514 0.2514 0.2514 0.0000  0.0000  0.0000  4   DLE A HD21 
54  H HD22 . DLE A 4  ? 0.2514 0.2514 0.2514 0.0000  0.0000  0.0000  4   DLE A HD22 
55  H HD23 . DLE A 4  ? 0.2514 0.2514 0.2514 0.0000  0.0000  0.0000  4   DLE A HD23 
56  N N    . ALA A 5  ? 0.0978 0.0996 0.0275 0.0064  -0.0007 -0.0055 5   ALA A N    
57  C CA   . ALA A 5  ? 0.1004 0.0811 0.0692 0.0156  -0.0105 -0.0055 5   ALA A CA   
58  C C    . ALA A 5  ? 0.0832 0.0817 0.0602 0.0149  0.0011  0.0023  5   ALA A C    
59  O O    . ALA A 5  ? 0.1722 0.0996 0.0609 0.0150  -0.0124 -0.0070 5   ALA A O    
60  C CB   . ALA A 5  ? 0.0990 0.1062 0.0956 0.0004  0.0362  -0.0054 5   ALA A CB   
61  H H    . ALA A 5  ? 0.0899 0.0899 0.0899 0.0000  0.0000  0.0000  5   ALA A H    
62  H HA   . ALA A 5  ? 0.1003 0.1003 0.1003 0.0000  0.0000  0.0000  5   ALA A HA   
63  H HB1  . ALA A 5  ? 0.1505 0.1505 0.1505 0.0000  0.0000  0.0000  5   ALA A HB1  
64  H HB2  . ALA A 5  ? 0.1505 0.1505 0.1505 0.0000  0.0000  0.0000  5   ALA A HB2  
65  H HB3  . ALA A 5  ? 0.1505 0.1505 0.1505 0.0000  0.0000  0.0000  5   ALA A HB3  
66  N N    . DVA A 6  ? 0.0909 0.0668 0.0777 -0.0115 0.0144  -0.0149 6   DVA A N    
67  C CA   . DVA A 6  ? 0.0732 0.0851 0.0549 -0.0230 -0.0083 -0.0284 6   DVA A CA   
68  C CB   . DVA A 6  ? 0.0997 0.0777 0.0737 -0.0386 -0.0111 -0.0204 6   DVA A CB   
69  C CG1  . DVA A 6  ? 0.1012 0.0931 0.1212 -0.0183 0.0232  -0.0008 6   DVA A CG1  
70  C CG2  . DVA A 6  ? 0.1420 0.1007 0.0892 -0.0167 0.0243  -0.0344 6   DVA A CG2  
71  C C    . DVA A 6  ? 0.0837 0.0581 0.0468 -0.0084 -0.0054 -0.0156 6   DVA A C    
72  O O    . DVA A 6  ? 0.0767 0.1021 0.0567 0.0036  -0.0072 -0.0098 6   DVA A O    
73  H H    . DVA A 6  ? 0.0941 0.0941 0.0941 0.0000  0.0000  0.0000  6   DVA A H    
74  H HA   . DVA A 6  ? 0.0852 0.0852 0.0852 0.0000  0.0000  0.0000  6   DVA A HA   
75  H HB   . DVA A 6  ? 0.1004 0.1004 0.1004 0.0000  0.0000  0.0000  6   DVA A HB   
76  H HG11 . DVA A 6  ? 0.1578 0.1578 0.1578 0.0000  0.0000  0.0000  6   DVA A HG11 
77  H HG12 . DVA A 6  ? 0.1578 0.1578 0.1578 0.0000  0.0000  0.0000  6   DVA A HG12 
78  H HG13 . DVA A 6  ? 0.1578 0.1578 0.1578 0.0000  0.0000  0.0000  6   DVA A HG13 
79  H HG21 . DVA A 6  ? 0.1659 0.1659 0.1659 0.0000  0.0000  0.0000  6   DVA A HG21 
80  H HG22 . DVA A 6  ? 0.1659 0.1659 0.1659 0.0000  0.0000  0.0000  6   DVA A HG22 
81  H HG23 . DVA A 6  ? 0.1659 0.1659 0.1659 0.0000  0.0000  0.0000  6   DVA A HG23 
82  N N    . VAL A 7  ? 0.0741 0.0861 0.0568 0.0239  -0.0089 -0.0172 7   VAL A N    
83  C CA   . VAL A 7  ? 0.0799 0.1121 0.0877 0.0262  0.0085  -0.0377 7   VAL A CA   
84  C C    . VAL A 7  ? 0.0523 0.0988 0.0843 0.0213  0.0019  -0.0533 7   VAL A C    
85  O O    . VAL A 7  ? 0.0865 0.1635 0.0797 -0.0339 0.0136  -0.0488 7   VAL A O    
86  C CB   A VAL A 7  ? 0.1133 0.1241 0.0914 0.0478  -0.0028 -0.0264 7   VAL A CB   
87  C CB   B VAL A 7  ? 0.0917 0.1208 0.1069 0.0423  0.0108  -0.0301 7   VAL A CB   
88  C CG1  A VAL A 7  ? 0.1247 0.1107 0.0901 0.0040  0.0230  -0.0051 7   VAL A CG1  
89  C CG1  B VAL A 7  ? 0.0369 0.0704 0.1170 -0.0253 0.0064  -0.0537 7   VAL A CG1  
90  C CG2  A VAL A 7  ? 0.1193 0.0893 0.1205 0.0453  -0.0094 -0.0397 7   VAL A CG2  
91  C CG2  B VAL A 7  ? 0.1089 0.1190 0.1148 0.0735  0.0246  -0.0564 7   VAL A CG2  
92  H H    . VAL A 7  ? 0.0869 0.0869 0.0869 0.0000  0.0000  0.0000  7   VAL A H    
93  H HA   . VAL A 7  ? 0.1120 0.1120 0.1120 0.0000  0.0000  0.0000  7   VAL A HA   
94  H HB   A VAL A 7  ? 0.1316 0.1316 0.1316 0.0000  0.0000  0.0000  7   VAL A HB   
95  H HB   B VAL A 7  ? 0.1278 0.1278 0.1278 0.0000  0.0000  0.0000  7   VAL A HB   
96  H HG11 A VAL A 7  ? 0.1627 0.1627 0.1627 0.0000  0.0000  0.0000  7   VAL A HG11 
97  H HG11 B VAL A 7  ? 0.1121 0.1121 0.1121 0.0000  0.0000  0.0000  7   VAL A HG11 
98  H HG12 A VAL A 7  ? 0.1627 0.1627 0.1627 0.0000  0.0000  0.0000  7   VAL A HG12 
99  H HG12 B VAL A 7  ? 0.1121 0.1121 0.1121 0.0000  0.0000  0.0000  7   VAL A HG12 
100 H HG13 A VAL A 7  ? 0.1627 0.1627 0.1627 0.0000  0.0000  0.0000  7   VAL A HG13 
101 H HG13 B VAL A 7  ? 0.1121 0.1121 0.1121 0.0000  0.0000  0.0000  7   VAL A HG13 
102 H HG21 A VAL A 7  ? 0.1645 0.1645 0.1645 0.0000  0.0000  0.0000  7   VAL A HG21 
103 H HG21 B VAL A 7  ? 0.1714 0.1714 0.1714 0.0000  0.0000  0.0000  7   VAL A HG21 
104 H HG22 A VAL A 7  ? 0.1645 0.1645 0.1645 0.0000  0.0000  0.0000  7   VAL A HG22 
105 H HG22 B VAL A 7  ? 0.1714 0.1714 0.1714 0.0000  0.0000  0.0000  7   VAL A HG22 
106 H HG23 A VAL A 7  ? 0.1645 0.1645 0.1645 0.0000  0.0000  0.0000  7   VAL A HG23 
107 H HG23 B VAL A 7  ? 0.1714 0.1714 0.1714 0.0000  0.0000  0.0000  7   VAL A HG23 
108 N N    . DVA A 8  ? 0.0939 0.0869 0.0700 0.0182  -0.0051 -0.0381 8   DVA A N    
109 C CA   . DVA A 8  ? 0.0820 0.1242 0.0632 0.0393  0.0006  -0.0342 8   DVA A CA   
110 C CB   . DVA A 8  ? 0.0710 0.1746 0.0843 0.0430  -0.0013 0.0262  8   DVA A CB   
111 C CG1  . DVA A 8  ? 0.1081 0.1393 0.1935 0.0270  -0.0550 0.0075  8   DVA A CG1  
112 C CG2  . DVA A 8  ? 0.0852 0.2629 0.0610 0.0192  -0.0037 0.0044  8   DVA A CG2  
113 C C    . DVA A 8  ? 0.0644 0.1173 0.0479 0.0251  -0.0202 -0.0400 8   DVA A C    
114 O O    . DVA A 8  ? 0.1226 0.1011 0.0646 0.0305  0.0086  -0.0374 8   DVA A O    
115 H H    . DVA A 8  ? 0.1003 0.1003 0.1003 0.0000  0.0000  0.0000  8   DVA A H    
116 H HA   . DVA A 8  ? 0.1078 0.1078 0.1078 0.0000  0.0000  0.0000  8   DVA A HA   
117 H HB   . DVA A 8  ? 0.1320 0.1320 0.1320 0.0000  0.0000  0.0000  8   DVA A HB   
118 H HG11 . DVA A 8  ? 0.2204 0.2204 0.2204 0.0000  0.0000  0.0000  8   DVA A HG11 
119 H HG12 . DVA A 8  ? 0.2204 0.2204 0.2204 0.0000  0.0000  0.0000  8   DVA A HG12 
120 H HG13 . DVA A 8  ? 0.2204 0.2204 0.2204 0.0000  0.0000  0.0000  8   DVA A HG13 
121 H HG21 . DVA A 8  ? 0.2045 0.2045 0.2045 0.0000  0.0000  0.0000  8   DVA A HG21 
122 H HG22 . DVA A 8  ? 0.2045 0.2045 0.2045 0.0000  0.0000  0.0000  8   DVA A HG22 
123 H HG23 . DVA A 8  ? 0.2045 0.2045 0.2045 0.0000  0.0000  0.0000  8   DVA A HG23 
124 N N    . TRP A 9  ? 0.1106 0.1494 0.0529 0.0678  -0.0116 -0.0407 9   TRP A N    
125 C CA   . TRP A 9  ? 0.1030 0.1391 0.0496 0.0521  -0.0158 -0.0169 9   TRP A CA   
126 C C    . TRP A 9  ? 0.0960 0.1687 0.0633 0.0414  -0.0144 -0.0356 9   TRP A C    
127 O O    . TRP A 9  ? 0.1356 0.3215 0.1129 0.1476  -0.0429 -0.1344 9   TRP A O    
128 C CB   . TRP A 9  ? 0.1079 0.1662 0.0477 0.0307  -0.0184 -0.0235 9   TRP A CB   
129 C CG   . TRP A 9  ? 0.0988 0.0960 0.1120 -0.0061 0.0089  -0.0347 9   TRP A CG   
130 C CD1  . TRP A 9  ? 0.1218 0.1296 0.1317 0.0122  0.0300  -0.0358 9   TRP A CD1  
131 C CD2  . TRP A 9  ? 0.1357 0.1127 0.1278 0.0031  0.0181  -0.0110 9   TRP A CD2  
132 N NE1  . TRP A 9  ? 0.1452 0.1239 0.2040 0.0238  0.0330  -0.0299 9   TRP A NE1  
133 C CE2  . TRP A 9  ? 0.1747 0.0851 0.2108 0.0068  0.0334  -0.0059 9   TRP A CE2  
134 C CE3  . TRP A 9  ? 0.1339 0.1292 0.1370 -0.0033 0.0113  0.0114  9   TRP A CE3  
135 C CZ2  . TRP A 9  ? 0.1903 0.0666 0.2843 0.0021  0.0123  0.0180  9   TRP A CZ2  
136 C CZ3  . TRP A 9  ? 0.1492 0.1351 0.1765 -0.0469 0.0037  0.0244  9   TRP A CZ3  
137 C CH2  . TRP A 9  ? 0.2129 0.0922 0.2734 -0.0247 0.0245  0.0409  9   TRP A CH2  
138 H H    . TRP A 9  ? 0.1251 0.1251 0.1251 0.0000  0.0000  0.0000  9   TRP A H    
139 H HA   . TRP A 9  ? 0.1166 0.1166 0.1166 0.0000  0.0000  0.0000  9   TRP A HA   
140 H HB2  . TRP A 9  ? 0.1287 0.1287 0.1287 0.0000  0.0000  0.0000  9   TRP A HB2  
141 H HB3  . TRP A 9  ? 0.1287 0.1287 0.1287 0.0000  0.0000  0.0000  9   TRP A HB3  
142 H HD1  . TRP A 9  ? 0.1532 0.1532 0.1532 0.0000  0.0000  0.0000  9   TRP A HD1  
143 H HE1  . TRP A 9  ? 0.1892 0.1892 0.1892 0.0000  0.0000  0.0000  9   TRP A HE1  
144 H HE3  . TRP A 9  ? 0.1600 0.1600 0.1600 0.0000  0.0000  0.0000  9   TRP A HE3  
145 H HZ2  . TRP A 9  ? 0.2164 0.2164 0.2164 0.0000  0.0000  0.0000  9   TRP A HZ2  
146 H HZ3  . TRP A 9  ? 0.1843 0.1843 0.1843 0.0000  0.0000  0.0000  9   TRP A HZ3  
147 H HH2  . TRP A 9  ? 0.2314 0.2314 0.2314 0.0000  0.0000  0.0000  9   TRP A HH2  
148 N N    . DLE A 10 ? 0.0952 0.0958 0.0644 0.0068  -0.0023 -0.0415 10  DLE A N    
149 C CA   . DLE A 10 ? 0.1059 0.0787 0.0993 0.0145  -0.0271 -0.0090 10  DLE A CA   
150 C CB   . DLE A 10 ? 0.1250 0.0877 0.0999 0.0321  -0.0027 0.0197  10  DLE A CB   
151 C CG   . DLE A 10 ? 0.1428 0.0671 0.1352 0.0614  -0.0353 -0.0208 10  DLE A CG   
152 C CD1  . DLE A 10 ? 0.1447 0.1261 0.2760 0.0840  -0.0601 -0.1095 10  DLE A CD1  
153 C CD2  . DLE A 10 ? 0.1947 0.1414 0.1507 -0.0176 -0.0684 0.0252  10  DLE A CD2  
154 C C    . DLE A 10 ? 0.0831 0.0785 0.0799 0.0212  -0.0190 -0.0277 10  DLE A C    
155 O O    . DLE A 10 ? 0.1336 0.0521 0.0989 0.0243  0.0161  -0.0349 10  DLE A O    
156 H H    . DLE A 10 ? 0.1022 0.1022 0.1022 0.0000  0.0000  0.0000  10  DLE A H    
157 H HA   . DLE A 10 ? 0.1135 0.1135 0.1135 0.0000  0.0000  0.0000  10  DLE A HA   
158 H HB2  . DLE A 10 ? 0.1250 0.1250 0.1250 0.0000  0.0000  0.0000  10  DLE A HB2  
159 H HB3  . DLE A 10 ? 0.1250 0.1250 0.1250 0.0000  0.0000  0.0000  10  DLE A HB3  
160 H HG   . DLE A 10 ? 0.1381 0.1381 0.1381 0.0000  0.0000  0.0000  10  DLE A HG   
161 H HD11 . DLE A 10 ? 0.2733 0.2733 0.2733 0.0000  0.0000  0.0000  10  DLE A HD11 
162 H HD12 . DLE A 10 ? 0.2733 0.2733 0.2733 0.0000  0.0000  0.0000  10  DLE A HD12 
163 H HD13 . DLE A 10 ? 0.2733 0.2733 0.2733 0.0000  0.0000  0.0000  10  DLE A HD13 
164 H HD21 . DLE A 10 ? 0.2434 0.2434 0.2434 0.0000  0.0000  0.0000  10  DLE A HD21 
165 H HD22 . DLE A 10 ? 0.2434 0.2434 0.2434 0.0000  0.0000  0.0000  10  DLE A HD22 
166 H HD23 . DLE A 10 ? 0.2434 0.2434 0.2434 0.0000  0.0000  0.0000  10  DLE A HD23 
167 N N    A TYR A 11 ? 0.0953 0.0476 0.0800 0.0294  -0.0093 -0.0074 11  TYR A N    
168 C CA   A TYR A 11 ? 0.0968 0.0593 0.0527 0.0148  -0.0140 -0.0232 11  TYR A CA   
169 C C    A TYR A 11 ? 0.1053 0.0541 0.0589 0.0076  0.0095  -0.0167 11  TYR A C    
170 O O    A TYR A 11 ? 0.1380 0.0734 0.0401 0.0240  0.0087  -0.0230 11  TYR A O    
171 C CB   A TYR A 11 ? 0.0975 0.0909 0.0579 0.0198  0.0072  -0.0009 11  TYR A CB   
172 C CG   A TYR A 11 ? 0.0822 0.1012 0.0704 0.0118  0.0139  -0.0087 11  TYR A CG   
173 C CD1  A TYR A 11 ? 0.0774 0.0932 0.0699 0.0120  0.0167  -0.0090 11  TYR A CD1  
174 C CD2  A TYR A 11 ? 0.0795 0.1218 0.0897 -0.0047 -0.0085 0.0080  11  TYR A CD2  
175 C CE1  A TYR A 11 ? 0.0993 0.1048 0.0514 0.0023  0.0214  -0.0115 11  TYR A CE1  
176 C CE2  A TYR A 11 ? 0.0969 0.1041 0.0951 0.0243  -0.0363 0.0000  11  TYR A CE2  
177 C CZ   A TYR A 11 ? 0.0925 0.1022 0.0604 0.0118  0.0054  -0.0090 11  TYR A CZ   
178 O OH   A TYR A 11 ? 0.0949 0.1252 0.1275 -0.0317 0.0361  -0.0228 11  TYR A OH   
179 H H    A TYR A 11 ? 0.0892 0.0892 0.0892 0.0000  0.0000  0.0000  11  TYR A H    
180 H HA   A TYR A 11 ? 0.0835 0.0835 0.0835 0.0000  0.0000  0.0000  11  TYR A HA   
181 H HB2  A TYR A 11 ? 0.0985 0.0985 0.0985 0.0000  0.0000  0.0000  11  TYR A HB2  
182 H HB3  A TYR A 11 ? 0.0985 0.0985 0.0985 0.0000  0.0000  0.0000  11  TYR A HB3  
183 H HD1  A TYR A 11 ? 0.0963 0.0963 0.0963 0.0000  0.0000  0.0000  11  TYR A HD1  
184 H HD2  A TYR A 11 ? 0.1164 0.1164 0.1164 0.0000  0.0000  0.0000  11  TYR A HD2  
185 H HE1  A TYR A 11 ? 0.1022 0.1022 0.1022 0.0000  0.0000  0.0000  11  TYR A HE1  
186 H HE2  A TYR A 11 ? 0.1184 0.1184 0.1184 0.0000  0.0000  0.0000  11  TYR A HE2  
187 H HH   A TYR A 11 ? 0.1738 0.1738 0.1738 0.0000  0.0000  0.0000  11  TYR A HH   
188 N N    B TRP A 11 ? 0.0953 0.0476 0.0800 0.0294  -0.0093 -0.0074 11  TRP A N    
189 C CA   B TRP A 11 ? 0.0968 0.0593 0.0527 0.0148  -0.0140 -0.0232 11  TRP A CA   
190 C C    B TRP A 11 ? 0.1053 0.0541 0.0589 0.0076  0.0095  -0.0167 11  TRP A C    
191 O O    B TRP A 11 ? 0.1380 0.0734 0.0401 0.0240  0.0087  -0.0230 11  TRP A O    
192 C CB   B TRP A 11 ? 0.0955 0.0646 0.0702 0.0240  -0.0072 -0.0233 11  TRP A CB   
193 C CG   B TRP A 11 ? 0.0854 0.1028 0.0580 0.0098  0.0039  -0.0096 11  TRP A CG   
194 C CD1  B TRP A 11 ? 0.0923 0.0809 0.0858 0.0111  0.0038  -0.0063 11  TRP A CD1  
195 C CD2  B TRP A 11 ? 0.0769 0.1243 0.0667 0.0074  0.0265  0.0235  11  TRP A CD2  
196 N NE1  B TRP A 11 ? 0.0788 0.1284 0.0542 0.0028  0.0295  0.0071  11  TRP A NE1  
197 C CE2  B TRP A 11 ? 0.1136 0.1228 0.0297 -0.0238 -0.0185 0.0157  11  TRP A CE2  
198 C CE3  B TRP A 11 ? 0.0787 0.1428 0.1801 0.0019  -0.0086 0.0525  11  TRP A CE3  
199 C CZ2  B TRP A 11 ? 0.1127 0.1817 0.1666 -0.0442 -0.0328 0.0479  11  TRP A CZ2  
200 C CZ3  B TRP A 11 ? 0.0885 0.2151 0.1894 -0.0296 0.0060  0.0810  11  TRP A CZ3  
201 C CH2  B TRP A 11 ? 0.0863 0.1798 0.2518 -0.0230 -0.0116 0.0732  11  TRP A CH2  
202 H H    B TRP A 11 ? 0.0892 0.0892 0.0892 0.0000  0.0000  0.0000  11  TRP A H    
203 H HA   B TRP A 11 ? 0.0835 0.0835 0.0835 0.0000  0.0000  0.0000  11  TRP A HA   
204 H HB2  B TRP A 11 ? 0.0922 0.0922 0.0922 0.0000  0.0000  0.0000  11  TRP A HB2  
205 H HB3  B TRP A 11 ? 0.0922 0.0922 0.0922 0.0000  0.0000  0.0000  11  TRP A HB3  
206 H HD1  B TRP A 11 ? 0.1036 0.1036 0.1036 0.0000  0.0000  0.0000  11  TRP A HD1  
207 H HE1  B TRP A 11 ? 0.1045 0.1045 0.1045 0.0000  0.0000  0.0000  11  TRP A HE1  
208 H HE3  B TRP A 11 ? 0.1606 0.1606 0.1606 0.0000  0.0000  0.0000  11  TRP A HE3  
209 H HZ2  B TRP A 11 ? 0.1844 0.1844 0.1844 0.0000  0.0000  0.0000  11  TRP A HZ2  
210 H HZ3  B TRP A 11 ? 0.1972 0.1972 0.1972 0.0000  0.0000  0.0000  11  TRP A HZ3  
211 H HH2  B TRP A 11 ? 0.2072 0.2072 0.2072 0.0000  0.0000  0.0000  11  TRP A HH2  
212 N N    . DLE A 12 ? 0.0862 0.0795 0.0489 0.0067  0.0132  -0.0156 12  DLE A N    
213 C CA   . DLE A 12 ? 0.0713 0.0667 0.0428 -0.0074 0.0026  -0.0202 12  DLE A CA   
214 C CB   . DLE A 12 ? 0.0594 0.0663 0.0524 0.0049  0.0107  -0.0030 12  DLE A CB   
215 C CG   . DLE A 12 ? 0.0692 0.0651 0.0671 -0.0008 -0.0014 -0.0130 12  DLE A CG   
216 C CD1  . DLE A 12 ? 0.0598 0.1246 0.0750 -0.0010 -0.0155 0.0016  12  DLE A CD1  
217 C CD2  . DLE A 12 ? 0.1152 0.1080 0.1102 -0.0439 0.0133  0.0353  12  DLE A CD2  
218 C C    . DLE A 12 ? 0.0827 0.0502 0.0353 -0.0139 0.0131  -0.0134 12  DLE A C    
219 O O    . DLE A 12 ? 0.0709 0.0939 0.0501 -0.0094 0.0069  -0.0084 12  DLE A O    
220 H H    . DLE A 12 ? 0.0859 0.0859 0.0859 0.0000  0.0000  0.0000  12  DLE A H    
221 H HA   . DLE A 12 ? 0.0723 0.0723 0.0723 0.0000  0.0000  0.0000  12  DLE A HA   
222 H HB2  . DLE A 12 ? 0.0712 0.0712 0.0712 0.0000  0.0000  0.0000  12  DLE A HB2  
223 H HB3  . DLE A 12 ? 0.0712 0.0712 0.0712 0.0000  0.0000  0.0000  12  DLE A HB3  
224 H HG   . DLE A 12 ? 0.0806 0.0806 0.0806 0.0000  0.0000  0.0000  12  DLE A HG   
225 H HD11 . DLE A 12 ? 0.1298 0.1298 0.1298 0.0000  0.0000  0.0000  12  DLE A HD11 
226 H HD12 . DLE A 12 ? 0.1298 0.1298 0.1298 0.0000  0.0000  0.0000  12  DLE A HD12 
227 H HD13 . DLE A 12 ? 0.1298 0.1298 0.1298 0.0000  0.0000  0.0000  12  DLE A HD13 
228 H HD21 . DLE A 12 ? 0.1667 0.1667 0.1667 0.0000  0.0000  0.0000  12  DLE A HD21 
229 H HD22 . DLE A 12 ? 0.1667 0.1667 0.1667 0.0000  0.0000  0.0000  12  DLE A HD22 
230 H HD23 . DLE A 12 ? 0.1667 0.1667 0.1667 0.0000  0.0000  0.0000  12  DLE A HD23 
231 N N    . TRP A 13 ? 0.0671 0.0848 0.0528 0.0073  0.0196  -0.0172 13  TRP A N    
232 C CA   . TRP A 13 ? 0.0653 0.0882 0.0619 -0.0077 0.0166  -0.0077 13  TRP A CA   
233 C C    . TRP A 13 ? 0.0473 0.0709 0.0619 -0.0105 0.0107  -0.0119 13  TRP A C    
234 O O    . TRP A 13 ? 0.0801 0.0753 0.0708 -0.0073 0.0053  -0.0164 13  TRP A O    
235 C CB   . TRP A 13 ? 0.0863 0.0808 0.0479 -0.0150 0.0121  -0.0107 13  TRP A CB   
236 C CG   . TRP A 13 ? 0.0758 0.0743 0.1029 0.0065  0.0185  0.0122  13  TRP A CG   
237 C CD1  . TRP A 13 ? 0.1006 0.0955 0.1021 0.0074  0.0331  0.0185  13  TRP A CD1  
238 C CD2  . TRP A 13 ? 0.0642 0.0731 0.1036 0.0242  0.0187  0.0024  13  TRP A CD2  
239 N NE1  . TRP A 13 ? 0.0918 0.1058 0.1304 0.0194  0.0392  0.0406  13  TRP A NE1  
240 C CE2  . TRP A 13 ? 0.0678 0.0838 0.1387 0.0105  0.0152  0.0272  13  TRP A CE2  
241 C CE3  . TRP A 13 ? 0.1026 0.1042 0.1036 0.0261  0.0225  0.0135  13  TRP A CE3  
242 C CZ2  . TRP A 13 ? 0.0724 0.0688 0.1715 0.0203  -0.0065 0.0163  13  TRP A CZ2  
243 C CZ3  . TRP A 13 ? 0.1363 0.1014 0.1176 0.0422  -0.0023 -0.0013 13  TRP A CZ3  
244 C CH2  . TRP A 13 ? 0.1186 0.1176 0.1581 0.0347  -0.0213 0.0110  13  TRP A CH2  
245 H H    . TRP A 13 ? 0.0819 0.0819 0.0819 0.0000  0.0000  0.0000  13  TRP A H    
246 H HA   . TRP A 13 ? 0.0862 0.0862 0.0862 0.0000  0.0000  0.0000  13  TRP A HA   
247 H HB2  . TRP A 13 ? 0.0860 0.0860 0.0860 0.0000  0.0000  0.0000  13  TRP A HB2  
248 H HB3  . TRP A 13 ? 0.0860 0.0860 0.0860 0.0000  0.0000  0.0000  13  TRP A HB3  
249 H HD1  . TRP A 13 ? 0.1193 0.1193 0.1193 0.0000  0.0000  0.0000  13  TRP A HD1  
250 H HE1  . TRP A 13 ? 0.1312 0.1312 0.1312 0.0000  0.0000  0.0000  13  TRP A HE1  
251 H HE3  . TRP A 13 ? 0.1241 0.1241 0.1241 0.0000  0.0000  0.0000  13  TRP A HE3  
252 H HZ2  . TRP A 13 ? 0.1251 0.1251 0.1251 0.0000  0.0000  0.0000  13  TRP A HZ2  
253 H HZ3  . TRP A 13 ? 0.1421 0.1421 0.1421 0.0000  0.0000  0.0000  13  TRP A HZ3  
254 H HH2  . TRP A 13 ? 0.1578 0.1578 0.1578 0.0000  0.0000  0.0000  13  TRP A HH2  
255 N N    . DLE A 14 ? 0.0829 0.0713 0.0605 -0.0175 0.0051  -0.0103 14  DLE A N    
256 C CA   . DLE A 14 ? 0.0934 0.0685 0.0569 -0.0045 0.0038  -0.0032 14  DLE A CA   
257 C CB   . DLE A 14 ? 0.0889 0.0774 0.0669 0.0021  0.0139  -0.0104 14  DLE A CB   
258 C CG   . DLE A 14 ? 0.0904 0.0810 0.0480 -0.0054 0.0218  -0.0054 14  DLE A CG   
259 C CD1  . DLE A 14 ? 0.0994 0.1044 0.0678 0.0166  0.0124  -0.0390 14  DLE A CD1  
260 C CD2  . DLE A 14 ? 0.0854 0.1425 0.0656 -0.0243 -0.0004 -0.0008 14  DLE A CD2  
261 C C    . DLE A 14 ? 0.0804 0.0737 0.0669 -0.0013 0.0097  -0.0092 14  DLE A C    
262 O O    . DLE A 14 ? 0.1128 0.0808 0.0653 0.0083  0.0017  -0.0239 14  DLE A O    
263 H H    . DLE A 14 ? 0.0859 0.0859 0.0859 0.0000  0.0000  0.0000  14  DLE A H    
264 H HA   . DLE A 14 ? 0.0875 0.0875 0.0875 0.0000  0.0000  0.0000  14  DLE A HA   
265 H HB2  . DLE A 14 ? 0.0933 0.0933 0.0933 0.0000  0.0000  0.0000  14  DLE A HB2  
266 H HB3  . DLE A 14 ? 0.0933 0.0933 0.0933 0.0000  0.0000  0.0000  14  DLE A HB3  
267 H HG   . DLE A 14 ? 0.0878 0.0878 0.0878 0.0000  0.0000  0.0000  14  DLE A HG   
268 H HD11 . DLE A 14 ? 0.1358 0.1358 0.1358 0.0000  0.0000  0.0000  14  DLE A HD11 
269 H HD12 . DLE A 14 ? 0.1358 0.1358 0.1358 0.0000  0.0000  0.0000  14  DLE A HD12 
270 H HD13 . DLE A 14 ? 0.1358 0.1358 0.1358 0.0000  0.0000  0.0000  14  DLE A HD13 
271 H HD21 . DLE A 14 ? 0.1468 0.1468 0.1468 0.0000  0.0000  0.0000  14  DLE A HD21 
272 H HD22 . DLE A 14 ? 0.1468 0.1468 0.1468 0.0000  0.0000  0.0000  14  DLE A HD22 
273 H HD23 . DLE A 14 ? 0.1468 0.1468 0.1468 0.0000  0.0000  0.0000  14  DLE A HD23 
274 N N    . TRP A 15 ? 0.0601 0.0882 0.0688 0.0161  0.0072  -0.0226 15  TRP A N    
275 C CA   . TRP A 15 ? 0.0689 0.0991 0.0511 0.0190  0.0289  -0.0035 15  TRP A CA   
276 C C    . TRP A 15 ? 0.0838 0.0919 0.0654 0.0302  0.0115  -0.0097 15  TRP A C    
277 O O    . TRP A 15 ? 0.0951 0.1474 0.0513 0.0432  0.0127  -0.0125 15  TRP A O    
278 C CB   . TRP A 15 ? 0.0878 0.0975 0.0920 0.0255  0.0379  0.0001  15  TRP A CB   
279 C CG   . TRP A 15 ? 0.1140 0.1062 0.1708 0.0520  0.0852  0.0281  15  TRP A CG   
280 C CD1  . TRP A 15 ? 0.1215 0.1287 0.2778 0.0393  0.0844  -0.0300 15  TRP A CD1  
281 C CD2  . TRP A 15 ? 0.1173 0.1270 0.2012 0.0787  0.0722  0.0463  15  TRP A CD2  
282 N NE1  . TRP A 15 ? 0.1751 0.1280 0.3498 0.0736  0.0830  -0.0177 15  TRP A NE1  
283 C CE2  . TRP A 15 ? 0.1686 0.1469 0.2636 0.1086  0.0871  0.0410  15  TRP A CE2  
284 C CE3  . TRP A 15 ? 0.1761 0.1643 0.1510 0.0843  0.0573  0.0686  15  TRP A CE3  
285 C CZ2  . TRP A 15 ? 0.1852 0.1903 0.2870 0.1513  0.0929  0.0416  15  TRP A CZ2  
286 C CZ3  . TRP A 15 ? 0.1672 0.1863 0.1328 0.0850  0.0831  0.0918  15  TRP A CZ3  
287 C CH2  . TRP A 15 ? 0.1404 0.2411 0.1863 0.1130  0.1335  0.0938  15  TRP A CH2  
288 H H    . TRP A 15 ? 0.0869 0.0869 0.0869 0.0000  0.0000  0.0000  15  TRP A H    
289 H HA   . TRP A 15 ? 0.0876 0.0876 0.0876 0.0000  0.0000  0.0000  15  TRP A HA   
290 H HB2  . TRP A 15 ? 0.1109 0.1109 0.1109 0.0000  0.0000  0.0000  15  TRP A HB2  
291 H HB3  . TRP A 15 ? 0.1109 0.1109 0.1109 0.0000  0.0000  0.0000  15  TRP A HB3  
292 H HD1  . TRP A 15 ? 0.2111 0.2111 0.2111 0.0000  0.0000  0.0000  15  TRP A HD1  
293 H HE1  . TRP A 15 ? 0.2612 0.2612 0.2612 0.0000  0.0000  0.0000  15  TRP A HE1  
294 H HE3  . TRP A 15 ? 0.1966 0.1966 0.1966 0.0000  0.0000  0.0000  15  TRP A HE3  
295 H HZ2  . TRP A 15 ? 0.2650 0.2650 0.2650 0.0000  0.0000  0.0000  15  TRP A HZ2  
296 H HZ3  . TRP A 15 ? 0.1945 0.1945 0.1945 0.0000  0.0000  0.0000  15  TRP A HZ3  
297 H HH2  . TRP A 15 ? 0.2271 0.2271 0.2271 0.0000  0.0000  0.0000  15  TRP A HH2  
298 C CA   A ETA A 16 ? 0.1338 0.1316 0.0585 -0.0224 -0.0060 0.0143  16  ETA A CA   
299 C CA   B ETA A 16 ? 0.1247 0.1377 0.0648 -0.0106 -0.0121 0.0002  16  ETA A CA   
300 C CA   C ETA A 16 ? 0.1323 0.1292 0.0543 -0.0122 -0.0140 0.0079  16  ETA A CA   
301 N N    A ETA A 16 ? 0.1141 0.1042 0.0695 0.0011  -0.0008 0.0061  16  ETA A N    
302 N N    B ETA A 16 ? 0.1095 0.1160 0.0577 -0.0104 0.0027  0.0050  16  ETA A N    
303 N N    C ETA A 16 ? 0.1122 0.1104 0.0599 -0.0081 -0.0003 0.0067  16  ETA A N    
304 C C    A ETA A 16 ? 0.1490 0.1490 0.0896 -0.0056 -0.0240 -0.0015 16  ETA A C    
305 C C    B ETA A 16 ? 0.1092 0.1425 0.0676 -0.0428 -0.0146 0.0086  16  ETA A C    
306 C C    C ETA A 16 ? 0.1374 0.1470 0.0985 -0.0168 -0.0342 -0.0041 16  ETA A C    
307 O O    A ETA A 16 ? 0.1794 0.1528 0.2234 -0.0203 -0.1193 -0.0788 16  ETA A O    
308 O O    B ETA A 16 ? 0.0393 0.2169 0.1580 -0.0735 -0.0221 0.0098  16  ETA A O    
309 O O    C ETA A 16 ? 0.1403 0.1269 0.1625 0.0305  0.0126  0.0461  16  ETA A O    
310 H HA1  A ETA A 16 ? 0.1296 0.1296 0.1296 0.0000  0.0000  0.0000  16  ETA A HA1  
311 H HA1  B ETA A 16 ? 0.1310 0.1310 0.1310 0.0000  0.0000  0.0000  16  ETA A HA1  
312 H HA1  C ETA A 16 ? 0.1263 0.1263 0.1263 0.0000  0.0000  0.0000  16  ETA A HA1  
313 H HA2  A ETA A 16 ? 0.1296 0.1296 0.1296 0.0000  0.0000  0.0000  16  ETA A HA2  
314 H HA2  B ETA A 16 ? 0.1310 0.1310 0.1310 0.0000  0.0000  0.0000  16  ETA A HA2  
315 H HA2  C ETA A 16 ? 0.1263 0.1263 0.1263 0.0000  0.0000  0.0000  16  ETA A HA2  
316 H H    A ETA A 16 ? 0.1151 0.1151 0.1151 0.0000  0.0000  0.0000  16  ETA A H    
317 H H    B ETA A 16 ? 0.1132 0.1132 0.1132 0.0000  0.0000  0.0000  16  ETA A H    
318 H H    C ETA A 16 ? 0.1130 0.1130 0.1130 0.0000  0.0000  0.0000  16  ETA A H    
319 H HB1  A ETA A 16 ? 0.1550 0.1550 0.1550 0.0000  0.0000  0.0000  16  ETA A HB1  
320 H HB1  B ETA A 16 ? 0.1277 0.1277 0.1277 0.0000  0.0000  0.0000  16  ETA A HB1  
321 H HB1  C ETA A 16 ? 0.1531 0.1531 0.1531 0.0000  0.0000  0.0000  16  ETA A HB1  
322 H HB2  A ETA A 16 ? 0.1550 0.1550 0.1550 0.0000  0.0000  0.0000  16  ETA A HB2  
323 H HB2  B ETA A 16 ? 0.1277 0.1277 0.1277 0.0000  0.0000  0.0000  16  ETA A HB2  
324 H HB2  C ETA A 16 ? 0.1531 0.1531 0.1531 0.0000  0.0000  0.0000  16  ETA A HB2  
325 H HO   A ETA A 16 ? 0.2779 0.2779 0.2779 0.0000  0.0000  0.0000  16  ETA A HO   
326 H HO   B ETA A 16 ? 0.2071 0.2071 0.2071 0.0000  0.0000  0.0000  16  ETA A HO   
327 H HO   C ETA A 16 ? 0.2149 0.2149 0.2149 0.0000  0.0000  0.0000  16  ETA A HO   
328 C C    . FVA B 1  ? 0.0989 0.0765 0.0550 0.0102  0.0251  -0.0161 1   FVA B C    
329 N N    . FVA B 1  ? 0.1080 0.0616 0.0695 0.0109  0.0123  -0.0290 1   FVA B N    
330 O O    . FVA B 1  ? 0.1429 0.0868 0.0585 0.0217  0.0290  -0.0311 1   FVA B O    
331 C CA   . FVA B 1  ? 0.1079 0.0622 0.0585 0.0085  0.0259  -0.0078 1   FVA B CA   
332 C CB   . FVA B 1  ? 0.1219 0.0959 0.0624 -0.0236 0.0302  -0.0389 1   FVA B CB   
333 C CG1  . FVA B 1  ? 0.1046 0.1171 0.0619 -0.0323 0.0357  -0.0292 1   FVA B CG1  
334 C CG2  . FVA B 1  ? 0.1605 0.1026 0.0875 -0.0238 0.0397  -0.0138 1   FVA B CG2  
335 H H    . FVA B 1  ? 0.0956 0.0956 0.0956 0.0000  0.0000  0.0000  1   FVA B H    
336 H HA   . FVA B 1  ? 0.0914 0.0914 0.0914 0.0000  0.0000  0.0000  1   FVA B HA   
337 H HB   . FVA B 1  ? 0.1121 0.1121 0.1121 0.0000  0.0000  0.0000  1   FVA B HB   
338 H HG11 . FVA B 1  ? 0.1418 0.1418 0.1418 0.0000  0.0000  0.0000  1   FVA B HG11 
339 H HG12 . FVA B 1  ? 0.1418 0.1418 0.1418 0.0000  0.0000  0.0000  1   FVA B HG12 
340 H HG13 . FVA B 1  ? 0.1418 0.1418 0.1418 0.0000  0.0000  0.0000  1   FVA B HG13 
341 O O1   . FVA B 1  ? 0.2091 0.0978 0.0882 0.0588  -0.0303 -0.0493 1   FVA B O1   
342 H HG21 . FVA B 1  ? 0.1753 0.1753 0.1753 0.0000  0.0000  0.0000  1   FVA B HG21 
343 C CN   . FVA B 1  ? 0.1297 0.0794 0.0757 0.0167  -0.0026 -0.0236 1   FVA B CN   
344 H HG22 . FVA B 1  ? 0.1753 0.1753 0.1753 0.0000  0.0000  0.0000  1   FVA B HG22 
345 H HG23 . FVA B 1  ? 0.1753 0.1753 0.1753 0.0000  0.0000  0.0000  1   FVA B HG23 
346 H HN   . FVA B 1  ? 0.1139 0.1139 0.1139 0.0000  0.0000  0.0000  1   FVA B HN   
347 N N    . GLY B 2  ? 0.1046 0.0713 0.0500 0.0069  0.0355  -0.0137 2   GLY B N    
348 C CA   . GLY B 2  ? 0.0801 0.0821 0.0408 0.0211  0.0234  -0.0190 2   GLY B CA   
349 C C    . GLY B 2  ? 0.0688 0.0642 0.0464 0.0062  0.0062  0.0016  2   GLY B C    
350 O O    . GLY B 2  ? 0.0933 0.1188 0.0675 0.0204  -0.0084 -0.0217 2   GLY B O    
351 H H    . GLY B 2  ? 0.0904 0.0904 0.0904 0.0000  0.0000  0.0000  2   GLY B H    
352 H HA2  . GLY B 2  ? 0.0812 0.0812 0.0812 0.0000  0.0000  0.0000  2   GLY B HA2  
353 H HA3  . GLY B 2  ? 0.0812 0.0812 0.0812 0.0000  0.0000  0.0000  2   GLY B HA3  
354 N N    . ALA B 3  ? 0.0591 0.0883 0.0793 0.0152  0.0144  -0.0227 3   ALA B N    
355 C CA   . ALA B 3  ? 0.0677 0.0898 0.0740 0.0214  0.0154  -0.0023 3   ALA B CA   
356 C C    . ALA B 3  ? 0.0702 0.1027 0.0420 0.0099  0.0291  -0.0057 3   ALA B C    
357 O O    . ALA B 3  ? 0.0693 0.1405 0.0509 0.0244  0.0183  -0.0124 3   ALA B O    
358 C CB   . ALA B 3  ? 0.1358 0.1006 0.1173 -0.0088 0.0520  -0.0078 3   ALA B CB   
359 H H    . ALA B 3  ? 0.0907 0.0907 0.0907 0.0000  0.0000  0.0000  3   ALA B H    
360 H HA   . ALA B 3  ? 0.0926 0.0926 0.0926 0.0000  0.0000  0.0000  3   ALA B HA   
361 H HB1  . ALA B 3  ? 0.1769 0.1769 0.1769 0.0000  0.0000  0.0000  3   ALA B HB1  
362 H HB2  . ALA B 3  ? 0.1769 0.1769 0.1769 0.0000  0.0000  0.0000  3   ALA B HB2  
363 H HB3  . ALA B 3  ? 0.1769 0.1769 0.1769 0.0000  0.0000  0.0000  3   ALA B HB3  
364 N N    . DLE B 4  ? 0.0670 0.0909 0.0591 0.0067  0.0235  -0.0121 4   DLE B N    
365 C CA   . DLE B 4  ? 0.0728 0.0835 0.0553 0.0307  -0.0001 0.0028  4   DLE B CA   
366 C CB   . DLE B 4  ? 0.0754 0.0546 0.1074 0.0193  0.0098  0.0025  4   DLE B CB   
367 C CG   . DLE B 4  ? 0.0846 0.0803 0.1386 -0.0191 0.0011  -0.0281 4   DLE B CG   
368 C CD1  . DLE B 4  ? 0.1458 0.1748 0.1191 -0.0416 0.0034  0.0211  4   DLE B CD1  
369 C CD2  . DLE B 4  ? 0.0817 0.1718 0.1414 -0.0304 0.0017  -0.0168 4   DLE B CD2  
370 C C    . DLE B 4  ? 0.0676 0.0924 0.0640 0.0276  0.0121  -0.0160 4   DLE B C    
371 O O    . DLE B 4  ? 0.0856 0.0982 0.0658 -0.0061 0.0163  -0.0161 4   DLE B O    
372 H H    . DLE B 4  ? 0.0868 0.0868 0.0868 0.0000  0.0000  0.0000  4   DLE B H    
373 H HA   . DLE B 4  ? 0.0846 0.0846 0.0846 0.0000  0.0000  0.0000  4   DLE B HA   
374 H HB2  . DLE B 4  ? 0.0950 0.0950 0.0950 0.0000  0.0000  0.0000  4   DLE B HB2  
375 H HB3  . DLE B 4  ? 0.0950 0.0950 0.0950 0.0000  0.0000  0.0000  4   DLE B HB3  
376 H HG   . DLE B 4  ? 0.1213 0.1213 0.1213 0.0000  0.0000  0.0000  4   DLE B HG   
377 H HD11 . DLE B 4  ? 0.2199 0.2199 0.2199 0.0000  0.0000  0.0000  4   DLE B HD11 
378 H HD12 . DLE B 4  ? 0.2199 0.2199 0.2199 0.0000  0.0000  0.0000  4   DLE B HD12 
379 H HD13 . DLE B 4  ? 0.2199 0.2199 0.2199 0.0000  0.0000  0.0000  4   DLE B HD13 
380 H HD21 . DLE B 4  ? 0.1974 0.1974 0.1974 0.0000  0.0000  0.0000  4   DLE B HD21 
381 H HD22 . DLE B 4  ? 0.1974 0.1974 0.1974 0.0000  0.0000  0.0000  4   DLE B HD22 
382 H HD23 . DLE B 4  ? 0.1974 0.1974 0.1974 0.0000  0.0000  0.0000  4   DLE B HD23 
383 N N    . ALA B 5  ? 0.0825 0.0902 0.0580 -0.0073 0.0240  -0.0051 5   ALA B N    
384 C CA   . ALA B 5  ? 0.0555 0.1019 0.0745 -0.0015 -0.0011 0.0002  5   ALA B CA   
385 C C    . ALA B 5  ? 0.0924 0.1051 0.0848 -0.0071 -0.0112 -0.0049 5   ALA B C    
386 O O    . ALA B 5  ? 0.1429 0.1240 0.0712 0.0043  -0.0063 -0.0065 5   ALA B O    
387 C CB   . ALA B 5  ? 0.1035 0.1135 0.1249 0.0007  0.0046  0.0453  5   ALA B CB   
388 H H    . ALA B 5  ? 0.0923 0.0923 0.0923 0.0000  0.0000  0.0000  5   ALA B H    
389 H HA   . ALA B 5  ? 0.0927 0.0927 0.0927 0.0000  0.0000  0.0000  5   ALA B HA   
390 H HB1  . ALA B 5  ? 0.1710 0.1710 0.1710 0.0000  0.0000  0.0000  5   ALA B HB1  
391 H HB2  . ALA B 5  ? 0.1710 0.1710 0.1710 0.0000  0.0000  0.0000  5   ALA B HB2  
392 H HB3  . ALA B 5  ? 0.1710 0.1710 0.1710 0.0000  0.0000  0.0000  5   ALA B HB3  
393 N N    . DVA B 6  ? 0.0933 0.0911 0.1195 -0.0035 -0.0406 0.0137  6   DVA B N    
394 C CA   . DVA B 6  ? 0.1465 0.0848 0.1594 0.0241  -0.0924 -0.0148 6   DVA B CA   
395 C CB   A DVA B 6  ? 0.2057 0.0821 0.2225 0.0172  -0.0958 -0.0340 6   DVA B CB   
396 C CB   B DVA B 6  ? 0.1777 0.0834 0.2207 0.0172  -0.1089 -0.0192 6   DVA B CB   
397 C CG1  A DVA B 6  ? 0.2106 0.1120 0.1698 0.0155  -0.1160 0.0853  6   DVA B CG1  
398 C CG1  B DVA B 6  ? 0.1747 0.0462 0.1946 0.0223  -0.0778 0.0604  6   DVA B CG1  
399 C CG2  A DVA B 6  ? 0.2388 0.0859 0.3081 0.0339  -0.1680 -0.0640 6   DVA B CG2  
400 C CG2  B DVA B 6  ? 0.1824 0.0230 0.2517 0.0426  -0.1314 -0.0408 6   DVA B CG2  
401 C C    . DVA B 6  ? 0.1030 0.0760 0.0545 0.0073  -0.0304 -0.0329 6   DVA B C    
402 O O    . DVA B 6  ? 0.1142 0.0801 0.0482 -0.0123 0.0070  -0.0165 6   DVA B O    
403 H H    . DVA B 6  ? 0.1216 0.1216 0.1216 0.0000  0.0000  0.0000  6   DVA B H    
404 H HA   . DVA B 6  ? 0.1563 0.1563 0.1563 0.0000  0.0000  0.0000  6   DVA B HA   
405 H HB   A DVA B 6  ? 0.2042 0.2042 0.2042 0.0000  0.0000  0.0000  6   DVA B HB   
406 H HB   B DVA B 6  ? 0.1928 0.1928 0.1928 0.0000  0.0000  0.0000  6   DVA B HB   
407 H HG11 A DVA B 6  ? 0.2462 0.2462 0.2462 0.0000  0.0000  0.0000  6   DVA B HG11 
408 H HG11 B DVA B 6  ? 0.2077 0.2077 0.2077 0.0000  0.0000  0.0000  6   DVA B HG11 
409 H HG12 A DVA B 6  ? 0.2462 0.2462 0.2462 0.0000  0.0000  0.0000  6   DVA B HG12 
410 H HG12 B DVA B 6  ? 0.2077 0.2077 0.2077 0.0000  0.0000  0.0000  6   DVA B HG12 
411 H HG13 A DVA B 6  ? 0.2462 0.2462 0.2462 0.0000  0.0000  0.0000  6   DVA B HG13 
412 H HG13 B DVA B 6  ? 0.2077 0.2077 0.2077 0.0000  0.0000  0.0000  6   DVA B HG13 
413 H HG21 A DVA B 6  ? 0.3164 0.3164 0.3164 0.0000  0.0000  0.0000  6   DVA B HG21 
414 H HG21 B DVA B 6  ? 0.2286 0.2286 0.2286 0.0000  0.0000  0.0000  6   DVA B HG21 
415 H HG22 A DVA B 6  ? 0.3164 0.3164 0.3164 0.0000  0.0000  0.0000  6   DVA B HG22 
416 H HG22 B DVA B 6  ? 0.2286 0.2286 0.2286 0.0000  0.0000  0.0000  6   DVA B HG22 
417 H HG23 A DVA B 6  ? 0.3164 0.3164 0.3164 0.0000  0.0000  0.0000  6   DVA B HG23 
418 H HG23 B DVA B 6  ? 0.2286 0.2286 0.2286 0.0000  0.0000  0.0000  6   DVA B HG23 
419 N N    . VAL B 7  ? 0.0887 0.0894 0.0451 0.0178  -0.0024 -0.0228 7   VAL B N    
420 C CA   . VAL B 7  ? 0.0716 0.0796 0.0646 0.0039  -0.0039 -0.0210 7   VAL B CA   
421 C C    . VAL B 7  ? 0.1285 0.0435 0.0641 0.0177  0.0082  -0.0195 7   VAL B C    
422 O O    . VAL B 7  ? 0.2253 0.0900 0.0809 -0.0416 0.0288  -0.0416 7   VAL B O    
423 C CB   . VAL B 7  ? 0.0814 0.0744 0.1005 -0.0066 -0.0161 0.0011  7   VAL B CB   
424 C CG1  . VAL B 7  ? 0.1433 0.0922 0.1539 -0.0268 -0.0102 -0.0197 7   VAL B CG1  
425 C CG2  . VAL B 7  ? 0.0695 0.1580 0.1977 0.0408  0.0081  0.0311  7   VAL B CG2  
426 H H    . VAL B 7  ? 0.0893 0.0893 0.0893 0.0000  0.0000  0.0000  7   VAL B H    
427 H HA   . VAL B 7  ? 0.0862 0.0862 0.0862 0.0000  0.0000  0.0000  7   VAL B HA   
428 H HB   . VAL B 7  ? 0.1026 0.1026 0.1026 0.0000  0.0000  0.0000  7   VAL B HB   
429 H HG11 . VAL B 7  ? 0.1947 0.1947 0.1947 0.0000  0.0000  0.0000  7   VAL B HG11 
430 H HG12 . VAL B 7  ? 0.1947 0.1947 0.1947 0.0000  0.0000  0.0000  7   VAL B HG12 
431 H HG13 . VAL B 7  ? 0.1947 0.1947 0.1947 0.0000  0.0000  0.0000  7   VAL B HG13 
432 H HG21 . VAL B 7  ? 0.2126 0.2126 0.2126 0.0000  0.0000  0.0000  7   VAL B HG21 
433 H HG22 . VAL B 7  ? 0.2126 0.2126 0.2126 0.0000  0.0000  0.0000  7   VAL B HG22 
434 H HG23 . VAL B 7  ? 0.2126 0.2126 0.2126 0.0000  0.0000  0.0000  7   VAL B HG23 
435 N N    . DVA B 8  ? 0.0800 0.0715 0.0581 0.0136  0.0160  -0.0264 8   DVA B N    
436 C CA   . DVA B 8  ? 0.0717 0.0870 0.0602 0.0112  0.0112  -0.0219 8   DVA B CA   
437 C CB   A DVA B 8  ? 0.0871 0.1181 0.0890 0.0361  0.0033  0.0110  8   DVA B CB   
438 C CB   B DVA B 8  ? 0.1002 0.1244 0.0938 0.0488  0.0107  0.0143  8   DVA B CB   
439 C CG1  A DVA B 8  ? 0.1367 0.0568 0.0899 0.0370  0.0126  0.0304  8   DVA B CG1  
440 C CG1  B DVA B 8  ? 0.1202 0.0941 0.0494 0.0419  0.0037  0.0093  8   DVA B CG1  
441 C CG2  A DVA B 8  ? 0.0824 0.2226 0.1573 0.0503  0.0013  0.0326  8   DVA B CG2  
442 C CG2  B DVA B 8  ? 0.1418 0.1236 0.1433 0.0203  0.0226  0.0295  8   DVA B CG2  
443 C C    . DVA B 8  ? 0.0787 0.0438 0.0413 0.0200  -0.0027 -0.0183 8   DVA B C    
444 O O    . DVA B 8  ? 0.0919 0.1309 0.0453 0.0189  -0.0053 -0.0442 8   DVA B O    
445 H H    . DVA B 8  ? 0.0838 0.0838 0.0838 0.0000  0.0000  0.0000  8   DVA B H    
446 H HA   . DVA B 8  ? 0.0876 0.0876 0.0876 0.0000  0.0000  0.0000  8   DVA B HA   
447 H HB   A DVA B 8  ? 0.1177 0.1177 0.1177 0.0000  0.0000  0.0000  8   DVA B HB   
448 H HB   B DVA B 8  ? 0.1274 0.1274 0.1274 0.0000  0.0000  0.0000  8   DVA B HB   
449 H HG11 A DVA B 8  ? 0.1416 0.1416 0.1416 0.0000  0.0000  0.0000  8   DVA B HG11 
450 H HG11 B DVA B 8  ? 0.1318 0.1318 0.1318 0.0000  0.0000  0.0000  8   DVA B HG11 
451 H HG12 A DVA B 8  ? 0.1416 0.1416 0.1416 0.0000  0.0000  0.0000  8   DVA B HG12 
452 H HG12 B DVA B 8  ? 0.1318 0.1318 0.1318 0.0000  0.0000  0.0000  8   DVA B HG12 
453 H HG13 A DVA B 8  ? 0.1416 0.1416 0.1416 0.0000  0.0000  0.0000  8   DVA B HG13 
454 H HG13 B DVA B 8  ? 0.1318 0.1318 0.1318 0.0000  0.0000  0.0000  8   DVA B HG13 
455 H HG21 A DVA B 8  ? 0.2311 0.2311 0.2311 0.0000  0.0000  0.0000  8   DVA B HG21 
456 H HG21 B DVA B 8  ? 0.2043 0.2043 0.2043 0.0000  0.0000  0.0000  8   DVA B HG21 
457 H HG22 A DVA B 8  ? 0.2311 0.2311 0.2311 0.0000  0.0000  0.0000  8   DVA B HG22 
458 H HG22 B DVA B 8  ? 0.2043 0.2043 0.2043 0.0000  0.0000  0.0000  8   DVA B HG22 
459 H HG23 A DVA B 8  ? 0.2311 0.2311 0.2311 0.0000  0.0000  0.0000  8   DVA B HG23 
460 H HG23 B DVA B 8  ? 0.2043 0.2043 0.2043 0.0000  0.0000  0.0000  8   DVA B HG23 
461 N N    . TRP B 9  ? 0.0722 0.0803 0.0238 0.0041  0.0035  -0.0033 9   TRP B N    
462 C CA   . TRP B 9  ? 0.0653 0.0734 0.0681 0.0086  0.0021  -0.0079 9   TRP B CA   
463 C C    . TRP B 9  ? 0.0641 0.0564 0.0762 0.0131  0.0023  0.0039  9   TRP B C    
464 O O    . TRP B 9  ? 0.0721 0.1042 0.0506 0.0034  0.0058  -0.0094 9   TRP B O    
465 C CB   . TRP B 9  ? 0.0768 0.0642 0.0717 0.0081  -0.0094 -0.0044 9   TRP B CB   
466 C CG   . TRP B 9  ? 0.0775 0.0595 0.0407 0.0026  0.0049  -0.0268 9   TRP B CG   
467 C CD1  . TRP B 9  ? 0.0571 0.0791 0.0857 0.0143  0.0453  -0.0119 9   TRP B CD1  
468 C CD2  . TRP B 9  ? 0.0916 0.0617 0.0796 -0.0048 -0.0010 -0.0232 9   TRP B CD2  
469 N NE1  . TRP B 9  ? 0.0629 0.0839 0.0973 0.0049  0.0063  -0.0149 9   TRP B NE1  
470 C CE2  . TRP B 9  ? 0.0865 0.0908 0.0606 -0.0172 0.0108  -0.0082 9   TRP B CE2  
471 C CE3  . TRP B 9  ? 0.1265 0.0720 0.0586 0.0000  0.0345  -0.0102 9   TRP B CE3  
472 C CZ2  . TRP B 9  ? 0.0939 0.1098 0.0741 -0.0254 0.0296  -0.0095 9   TRP B CZ2  
473 C CZ3  . TRP B 9  ? 0.1718 0.0621 0.0913 -0.0144 0.0423  0.0059  9   TRP B CZ3  
474 C CH2  . TRP B 9  ? 0.1542 0.1107 0.0698 -0.0465 0.0320  0.0030  9   TRP B CH2  
475 H H    . TRP B 9  ? 0.0705 0.0705 0.0705 0.0000  0.0000  0.0000  9   TRP B H    
476 H HA   . TRP B 9  ? 0.0827 0.0827 0.0827 0.0000  0.0000  0.0000  9   TRP B HA   
477 H HB2  . TRP B 9  ? 0.0851 0.0851 0.0851 0.0000  0.0000  0.0000  9   TRP B HB2  
478 H HB3  . TRP B 9  ? 0.0851 0.0851 0.0851 0.0000  0.0000  0.0000  9   TRP B HB3  
479 H HD1  . TRP B 9  ? 0.0888 0.0888 0.0888 0.0000  0.0000  0.0000  9   TRP B HD1  
480 H HE1  . TRP B 9  ? 0.0976 0.0976 0.0976 0.0000  0.0000  0.0000  9   TRP B HE1  
481 H HE3  . TRP B 9  ? 0.1028 0.1028 0.1028 0.0000  0.0000  0.0000  9   TRP B HE3  
482 H HZ2  . TRP B 9  ? 0.1111 0.1111 0.1111 0.0000  0.0000  0.0000  9   TRP B HZ2  
483 H HZ3  . TRP B 9  ? 0.1301 0.1301 0.1301 0.0000  0.0000  0.0000  9   TRP B HZ3  
484 H HH2  . TRP B 9  ? 0.1339 0.1339 0.1339 0.0000  0.0000  0.0000  9   TRP B HH2  
485 N N    . DLE B 10 ? 0.0810 0.0577 0.0571 0.0018  0.0047  -0.0040 10  DLE B N    
486 C CA   . DLE B 10 ? 0.0855 0.0716 0.0681 0.0111  0.0051  -0.0238 10  DLE B CA   
487 C CB   A DLE B 10 ? 0.0823 0.0610 0.0671 0.0012  -0.0061 -0.0142 10  DLE B CB   
488 C CB   B DLE B 10 ? 0.0823 0.0560 0.0820 -0.0025 0.0000  -0.0203 10  DLE B CB   
489 C CG   A DLE B 10 ? 0.0852 0.0286 0.0983 0.0095  -0.0127 0.0010  10  DLE B CG   
490 C CG   B DLE B 10 ? 0.0773 0.1046 0.0790 0.0191  0.0011  -0.0256 10  DLE B CG   
491 C CD1  A DLE B 10 ? 0.0889 0.0565 0.1003 0.0159  -0.0232 0.0417  10  DLE B CD1  
492 C CD1  B DLE B 10 ? 0.1251 0.1997 0.1248 0.0873  -0.0459 -0.0638 10  DLE B CD1  
493 C CD2  A DLE B 10 ? 0.0796 0.0884 0.0971 -0.0070 -0.0312 0.0264  10  DLE B CD2  
494 C CD2  B DLE B 10 ? 0.1044 0.1441 0.0860 0.0046  0.0096  -0.0180 10  DLE B CD2  
495 C C    . DLE B 10 ? 0.0781 0.0626 0.0494 0.0198  0.0026  -0.0080 10  DLE B C    
496 O O    . DLE B 10 ? 0.1113 0.0832 0.0460 -0.0035 -0.0241 -0.0113 10  DLE B O    
497 H H    . DLE B 10 ? 0.0783 0.0783 0.0783 0.0000  0.0000  0.0000  10  DLE B H    
498 H HA   . DLE B 10 ? 0.0900 0.0900 0.0900 0.0000  0.0000  0.0000  10  DLE B HA   
499 H HB2  A DLE B 10 ? 0.0842 0.0842 0.0842 0.0000  0.0000  0.0000  10  DLE B HB2  
500 H HB2  B DLE B 10 ? 0.0881 0.0881 0.0881 0.0000  0.0000  0.0000  10  DLE B HB2  
501 H HB3  A DLE B 10 ? 0.0842 0.0842 0.0842 0.0000  0.0000  0.0000  10  DLE B HB3  
502 H HB3  B DLE B 10 ? 0.0881 0.0881 0.0881 0.0000  0.0000  0.0000  10  DLE B HB3  
503 H HG   A DLE B 10 ? 0.0849 0.0849 0.0849 0.0000  0.0000  0.0000  10  DLE B HG   
504 H HG   B DLE B 10 ? 0.1044 0.1044 0.1044 0.0000  0.0000  0.0000  10  DLE B HG   
505 H HD11 A DLE B 10 ? 0.1229 0.1229 0.1229 0.0000  0.0000  0.0000  10  DLE B HD11 
506 H HD11 B DLE B 10 ? 0.2248 0.2248 0.2248 0.0000  0.0000  0.0000  10  DLE B HD11 
507 H HD12 A DLE B 10 ? 0.1229 0.1229 0.1229 0.0000  0.0000  0.0000  10  DLE B HD12 
508 H HD12 B DLE B 10 ? 0.2248 0.2248 0.2248 0.0000  0.0000  0.0000  10  DLE B HD12 
509 H HD13 A DLE B 10 ? 0.1229 0.1229 0.1229 0.0000  0.0000  0.0000  10  DLE B HD13 
510 H HD13 B DLE B 10 ? 0.2248 0.2248 0.2248 0.0000  0.0000  0.0000  10  DLE B HD13 
511 H HD21 A DLE B 10 ? 0.1326 0.1326 0.1326 0.0000  0.0000  0.0000  10  DLE B HD21 
512 H HD21 B DLE B 10 ? 0.1673 0.1673 0.1673 0.0000  0.0000  0.0000  10  DLE B HD21 
513 H HD22 A DLE B 10 ? 0.1326 0.1326 0.1326 0.0000  0.0000  0.0000  10  DLE B HD22 
514 H HD22 B DLE B 10 ? 0.1673 0.1673 0.1673 0.0000  0.0000  0.0000  10  DLE B HD22 
515 H HD23 A DLE B 10 ? 0.1326 0.1326 0.1326 0.0000  0.0000  0.0000  10  DLE B HD23 
516 H HD23 B DLE B 10 ? 0.1673 0.1673 0.1673 0.0000  0.0000  0.0000  10  DLE B HD23 
517 N N    . TRP B 11 ? 0.0759 0.0794 0.0528 0.0049  0.0054  -0.0135 11  TRP B N    
518 C CA   . TRP B 11 ? 0.0789 0.0828 0.0540 -0.0004 0.0184  -0.0036 11  TRP B CA   
519 C C    . TRP B 11 ? 0.0740 0.0905 0.0758 0.0083  0.0084  -0.0471 11  TRP B C    
520 O O    . TRP B 11 ? 0.0769 0.0938 0.0613 -0.0017 0.0177  -0.0271 11  TRP B O    
521 C CB   . TRP B 11 ? 0.0846 0.0822 0.0683 0.0004  0.0109  -0.0080 11  TRP B CB   
522 C CG   . TRP B 11 ? 0.1140 0.0916 0.0541 -0.0147 0.0037  -0.0102 11  TRP B CG   
523 C CD1  . TRP B 11 ? 0.1180 0.1222 0.1128 -0.0261 0.0200  0.0454  11  TRP B CD1  
524 C CD2  . TRP B 11 ? 0.1654 0.0816 0.0784 -0.0124 0.0074  -0.0234 11  TRP B CD2  
525 N NE1  . TRP B 11 ? 0.1537 0.1203 0.1559 -0.0379 0.0180  0.0422  11  TRP B NE1  
526 C CE2  . TRP B 11 ? 0.1888 0.1076 0.0921 -0.0182 0.0413  0.0042  11  TRP B CE2  
527 C CE3  . TRP B 11 ? 0.1661 0.1024 0.1347 0.0008  0.0064  0.0021  11  TRP B CE3  
528 C CZ2  . TRP B 11 ? 0.2220 0.1141 0.1727 -0.0259 -0.0055 0.0194  11  TRP B CZ2  
529 C CZ3  . TRP B 11 ? 0.2321 0.0916 0.1821 0.0150  0.0406  -0.0149 11  TRP B CZ3  
530 C CH2  . TRP B 11 ? 0.2393 0.0932 0.1798 -0.0161 -0.0181 0.0227  11  TRP B CH2  
531 H H    . TRP B 11 ? 0.0832 0.0832 0.0832 0.0000  0.0000  0.0000  11  TRP B H    
532 H HA   . TRP B 11 ? 0.0862 0.0862 0.0862 0.0000  0.0000  0.0000  11  TRP B HA   
533 H HB2  . TRP B 11 ? 0.0940 0.0940 0.0940 0.0000  0.0000  0.0000  11  TRP B HB2  
534 H HB3  . TRP B 11 ? 0.0940 0.0940 0.0940 0.0000  0.0000  0.0000  11  TRP B HB3  
535 H HD1  . TRP B 11 ? 0.1412 0.1412 0.1412 0.0000  0.0000  0.0000  11  TRP B HD1  
536 H HE1  . TRP B 11 ? 0.1720 0.1720 0.1720 0.0000  0.0000  0.0000  11  TRP B HE1  
537 H HE3  . TRP B 11 ? 0.1612 0.1612 0.1612 0.0000  0.0000  0.0000  11  TRP B HE3  
538 H HZ2  . TRP B 11 ? 0.2035 0.2035 0.2035 0.0000  0.0000  0.0000  11  TRP B HZ2  
539 H HZ3  . TRP B 11 ? 0.2023 0.2023 0.2023 0.0000  0.0000  0.0000  11  TRP B HZ3  
540 H HH2  . TRP B 11 ? 0.2049 0.2049 0.2049 0.0000  0.0000  0.0000  11  TRP B HH2  
541 N N    . DLE B 12 ? 0.1020 0.0716 0.0491 0.0349  0.0042  -0.0183 12  DLE B N    
542 C CA   . DLE B 12 ? 0.0939 0.0468 0.0361 0.0101  0.0004  -0.0232 12  DLE B CA   
543 C CB   . DLE B 12 ? 0.1489 0.0634 0.0549 -0.0245 0.0045  -0.0137 12  DLE B CB   
544 C CG   . DLE B 12 ? 0.2063 0.0621 0.0841 -0.0415 -0.0312 0.0113  12  DLE B CG   
545 C CD1  . DLE B 12 ? 0.1794 0.0612 0.2064 -0.0335 0.0165  -0.0482 12  DLE B CD1  
546 C CD2  . DLE B 12 ? 0.2867 0.1199 0.1516 -0.0965 0.0504  0.0057  12  DLE B CD2  
547 C C    . DLE B 12 ? 0.0767 0.0618 0.0626 0.0242  0.0356  -0.0013 12  DLE B C    
548 O O    . DLE B 12 ? 0.0791 0.0725 0.0531 0.0095  0.0198  -0.0161 12  DLE B O    
549 H H    . DLE B 12 ? 0.0892 0.0892 0.0892 0.0000  0.0000  0.0000  12  DLE B H    
550 H HA   . DLE B 12 ? 0.0708 0.0708 0.0708 0.0000  0.0000  0.0000  12  DLE B HA   
551 H HB2  . DLE B 12 ? 0.1069 0.1069 0.1069 0.0000  0.0000  0.0000  12  DLE B HB2  
552 H HB3  . DLE B 12 ? 0.1069 0.1069 0.1069 0.0000  0.0000  0.0000  12  DLE B HB3  
553 H HG   . DLE B 12 ? 0.1411 0.1411 0.1411 0.0000  0.0000  0.0000  12  DLE B HG   
554 H HD11 . DLE B 12 ? 0.2235 0.2235 0.2235 0.0000  0.0000  0.0000  12  DLE B HD11 
555 H HD12 . DLE B 12 ? 0.2235 0.2235 0.2235 0.0000  0.0000  0.0000  12  DLE B HD12 
556 H HD13 . DLE B 12 ? 0.2235 0.2235 0.2235 0.0000  0.0000  0.0000  12  DLE B HD13 
557 H HD21 . DLE B 12 ? 0.2791 0.2791 0.2791 0.0000  0.0000  0.0000  12  DLE B HD21 
558 H HD22 . DLE B 12 ? 0.2791 0.2791 0.2791 0.0000  0.0000  0.0000  12  DLE B HD22 
559 H HD23 . DLE B 12 ? 0.2791 0.2791 0.2791 0.0000  0.0000  0.0000  12  DLE B HD23 
560 N N    . TRP B 13 ? 0.0989 0.0630 0.0562 0.0264  0.0291  -0.0105 13  TRP B N    
561 C CA   . TRP B 13 ? 0.0740 0.0669 0.0510 0.0183  0.0127  -0.0201 13  TRP B CA   
562 C C    . TRP B 13 ? 0.0839 0.0496 0.0506 0.0053  0.0018  -0.0116 13  TRP B C    
563 O O    . TRP B 13 ? 0.1263 0.0708 0.0576 0.0032  0.0001  -0.0233 13  TRP B O    
564 C CB   . TRP B 13 ? 0.0833 0.0957 0.0770 0.0139  0.0032  -0.0065 13  TRP B CB   
565 C CG   . TRP B 13 ? 0.0826 0.0781 0.1042 0.0215  -0.0019 -0.0150 13  TRP B CG   
566 C CD1  . TRP B 13 ? 0.1135 0.0943 0.1035 0.0016  -0.0184 0.0065  13  TRP B CD1  
567 C CD2  . TRP B 13 ? 0.0733 0.0828 0.1060 0.0146  0.0069  -0.0084 13  TRP B CD2  
568 N NE1  . TRP B 13 ? 0.0940 0.1073 0.1349 0.0183  -0.0217 0.0041  13  TRP B NE1  
569 C CE2  . TRP B 13 ? 0.0632 0.0933 0.1375 0.0150  -0.0047 0.0101  13  TRP B CE2  
570 C CE3  . TRP B 13 ? 0.1006 0.0745 0.1033 0.0050  0.0352  -0.0240 13  TRP B CE3  
571 C CZ2  . TRP B 13 ? 0.1081 0.0893 0.1188 0.0046  0.0321  0.0246  13  TRP B CZ2  
572 C CZ3  . TRP B 13 ? 0.1215 0.0813 0.1037 0.0058  0.0516  -0.0196 13  TRP B CZ3  
573 C CH2  . TRP B 13 ? 0.1352 0.0956 0.1152 0.0323  0.0513  -0.0118 13  TRP B CH2  
574 H H    . TRP B 13 ? 0.0871 0.0871 0.0871 0.0000  0.0000  0.0000  13  TRP B H    
575 H HA   . TRP B 13 ? 0.0768 0.0768 0.0768 0.0000  0.0000  0.0000  13  TRP B HA   
576 H HB2  . TRP B 13 ? 0.1025 0.1025 0.1025 0.0000  0.0000  0.0000  13  TRP B HB2  
577 H HB3  . TRP B 13 ? 0.1025 0.1025 0.1025 0.0000  0.0000  0.0000  13  TRP B HB3  
578 H HD1  . TRP B 13 ? 0.1245 0.1245 0.1245 0.0000  0.0000  0.0000  13  TRP B HD1  
579 H HE1  . TRP B 13 ? 0.1345 0.1345 0.1345 0.0000  0.0000  0.0000  13  TRP B HE1  
580 H HE3  . TRP B 13 ? 0.1113 0.1113 0.1113 0.0000  0.0000  0.0000  13  TRP B HE3  
581 H HZ2  . TRP B 13 ? 0.1265 0.1265 0.1265 0.0000  0.0000  0.0000  13  TRP B HZ2  
582 H HZ3  . TRP B 13 ? 0.1226 0.1226 0.1226 0.0000  0.0000  0.0000  13  TRP B HZ3  
583 H HH2  . TRP B 13 ? 0.1384 0.1384 0.1384 0.0000  0.0000  0.0000  13  TRP B HH2  
584 N N    . DLE B 14 ? 0.0863 0.0494 0.0864 0.0064  0.0202  -0.0211 14  DLE B N    
585 C CA   . DLE B 14 ? 0.0886 0.0623 0.0719 -0.0026 0.0039  -0.0145 14  DLE B CA   
586 C CB   . DLE B 14 ? 0.1000 0.0789 0.1108 0.0196  -0.0184 0.0218  14  DLE B CB   
587 C CG   . DLE B 14 ? 0.1089 0.1177 0.0813 0.0271  0.0094  0.0526  14  DLE B CG   
588 C CD1  . DLE B 14 ? 0.0891 0.2330 0.1007 0.0324  -0.0103 0.0315  14  DLE B CD1  
589 C CD2  . DLE B 14 ? 0.1630 0.1097 0.2159 0.0570  0.0845  0.0495  14  DLE B CD2  
590 C C    . DLE B 14 ? 0.0874 0.0474 0.0546 0.0113  0.0116  -0.0004 14  DLE B C    
591 O O    . DLE B 14 ? 0.0873 0.0705 0.0516 0.0144  0.0070  -0.0209 14  DLE B O    
592 H H    . DLE B 14 ? 0.0888 0.0888 0.0888 0.0000  0.0000  0.0000  14  DLE B H    
593 H HA   . DLE B 14 ? 0.0890 0.0890 0.0890 0.0000  0.0000  0.0000  14  DLE B HA   
594 H HB2  . DLE B 14 ? 0.1159 0.1159 0.1159 0.0000  0.0000  0.0000  14  DLE B HB2  
595 H HB3  . DLE B 14 ? 0.1159 0.1159 0.1159 0.0000  0.0000  0.0000  14  DLE B HB3  
596 H HG   . DLE B 14 ? 0.1231 0.1231 0.1231 0.0000  0.0000  0.0000  14  DLE B HG   
597 H HD11 . DLE B 14 ? 0.2114 0.2114 0.2114 0.0000  0.0000  0.0000  14  DLE B HD11 
598 H HD12 . DLE B 14 ? 0.2114 0.2114 0.2114 0.0000  0.0000  0.0000  14  DLE B HD12 
599 H HD13 . DLE B 14 ? 0.2114 0.2114 0.2114 0.0000  0.0000  0.0000  14  DLE B HD13 
600 H HD21 . DLE B 14 ? 0.2443 0.2443 0.2443 0.0000  0.0000  0.0000  14  DLE B HD21 
601 H HD22 . DLE B 14 ? 0.2443 0.2443 0.2443 0.0000  0.0000  0.0000  14  DLE B HD22 
602 H HD23 . DLE B 14 ? 0.2443 0.2443 0.2443 0.0000  0.0000  0.0000  14  DLE B HD23 
603 N N    . TRP B 15 ? 0.0865 0.1020 0.0576 0.0023  0.0077  -0.0269 15  TRP B N    
604 C CA   . TRP B 15 ? 0.0863 0.0560 0.0533 0.0164  0.0045  -0.0072 15  TRP B CA   
605 C C    . TRP B 15 ? 0.1307 0.0753 0.0518 0.0146  0.0230  -0.0171 15  TRP B C    
606 O O    . TRP B 15 ? 0.1644 0.0877 0.0610 -0.0024 0.0428  -0.0190 15  TRP B O    
607 C CB   . TRP B 15 ? 0.0924 0.0901 0.0814 0.0036  0.0147  0.0098  15  TRP B CB   
608 C CG   . TRP B 15 ? 0.0865 0.0699 0.1095 0.0240  0.0249  0.0064  15  TRP B CG   
609 C CD1  . TRP B 15 ? 0.0959 0.2019 0.1000 0.0358  0.0224  0.0135  15  TRP B CD1  
610 C CD2  . TRP B 15 ? 0.0839 0.1172 0.1036 0.0097  0.0250  0.0241  15  TRP B CD2  
611 N NE1  . TRP B 15 ? 0.0818 0.2401 0.1365 0.0422  0.0235  -0.0344 15  TRP B NE1  
612 C CE2  . TRP B 15 ? 0.0854 0.1534 0.1180 0.0018  0.0231  0.0020  15  TRP B CE2  
613 C CE3  . TRP B 15 ? 0.1270 0.0623 0.1012 0.0206  0.0252  0.0399  15  TRP B CE3  
614 C CZ2  . TRP B 15 ? 0.0806 0.1709 0.1296 0.0237  0.0250  -0.0130 15  TRP B CZ2  
615 C CZ3  . TRP B 15 ? 0.1380 0.1009 0.1061 0.0157  0.0203  0.0087  15  TRP B CZ3  
616 C CH2  . TRP B 15 ? 0.1312 0.1427 0.1064 0.0222  0.0046  0.0119  15  TRP B CH2  
617 H H    . TRP B 15 ? 0.0984 0.0984 0.0984 0.0000  0.0000  0.0000  15  TRP B H    
618 H HA   . TRP B 15 ? 0.0783 0.0783 0.0783 0.0000  0.0000  0.0000  15  TRP B HA   
619 H HB2  . TRP B 15 ? 0.1055 0.1055 0.1055 0.0000  0.0000  0.0000  15  TRP B HB2  
620 H HB3  . TRP B 15 ? 0.1055 0.1055 0.1055 0.0000  0.0000  0.0000  15  TRP B HB3  
621 H HD1  . TRP B 15 ? 0.1591 0.1591 0.1591 0.0000  0.0000  0.0000  15  TRP B HD1  
622 H HE1  . TRP B 15 ? 0.1834 0.1834 0.1834 0.0000  0.0000  0.0000  15  TRP B HE1  
623 H HE3  . TRP B 15 ? 0.1163 0.1163 0.1163 0.0000  0.0000  0.0000  15  TRP B HE3  
624 H HZ2  . TRP B 15 ? 0.1525 0.1525 0.1525 0.0000  0.0000  0.0000  15  TRP B HZ2  
625 H HZ3  . TRP B 15 ? 0.1381 0.1381 0.1381 0.0000  0.0000  0.0000  15  TRP B HZ3  
626 H HH2  . TRP B 15 ? 0.1521 0.1521 0.1521 0.0000  0.0000  0.0000  15  TRP B HH2  
627 C CA   A ETA B 16 ? 0.1718 0.0772 0.0426 0.0109  0.0112  -0.0279 16  ETA B CA   
628 C CA   B ETA B 16 ? 0.1875 0.0723 0.0432 0.0135  0.0194  -0.0277 16  ETA B CA   
629 C CA   C ETA B 16 ? 0.1958 0.0818 0.0483 0.0088  0.0090  -0.0317 16  ETA B CA   
630 N N    A ETA B 16 ? 0.1810 0.0678 0.0390 0.0112  0.0102  -0.0219 16  ETA B N    
631 N N    B ETA B 16 ? 0.1879 0.0636 0.0431 0.0236  0.0184  -0.0248 16  ETA B N    
632 N N    C ETA B 16 ? 0.1850 0.0646 0.0456 0.0267  0.0197  -0.0240 16  ETA B N    
633 C C    A ETA B 16 ? 0.1971 0.0812 0.0222 0.0260  0.0197  -0.0147 16  ETA B C    
634 C C    B ETA B 16 ? 0.2043 0.0588 0.0522 0.0156  -0.0012 -0.0477 16  ETA B C    
635 C C    C ETA B 16 ? 0.1902 0.0871 0.0500 -0.0013 -0.0167 -0.0211 16  ETA B C    
636 O O    A ETA B 16 ? 0.2699 0.1121 0.0374 0.0156  0.0108  0.0214  16  ETA B O    
637 O O    B ETA B 16 ? 0.1852 0.0889 0.0681 0.0102  -0.0240 -0.0235 16  ETA B O    
638 O O    C ETA B 16 ? 0.2759 0.0771 0.1611 0.0570  -0.0250 -0.0123 16  ETA B O    
639 H HA1  A ETA B 16 ? 0.1166 0.1166 0.1166 0.0000  0.0000  0.0000  16  ETA B HA1  
640 H HA1  B ETA B 16 ? 0.1212 0.1212 0.1212 0.0000  0.0000  0.0000  16  ETA B HA1  
641 H HA1  C ETA B 16 ? 0.1303 0.1303 0.1303 0.0000  0.0000  0.0000  16  ETA B HA1  
642 H HA2  A ETA B 16 ? 0.1166 0.1166 0.1166 0.0000  0.0000  0.0000  16  ETA B HA2  
643 H HA2  B ETA B 16 ? 0.1212 0.1212 0.1212 0.0000  0.0000  0.0000  16  ETA B HA2  
644 H HA2  C ETA B 16 ? 0.1303 0.1303 0.1303 0.0000  0.0000  0.0000  16  ETA B HA2  
645 H H    A ETA B 16 ? 0.1151 0.1151 0.1151 0.0000  0.0000  0.0000  16  ETA B H    
646 H H    B ETA B 16 ? 0.1178 0.1178 0.1178 0.0000  0.0000  0.0000  16  ETA B H    
647 H H    C ETA B 16 ? 0.1180 0.1180 0.1180 0.0000  0.0000  0.0000  16  ETA B H    
648 H HB1  A ETA B 16 ? 0.1202 0.1202 0.1202 0.0000  0.0000  0.0000  16  ETA B HB1  
649 H HB1  B ETA B 16 ? 0.1261 0.1261 0.1261 0.0000  0.0000  0.0000  16  ETA B HB1  
650 H HB1  C ETA B 16 ? 0.1310 0.1310 0.1310 0.0000  0.0000  0.0000  16  ETA B HB1  
651 H HB2  A ETA B 16 ? 0.1202 0.1202 0.1202 0.0000  0.0000  0.0000  16  ETA B HB2  
652 H HB2  B ETA B 16 ? 0.1261 0.1261 0.1261 0.0000  0.0000  0.0000  16  ETA B HB2  
653 H HB2  C ETA B 16 ? 0.1310 0.1310 0.1310 0.0000  0.0000  0.0000  16  ETA B HB2  
654 H HO   A ETA B 16 ? 0.2097 0.2097 0.2097 0.0000  0.0000  0.0000  16  ETA B HO   
655 H HO   B ETA B 16 ? 0.1711 0.1711 0.1711 0.0000  0.0000  0.0000  16  ETA B HO   
656 H HO   C ETA B 16 ? 0.2571 0.2571 0.2571 0.0000  0.0000  0.0000  16  ETA B HO   
657 C C    . MOH C .  ? 0.2499 0.2582 0.2570 0.0588  -0.0611 -0.1043 501 MOH A C    
658 O O    . MOH C .  ? 0.1989 0.1731 0.1358 0.0083  -0.0566 -0.0201 501 MOH A O    
659 H H1   . MOH C .  ? 0.3825 0.3825 0.3825 0.0000  0.0000  0.0000  501 MOH A H1   
660 H H2   . MOH C .  ? 0.3825 0.3825 0.3825 0.0000  0.0000  0.0000  501 MOH A H2   
661 H H3   . MOH C .  ? 0.3825 0.3825 0.3825 0.0000  0.0000  0.0000  501 MOH A H3   
662 H HO   . MOH C .  ? 0.2538 0.2538 0.2538 0.0000  0.0000  0.0000  501 MOH A HO   
663 C C    . MOH D .  ? 0.1220 0.2274 0.1250 0.0777  0.0518  0.0804  502 MOH A C    
664 O O    . MOH D .  ? 0.1408 0.1869 0.1341 0.0458  0.0450  0.0416  502 MOH A O    
665 H H1   . MOH D .  ? 0.2372 0.2372 0.2372 0.0000  0.0000  0.0000  502 MOH A H1   
666 H H2   . MOH D .  ? 0.2372 0.2372 0.2372 0.0000  0.0000  0.0000  502 MOH A H2   
667 H H3   . MOH D .  ? 0.2372 0.2372 0.2372 0.0000  0.0000  0.0000  502 MOH A H3   
668 H HO   . MOH D .  ? 0.2309 0.2309 0.2309 0.0000  0.0000  0.0000  502 MOH A HO   
669 C C    . MOH E .  ? 0.2095 0.2523 0.3058 -0.1287 -0.0160 -0.0132 505 MOH A C    
670 O O    . MOH E .  ? 0.2559 0.3335 0.2854 -0.0560 -0.0719 0.1024  505 MOH A O    
671 H H1   . MOH E .  ? 0.3838 0.3838 0.3838 0.0000  0.0000  0.0000  505 MOH A H1   
672 H H2   . MOH E .  ? 0.3838 0.3838 0.3838 0.0000  0.0000  0.0000  505 MOH A H2   
673 H H3   . MOH E .  ? 0.3838 0.3838 0.3838 0.0000  0.0000  0.0000  505 MOH A H3   
674 H HO   . MOH E .  ? 0.4375 0.4375 0.4375 0.0000  0.0000  0.0000  505 MOH A HO   
675 C C    . MOH F .  ? 0.4945 0.2124 0.5232 0.0225  -0.0064 0.1717  506 MOH A C    
676 O O    . MOH F .  ? 0.4301 0.2274 0.5396 0.0385  -0.0174 0.2001  506 MOH A O    
677 H H1   . MOH F .  ? 0.6151 0.6151 0.6151 0.0000  0.0000  0.0000  506 MOH A H1   
678 H H2   . MOH F .  ? 0.6151 0.6151 0.6151 0.0000  0.0000  0.0000  506 MOH A H2   
679 H H3   . MOH F .  ? 0.6151 0.6151 0.6151 0.0000  0.0000  0.0000  506 MOH A H3   
680 H HO   . MOH F .  ? 0.5986 0.5986 0.5986 0.0000  0.0000  0.0000  506 MOH A HO   
681 C C    . MOH G .  ? 0.3813 0.1527 0.3243 -0.0994 0.0946  0.0388  508 MOH A C    
682 O O    . MOH G .  ? 0.3843 0.1748 0.2572 -0.0478 0.0412  0.0110  508 MOH A O    
683 H H1   . MOH G .  ? 0.4291 0.4291 0.4291 0.0000  0.0000  0.0000  508 MOH A H1   
684 H H2   . MOH G .  ? 0.4291 0.4291 0.4291 0.0000  0.0000  0.0000  508 MOH A H2   
685 H H3   . MOH G .  ? 0.4291 0.4291 0.4291 0.0000  0.0000  0.0000  508 MOH A H3   
686 H HO   . MOH G .  ? 0.4082 0.4082 0.4082 0.0000  0.0000  0.0000  508 MOH A HO   
687 C C    A MOH H .  ? 0.1022 0.1181 0.2395 -0.0745 0.0426  -0.0050 515 MOH A C    
688 C C    B MOH H .  ? 0.1624 0.1676 0.2305 -0.0823 -0.0302 -0.0623 515 MOH A C    
689 O O    A MOH H .  ? 0.2612 0.1780 0.3214 -0.0954 -0.0552 -0.0503 515 MOH A O    
690 O O    B MOH H .  ? 0.1335 0.1065 0.2304 0.0029  0.0019  -0.0809 515 MOH A O    
691 H H1   A MOH H .  ? 0.2299 0.2299 0.2299 0.0000  0.0000  0.0000  515 MOH A H1   
692 H H1   B MOH H .  ? 0.2803 0.2803 0.2803 0.0000  0.0000  0.0000  515 MOH A H1   
693 H H2   A MOH H .  ? 0.2299 0.2299 0.2299 0.0000  0.0000  0.0000  515 MOH A H2   
694 H H2   B MOH H .  ? 0.2803 0.2803 0.2803 0.0000  0.0000  0.0000  515 MOH A H2   
695 H H3   A MOH H .  ? 0.2299 0.2299 0.2299 0.0000  0.0000  0.0000  515 MOH A H3   
696 H H3   B MOH H .  ? 0.2803 0.2803 0.2803 0.0000  0.0000  0.0000  515 MOH A H3   
697 H HO   A MOH H .  ? 0.3803 0.3803 0.3803 0.0000  0.0000  0.0000  515 MOH A HO   
698 H HO   B MOH H .  ? 0.2352 0.2352 0.2352 0.0000  0.0000  0.0000  515 MOH A HO   
699 C C    A MOH I .  ? 0.1464 0.1707 0.1229 -0.0138 -0.0132 -0.0653 516 MOH A C    
700 C C    C MOH I .  ? 0.1040 0.1454 0.1137 -0.0705 0.0497  -0.0039 516 MOH A C    
701 O O    A MOH I .  ? 0.1089 0.2027 0.1782 -0.0295 0.0119  -0.0442 516 MOH A O    
702 O O    C MOH I .  ? 0.1232 0.2834 0.1968 -0.0268 0.0226  0.0340  516 MOH A O    
703 H H1   A MOH I .  ? 0.2200 0.2200 0.2200 0.0000  0.0000  0.0000  516 MOH A H1   
704 H H1   C MOH I .  ? 0.1816 0.1816 0.1816 0.0000  0.0000  0.0000  516 MOH A H1   
705 H H2   A MOH I .  ? 0.2200 0.2200 0.2200 0.0000  0.0000  0.0000  516 MOH A H2   
706 H H2   C MOH I .  ? 0.1816 0.1816 0.1816 0.0000  0.0000  0.0000  516 MOH A H2   
707 H H3   A MOH I .  ? 0.2200 0.2200 0.2200 0.0000  0.0000  0.0000  516 MOH A H3   
708 H H3   C MOH I .  ? 0.1816 0.1816 0.1816 0.0000  0.0000  0.0000  516 MOH A H3   
709 H HO   A MOH I .  ? 0.2448 0.2448 0.2448 0.0000  0.0000  0.0000  516 MOH A HO   
710 H HO   C MOH I .  ? 0.3017 0.3017 0.3017 0.0000  0.0000  0.0000  516 MOH A HO   
711 C C    A MOH J .  ? 0.4055 0.2076 0.3776 0.0298  -0.0547 0.0087  518 MOH A C    
712 C C    B MOH J .  ? 0.3898 0.2302 0.3524 0.0272  -0.0457 0.0105  518 MOH A C    
713 O O    A MOH J .  ? 0.4058 0.3057 0.3722 0.0179  -0.0424 0.0293  518 MOH A O    
714 O O    B MOH J .  ? 0.4519 0.1468 0.3815 0.0243  -0.0956 0.0191  518 MOH A O    
715 H H1   A MOH J .  ? 0.4953 0.4953 0.4953 0.0000  0.0000  0.0000  518 MOH A H1   
716 H H1   B MOH J .  ? 0.4861 0.4861 0.4861 0.0000  0.0000  0.0000  518 MOH A H1   
717 H H2   A MOH J .  ? 0.4953 0.4953 0.4953 0.0000  0.0000  0.0000  518 MOH A H2   
718 H H2   B MOH J .  ? 0.4861 0.4861 0.4861 0.0000  0.0000  0.0000  518 MOH A H2   
719 H H3   A MOH J .  ? 0.4953 0.4953 0.4953 0.0000  0.0000  0.0000  518 MOH A H3   
720 H H3   B MOH J .  ? 0.4861 0.4861 0.4861 0.0000  0.0000  0.0000  518 MOH A H3   
721 H HO   A MOH J .  ? 0.5418 0.5418 0.5418 0.0000  0.0000  0.0000  518 MOH A HO   
722 H HO   B MOH J .  ? 0.4901 0.4901 0.4901 0.0000  0.0000  0.0000  518 MOH A HO   
723 C C    A MOH K .  ? 0.1274 0.0036 0.0944 -0.0074 0.0185  -0.0056 519 MOH A C    
724 C C    B MOH K .  ? 0.2527 0.2064 0.2413 -0.0248 -0.0165 -0.0092 519 MOH A C    
725 C C    C MOH K .  ? 0.2807 0.2972 0.2909 0.0620  0.0406  0.0224  519 MOH A C    
726 C C    D MOH K .  ? 0.1927 0.1710 0.1939 -0.0203 -0.0151 -0.0278 519 MOH A C    
727 O O    A MOH K .  ? 0.1172 0.0622 0.0362 -0.0142 0.0266  0.0014  519 MOH A O    
728 O O    B MOH K .  ? 0.3238 0.3078 0.2747 0.0247  0.0397  0.0084  519 MOH A O    
729 O O    C MOH K .  ? 0.3107 0.2432 0.2758 0.1105  -0.0106 0.0083  519 MOH A O    
730 O O    D MOH K .  ? 0.1991 0.1622 0.2004 -0.0280 -0.0056 -0.0043 519 MOH A O    
731 H H1   A MOH K .  ? 0.1127 0.1127 0.1127 0.0000  0.0000  0.0000  519 MOH A H1   
732 H H1   B MOH K .  ? 0.3503 0.3503 0.3503 0.0000  0.0000  0.0000  519 MOH A H1   
733 H H1   C MOH K .  ? 0.4344 0.4344 0.4344 0.0000  0.0000  0.0000  519 MOH A H1   
734 H H1   D MOH K .  ? 0.2789 0.2789 0.2789 0.0000  0.0000  0.0000  519 MOH A H1   
735 H H2   A MOH K .  ? 0.1127 0.1127 0.1127 0.0000  0.0000  0.0000  519 MOH A H2   
736 H H2   B MOH K .  ? 0.3503 0.3503 0.3503 0.0000  0.0000  0.0000  519 MOH A H2   
737 H H2   C MOH K .  ? 0.4344 0.4344 0.4344 0.0000  0.0000  0.0000  519 MOH A H2   
738 H H2   D MOH K .  ? 0.2789 0.2789 0.2789 0.0000  0.0000  0.0000  519 MOH A H2   
739 H H3   A MOH K .  ? 0.1127 0.1127 0.1127 0.0000  0.0000  0.0000  519 MOH A H3   
740 H H3   B MOH K .  ? 0.3503 0.3503 0.3503 0.0000  0.0000  0.0000  519 MOH A H3   
741 H H3   C MOH K .  ? 0.4344 0.4344 0.4344 0.0000  0.0000  0.0000  519 MOH A H3   
742 H H3   D MOH K .  ? 0.2789 0.2789 0.2789 0.0000  0.0000  0.0000  519 MOH A H3   
743 H HO   A MOH K .  ? 0.1078 0.1078 0.1078 0.0000  0.0000  0.0000  519 MOH A HO   
744 H HO   B MOH K .  ? 0.4532 0.4532 0.4532 0.0000  0.0000  0.0000  519 MOH A HO   
745 H HO   C MOH K .  ? 0.4149 0.4149 0.4149 0.0000  0.0000  0.0000  519 MOH A HO   
746 H HO   D MOH K .  ? 0.2809 0.2809 0.2809 0.0000  0.0000  0.0000  519 MOH A HO   
747 C C    A MOH L .  ? 0.2992 0.1968 0.1598 0.0460  0.0262  0.0246  503 MOH B C    
748 C C    B MOH L .  ? 0.3325 0.2804 0.2627 0.0039  0.0342  -0.0144 503 MOH B C    
749 O O    A MOH L .  ? 0.1423 0.1658 0.1693 -0.0007 -0.0140 -0.0474 503 MOH B O    
750 O O    B MOH L .  ? 0.4367 0.3031 0.3675 0.0333  0.0113  0.0154  503 MOH B O    
751 H H1   A MOH L .  ? 0.3279 0.3279 0.3279 0.0000  0.0000  0.0000  503 MOH B H1   
752 H H1   B MOH L .  ? 0.4378 0.4378 0.4378 0.0000  0.0000  0.0000  503 MOH B H1   
753 H H2   A MOH L .  ? 0.3279 0.3279 0.3279 0.0000  0.0000  0.0000  503 MOH B H2   
754 H H2   B MOH L .  ? 0.4378 0.4378 0.4378 0.0000  0.0000  0.0000  503 MOH B H2   
755 H H3   A MOH L .  ? 0.3279 0.3279 0.3279 0.0000  0.0000  0.0000  503 MOH B H3   
756 H H3   B MOH L .  ? 0.4378 0.4378 0.4378 0.0000  0.0000  0.0000  503 MOH B H3   
757 H HO   A MOH L .  ? 0.2387 0.2387 0.2387 0.0000  0.0000  0.0000  503 MOH B HO   
758 H HO   B MOH L .  ? 0.5536 0.5536 0.5536 0.0000  0.0000  0.0000  503 MOH B HO   
759 C C    . MOH M .  ? 0.1640 0.3045 0.2621 0.0787  -0.0578 0.0404  504 MOH B C    
760 O O    . MOH M .  ? 0.3128 0.2538 0.3009 0.0071  0.0354  -0.0452 504 MOH B O    
761 H H1   . MOH M .  ? 0.3653 0.3653 0.3653 0.0000  0.0000  0.0000  504 MOH B H1   
762 H H2   . MOH M .  ? 0.3653 0.3653 0.3653 0.0000  0.0000  0.0000  504 MOH B H2   
763 H H3   . MOH M .  ? 0.3653 0.3653 0.3653 0.0000  0.0000  0.0000  504 MOH B H3   
764 H HO   . MOH M .  ? 0.4338 0.4338 0.4338 0.0000  0.0000  0.0000  504 MOH B HO   
765 C C    . MOH N .  ? 0.2158 0.1314 0.2182 -0.0130 -0.0455 -0.0012 507 MOH B C    
766 O O    . MOH N .  ? 0.2514 0.1343 0.1729 -0.0133 -0.1143 0.0059  507 MOH B O    
767 H H1   . MOH N .  ? 0.2827 0.2827 0.2827 0.0000  0.0000  0.0000  507 MOH B H1   
768 H H2   . MOH N .  ? 0.2827 0.2827 0.2827 0.0000  0.0000  0.0000  507 MOH B H2   
769 H H3   . MOH N .  ? 0.2827 0.2827 0.2827 0.0000  0.0000  0.0000  507 MOH B H3   
770 H HO   . MOH N .  ? 0.2793 0.2793 0.2793 0.0000  0.0000  0.0000  507 MOH B HO   
771 C C    . MOH O .  ? 0.4915 0.4151 0.3056 -0.1050 0.0036  0.1377  509 MOH B C    
772 O O    . MOH O .  ? 0.5356 0.3757 0.3591 -0.0416 0.0921  0.1461  509 MOH B O    
773 H H1   . MOH O .  ? 0.6062 0.6062 0.6062 0.0000  0.0000  0.0000  509 MOH B H1   
774 H H2   . MOH O .  ? 0.6062 0.6062 0.6062 0.0000  0.0000  0.0000  509 MOH B H2   
775 H H3   . MOH O .  ? 0.6062 0.6062 0.6062 0.0000  0.0000  0.0000  509 MOH B H3   
776 H HO   . MOH O .  ? 0.6353 0.6353 0.6353 0.0000  0.0000  0.0000  509 MOH B HO   
777 C C    . MOH P .  ? 0.0687 0.1122 0.1804 -0.0059 -0.0145 -0.0145 510 MOH B C    
778 O O    . MOH P .  ? 0.0772 0.1200 0.1380 -0.0158 -0.0149 0.0197  510 MOH B O    
779 H H1   . MOH P .  ? 0.1806 0.1806 0.1806 0.0000  0.0000  0.0000  510 MOH B H1   
780 H H2   . MOH P .  ? 0.1806 0.1806 0.1806 0.0000  0.0000  0.0000  510 MOH B H2   
781 H H3   . MOH P .  ? 0.1806 0.1806 0.1806 0.0000  0.0000  0.0000  510 MOH B H3   
782 H HO   . MOH P .  ? 0.1676 0.1676 0.1676 0.0000  0.0000  0.0000  510 MOH B HO   
783 C C    A MOH Q .  ? 0.2325 0.3866 0.3788 -0.1008 0.0501  -0.0316 511 MOH B C    
784 O O    A MOH Q .  ? 0.1747 0.4337 0.4217 -0.0896 0.1010  -0.0355 511 MOH B O    
785 H H1   A MOH Q .  ? 0.4990 0.4990 0.4990 0.0000  0.0000  0.0000  511 MOH B H1   
786 H H2   A MOH Q .  ? 0.4990 0.4990 0.4990 0.0000  0.0000  0.0000  511 MOH B H2   
787 H H3   A MOH Q .  ? 0.4990 0.4990 0.4990 0.0000  0.0000  0.0000  511 MOH B H3   
788 H HO   A MOH Q .  ? 0.5150 0.5150 0.5150 0.0000  0.0000  0.0000  511 MOH B HO   
789 C C    A MOH R .  ? 0.1464 0.1407 0.2221 -0.0053 -0.0466 -0.0066 512 MOH B C    
790 C C    B MOH R .  ? 0.1624 0.1819 0.2591 -0.0106 0.0046  -0.0419 512 MOH B C    
791 O O    A MOH R .  ? 0.1016 0.1737 0.1819 0.0097  0.0473  0.0295  512 MOH B O    
792 O O    B MOH R .  ? 0.1732 0.2548 0.2895 -0.0438 0.0187  -0.0301 512 MOH B O    
793 H H1   A MOH R .  ? 0.2546 0.2546 0.2546 0.0000  0.0000  0.0000  512 MOH B H1   
794 H H1   B MOH R .  ? 0.3017 0.3017 0.3017 0.0000  0.0000  0.0000  512 MOH B H1   
795 H H2   A MOH R .  ? 0.2546 0.2546 0.2546 0.0000  0.0000  0.0000  512 MOH B H2   
796 H H2   B MOH R .  ? 0.3017 0.3017 0.3017 0.0000  0.0000  0.0000  512 MOH B H2   
797 H H3   A MOH R .  ? 0.2546 0.2546 0.2546 0.0000  0.0000  0.0000  512 MOH B H3   
798 H H3   B MOH R .  ? 0.3017 0.3017 0.3017 0.0000  0.0000  0.0000  512 MOH B H3   
799 H HO   A MOH R .  ? 0.2286 0.2286 0.2286 0.0000  0.0000  0.0000  512 MOH B HO   
800 H HO   B MOH R .  ? 0.3588 0.3588 0.3588 0.0000  0.0000  0.0000  512 MOH B HO   
801 C C    A MOH S .  ? 0.2744 0.2518 0.2108 -0.0012 0.0061  -0.0222 513 MOH B C    
802 C C    B MOH S .  ? 0.2807 0.3139 0.2171 0.0065  0.1138  -0.0349 513 MOH B C    
803 O O    A MOH S .  ? 0.1996 0.3039 0.2915 -0.0217 -0.0541 -0.0123 513 MOH B O    
804 O O    B MOH S .  ? 0.2196 0.3314 0.2300 -0.0250 0.0482  0.0053  513 MOH B O    
805 H H1   A MOH S .  ? 0.3684 0.3684 0.3684 0.0000  0.0000  0.0000  513 MOH B H1   
806 H H1   B MOH S .  ? 0.4059 0.4059 0.4059 0.0000  0.0000  0.0000  513 MOH B H1   
807 H H2   A MOH S .  ? 0.3684 0.3684 0.3684 0.0000  0.0000  0.0000  513 MOH B H2   
808 H H2   B MOH S .  ? 0.4059 0.4059 0.4059 0.0000  0.0000  0.0000  513 MOH B H2   
809 H H3   A MOH S .  ? 0.3684 0.3684 0.3684 0.0000  0.0000  0.0000  513 MOH B H3   
810 H H3   B MOH S .  ? 0.4059 0.4059 0.4059 0.0000  0.0000  0.0000  513 MOH B H3   
811 H HO   A MOH S .  ? 0.3976 0.3976 0.3976 0.0000  0.0000  0.0000  513 MOH B HO   
812 H HO   B MOH S .  ? 0.3905 0.3905 0.3905 0.0000  0.0000  0.0000  513 MOH B HO   
813 C C    A MOH T .  ? 0.1536 0.1656 0.1194 -0.0147 -0.0253 -0.0705 514 MOH B C    
814 C C    B MOH T .  ? 0.1995 0.2311 0.1530 -0.0346 0.0460  0.0151  514 MOH B C    
815 O O    A MOH T .  ? 0.1634 0.1618 0.1295 -0.0031 0.0431  -0.0569 514 MOH B O    
816 O O    B MOH T .  ? 0.2309 0.3131 0.2606 0.0356  0.0864  0.0609  514 MOH B O    
817 H H1   A MOH T .  ? 0.2194 0.2194 0.2194 0.0000  0.0000  0.0000  514 MOH B H1   
818 H H1   B MOH T .  ? 0.2918 0.2918 0.2918 0.0000  0.0000  0.0000  514 MOH B H1   
819 H H2   A MOH T .  ? 0.2194 0.2194 0.2194 0.0000  0.0000  0.0000  514 MOH B H2   
820 H H2   B MOH T .  ? 0.2918 0.2918 0.2918 0.0000  0.0000  0.0000  514 MOH B H2   
821 H H3   A MOH T .  ? 0.2194 0.2194 0.2194 0.0000  0.0000  0.0000  514 MOH B H3   
822 H H3   B MOH T .  ? 0.2918 0.2918 0.2918 0.0000  0.0000  0.0000  514 MOH B H3   
823 H HO   A MOH T .  ? 0.2273 0.2273 0.2273 0.0000  0.0000  0.0000  514 MOH B HO   
824 H HO   B MOH T .  ? 0.4024 0.4024 0.4024 0.0000  0.0000  0.0000  514 MOH B HO   
825 C C    A MOH U .  ? 0.2860 0.4096 0.1336 0.0660  -0.0637 0.0116  517 MOH B C    
826 C C    B MOH U .  ? 0.4546 0.2620 0.4888 0.1302  0.0523  -0.0258 517 MOH B C    
827 O O    A MOH U .  ? 0.2696 0.4380 0.3945 0.0692  0.0172  0.0577  517 MOH B O    
828 O O    B MOH U .  ? 0.5815 0.2195 0.5296 0.1678  0.0284  -0.0572 517 MOH B O    
829 H H1   A MOH U .  ? 0.4147 0.4147 0.4147 0.0000  0.0000  0.0000  517 MOH B H1   
830 H H1   B MOH U .  ? 0.6027 0.6027 0.6027 0.0000  0.0000  0.0000  517 MOH B H1   
831 H H2   A MOH U .  ? 0.4147 0.4147 0.4147 0.0000  0.0000  0.0000  517 MOH B H2   
832 H H2   B MOH U .  ? 0.6027 0.6027 0.6027 0.0000  0.0000  0.0000  517 MOH B H2   
833 H H3   A MOH U .  ? 0.4147 0.4147 0.4147 0.0000  0.0000  0.0000  517 MOH B H3   
834 H H3   B MOH U .  ? 0.6027 0.6027 0.6027 0.0000  0.0000  0.0000  517 MOH B H3   
835 H HO   A MOH U .  ? 0.5511 0.5511 0.5511 0.0000  0.0000  0.0000  517 MOH B HO   
836 H HO   B MOH U .  ? 0.6653 0.6653 0.6653 0.0000  0.0000  0.0000  517 MOH B HO   
837 C C    A MOH V .  ? 0.0697 0.0936 0.1230 0.0641  -0.0053 -0.0066 520 MOH B C    
838 C C    B MOH V .  ? 0.1664 0.0277 0.1306 0.0101  0.0016  -0.0028 520 MOH B C    
839 C C    C MOH V .  ? 0.1643 0.1435 0.1655 0.0095  -0.0157 0.0116  520 MOH B C    
840 C C    D MOH V .  ? 0.1819 0.1212 0.1225 0.0567  0.0567  0.0060  520 MOH B C    
841 C C    E MOH V .  ? 0.1577 0.0919 0.1827 0.0688  0.0176  0.0022  520 MOH B C    
842 O O    A MOH V .  ? 0.1272 0.1598 0.1374 -0.0117 0.0149  -0.0051 520 MOH B O    
843 O O    B MOH V .  ? 0.1157 0.1310 0.1169 -0.0285 -0.0119 -0.0185 520 MOH B O    
844 O O    C MOH V .  ? 0.1827 0.1471 0.1220 0.0294  0.0301  0.0071  520 MOH B O    
845 O O    D MOH V .  ? 0.2284 0.1489 0.1191 0.0166  0.0182  -0.0392 520 MOH B O    
846 O O    E MOH V .  ? 0.1310 0.0691 0.1344 -0.0091 -0.0044 -0.0224 520 MOH B O    
847 H H1   A MOH V .  ? 0.1431 0.1431 0.1431 0.0000  0.0000  0.0000  520 MOH B H1   
848 H H1   B MOH V .  ? 0.1624 0.1624 0.1624 0.0000  0.0000  0.0000  520 MOH B H1   
849 H H1   C MOH V .  ? 0.2366 0.2366 0.2366 0.0000  0.0000  0.0000  520 MOH B H1   
850 H H1   D MOH V .  ? 0.2129 0.2129 0.2129 0.0000  0.0000  0.0000  520 MOH B H1   
851 H H1   E MOH V .  ? 0.2161 0.2161 0.2161 0.0000  0.0000  0.0000  520 MOH B H1   
852 H H2   A MOH V .  ? 0.1431 0.1431 0.1431 0.0000  0.0000  0.0000  520 MOH B H2   
853 H H2   B MOH V .  ? 0.1624 0.1624 0.1624 0.0000  0.0000  0.0000  520 MOH B H2   
854 H H2   C MOH V .  ? 0.2366 0.2366 0.2366 0.0000  0.0000  0.0000  520 MOH B H2   
855 H H2   D MOH V .  ? 0.2129 0.2129 0.2129 0.0000  0.0000  0.0000  520 MOH B H2   
856 H H2   E MOH V .  ? 0.2161 0.2161 0.2161 0.0000  0.0000  0.0000  520 MOH B H2   
857 H H3   A MOH V .  ? 0.1431 0.1431 0.1431 0.0000  0.0000  0.0000  520 MOH B H3   
858 H H3   B MOH V .  ? 0.1624 0.1624 0.1624 0.0000  0.0000  0.0000  520 MOH B H3   
859 H H3   C MOH V .  ? 0.2366 0.2366 0.2366 0.0000  0.0000  0.0000  520 MOH B H3   
860 H H3   D MOH V .  ? 0.2129 0.2129 0.2129 0.0000  0.0000  0.0000  520 MOH B H3   
861 H H3   E MOH V .  ? 0.2161 0.2161 0.2161 0.0000  0.0000  0.0000  520 MOH B H3   
862 H HO   A MOH V .  ? 0.2121 0.2121 0.2121 0.0000  0.0000  0.0000  520 MOH B HO   
863 H HO   B MOH V .  ? 0.1817 0.1817 0.1817 0.0000  0.0000  0.0000  520 MOH B HO   
864 H HO   C MOH V .  ? 0.2259 0.2259 0.2259 0.0000  0.0000  0.0000  520 MOH B HO   
865 H HO   D MOH V .  ? 0.2481 0.2481 0.2481 0.0000  0.0000  0.0000  520 MOH B HO   
866 H HO   E MOH V .  ? 0.1672 0.1672 0.1672 0.0000  0.0000  0.0000  520 MOH B HO   
# 
